data_8BCE
#
_entry.id   8BCE
#
_cell.length_a   100.054
_cell.length_b   119.049
_cell.length_c   188.042
_cell.angle_alpha   90.000
_cell.angle_beta   90.000
_cell.angle_gamma   90.000
#
_symmetry.space_group_name_H-M   'P 21 21 21'
#
loop_
_entity.id
_entity.type
_entity.pdbx_description
1 polymer 'U5 small nuclear ribonucleoprotein 200 kDa helicase'
2 polymer 'Pre-mRNA-processing-splicing factor 8'
3 non-polymer N-methoxybenzenesulfonamide
4 non-polymer 1,2-ETHANEDIOL
5 water water
#
loop_
_entity_poly.entity_id
_entity_poly.type
_entity_poly.pdbx_seq_one_letter_code
_entity_poly.pdbx_strand_id
1 'polypeptide(L)'
;GAEFMDLDQGGEALAPRQVLDLEDLVFTQGSHFMANKRCQLPDGSFRRQRKGYEEVHVPALKPKPFGSEEQLLPVEKLPK
YAQAGFEGFKTLNRIQSKLYRAALETDENLLLCAPTGAGKTNVALMCMLREIGKHINMDGTINVDDFKIIYIAPMRSLVQ
EMVGSFGKRLATYGITVAELTGDHQLCKEEISATQIIVCTPEKWDIITRKGGERTYTQLVRLIILDEIHLLHDDRGPVLE
ALVARAIRNIEMTQEDVRLIGLSATLPNYEDVATFLRVDPAKGLFYFDNSFRPVPLEQTYVGITEKKAIKRFQIMNEIVY
EKIMEHAGKNQVLVFVHSRKETGKTARAIRDMCLEKDTLGLFLREGSASTEVLRTEAEQCKNLELKDLLPYGFAIHHAGM
TRVDRTLVEDLFADKHIQVLVSTATLAWGVNLPAHTVIIKGTQVYSPEKGRWTELGALDILQMLGRAGRPQYDTKGEGIL
ITSHGELQYYLSLLNQQLPIESQMVSKLPDMLNAEIVLGNVQNAKDAVNWLGYAYLYIRMLRSPTLYGISHDDLKGDPLL
DQRRLDLVHTAALMLDKNNLVKYDKKTGNFQVTELGRIASHYYITNDTVQTYNQLLKPTLSEIELFRVFSLSSEFKNITV
REEEKLELQKLLERVPIPVKESIEEPSAKINVLLQAFISQLKLEGFALMADMVYVTQSAGRLMRAIFEIVLNRGWAQLTD
KTLNLCKMIDKRMWQSMCPLRQFRKLPEEVVKKIEKKNFPFERLYDLNHNEIGELIRMPKMGKTIHKYVHLFPKLELSVH
LQPITRSTLKVELTITPDFQWDEKVHGSSEAFWILVEDVDSEVILHHEYFLLKAKYAQDEHLITFFVPVFEPLPPQYFIR
VVSDRWLSCETQLPVSFRHLILPEKYPPPTELLDLQPLPVSALRNSAFESLYQDKFPFFNPIQTQVFNTVYNSDDNVFVG
APTGSGKTICAEFAILRMLLQSSEGRCVYITPMEALAEQVYMDWYEKFQDRLNKKVVLLTGETSTDLKLLGKGNIIISTP
EKWDILSRRWKQRKNVQNINLFVVDEVHLIGGENGPVLEVICSRMRYISSQIERPIRIVALSSSLSNAKDVAHWLGCSAT
STFNFHPNVRPVPLELHIQGFNISHTQTRLLSMAKPVYHAITKHSPKKPVIVFVPSRKQTRLTAIDILTTCAADIQRQRF
LHCTEKDLIPYLEKLSDSTLKETLLNGVGYLHEGLSPMERRLVEQLFSSGAIQVVVASRSLCWGMNVAAHLVIIMDTQYY
NGKIHAYVDYPIYDVLQMVGHANRPLQDDEGRCVIMCQGSKKDFFKKFLYEPLPVESHLDHCMHDHFNAEIVTKTIENKQ
DAVDYLTWTFLYRRMTQNPNYYNLQGISHRHLSDHLSELVEQTLSDLEQSKCISIEDEMDVAPLNLGMIAAYYYINYTTI
ELFSMSLNAKTKVRGLIEIISNAAEYENIPIRHHEDNLLRQLAQKVPHKLNNPKFNDPHVKTNLLLQAHLSRMQLSAELQ
SDTEEILSKAIRLIQACVDVLSSNGWLSPALAAMELAQMVTQAMWSKDSYLKQLPHFTSEHIKRCTDKGVESVFDIMEME
DEERNALLQLTDSQIADVARFCNRYPNIELSYEVVDKDSIRSGGPVVVLVQLEREEEVTGPVIAPLFPQKREEGWWVVIG
DAKSNSLISIKRLTLQQKAKVKLDFVAPATGAHNYTLYFMSDAYMGCDQEYKFSVDVKEAETDSDSD
;
B
2 'polypeptide(L)'
;GPLGSMTQTFSSKTEWRVRAISAANLHLRTNHIYVSSDDIKETGYTYILPKNVLKKFICISDLRAQIAGYLYGVSPPDNP
QVKEIRCIVMVPQWGTHQTVHLPGQLPQHEYLKEMEPLGWIHTQPNESPQLSPQDVTTHAKIMADNPSWDGEKTIIITCS
FTPGSCTLTAYKLTPSGYEWGRQNTDKGNNPKGYLPSHYERVQMLLSDRFLGFFMVPAQSSWNYNFMGVRHDPNMKYELQ
LANPKEFYHEVHRPSHFLNFALL
;
J
#
loop_
_chem_comp.id
_chem_comp.type
_chem_comp.name
_chem_comp.formula
B09 non-polymer N-methoxybenzenesulfonamide 'C7 H9 N O3 S'
EDO non-polymer 1,2-ETHANEDIOL 'C2 H6 O2'
#
# COMPACT_ATOMS: atom_id res chain seq x y z
N LEU A 14 27.91 -9.24 -27.69
CA LEU A 14 28.71 -9.30 -28.93
C LEU A 14 29.06 -7.90 -29.43
N ALA A 15 30.30 -7.72 -29.86
CA ALA A 15 30.89 -6.37 -29.83
C ALA A 15 30.39 -5.50 -30.98
N PRO A 16 30.48 -5.91 -32.25
CA PRO A 16 30.17 -4.90 -33.29
C PRO A 16 28.67 -4.74 -33.56
N ARG A 17 27.99 -4.06 -32.61
CA ARG A 17 26.58 -3.74 -32.73
C ARG A 17 26.38 -2.55 -33.70
N GLN A 18 25.23 -2.53 -34.38
CA GLN A 18 24.80 -1.44 -35.24
C GLN A 18 23.55 -0.81 -34.66
N VAL A 19 23.41 0.50 -34.85
CA VAL A 19 22.23 1.23 -34.42
C VAL A 19 21.27 1.27 -35.61
N LEU A 20 20.04 0.84 -35.38
CA LEU A 20 19.06 0.74 -36.45
C LEU A 20 18.12 1.92 -36.40
N ASP A 21 17.52 2.26 -37.54
CA ASP A 21 16.35 3.14 -37.58
C ASP A 21 15.06 2.31 -37.43
N LEU A 22 14.48 2.29 -36.23
CA LEU A 22 13.27 1.49 -36.01
C LEU A 22 12.11 1.97 -36.90
N GLU A 23 12.03 3.28 -37.14
CA GLU A 23 10.93 3.80 -37.93
C GLU A 23 10.96 3.28 -39.35
N ASP A 24 12.15 2.99 -39.87
CA ASP A 24 12.24 2.41 -41.21
C ASP A 24 11.88 0.93 -41.25
N LEU A 25 11.73 0.27 -40.11
CA LEU A 25 11.31 -1.11 -40.14
C LEU A 25 9.81 -1.27 -39.92
N VAL A 26 9.11 -0.19 -39.54
CA VAL A 26 7.69 -0.25 -39.17
C VAL A 26 6.82 -0.49 -40.41
N PHE A 27 5.83 -1.38 -40.29
CA PHE A 27 4.72 -1.42 -41.26
C PHE A 27 3.76 -0.27 -40.95
N THR A 28 3.80 0.81 -41.75
CA THR A 28 3.09 2.02 -41.34
C THR A 28 1.58 1.86 -41.40
N GLN A 29 1.08 0.97 -42.27
CA GLN A 29 -0.33 0.73 -42.43
C GLN A 29 -0.96 -0.07 -41.30
N GLY A 30 -0.17 -0.51 -40.31
CA GLY A 30 -0.72 -1.29 -39.20
C GLY A 30 -1.49 -2.50 -39.71
N SER A 31 -2.70 -2.68 -39.18
CA SER A 31 -3.50 -3.80 -39.62
C SER A 31 -3.88 -3.71 -41.10
N HIS A 32 -3.69 -2.55 -41.73
CA HIS A 32 -3.99 -2.53 -43.15
C HIS A 32 -2.79 -3.01 -44.00
N PHE A 33 -1.68 -3.37 -43.38
CA PHE A 33 -0.54 -3.88 -44.16
C PHE A 33 -0.90 -5.22 -44.78
N MET A 34 -0.57 -5.39 -46.06
CA MET A 34 -0.95 -6.57 -46.83
C MET A 34 0.33 -7.24 -47.30
N ALA A 35 0.72 -8.32 -46.63
CA ALA A 35 1.97 -8.97 -46.96
C ALA A 35 1.87 -9.86 -48.19
N ASN A 36 0.66 -10.37 -48.50
CA ASN A 36 0.46 -11.25 -49.65
C ASN A 36 0.38 -10.43 -50.94
N LYS A 37 1.08 -10.89 -51.98
CA LYS A 37 1.10 -10.22 -53.29
C LYS A 37 -0.12 -10.57 -54.15
N ARG A 38 -0.72 -11.73 -53.93
CA ARG A 38 -1.84 -12.17 -54.75
C ARG A 38 -2.97 -12.68 -53.87
N CYS A 39 -4.17 -12.61 -54.42
CA CYS A 39 -5.38 -13.11 -53.76
C CYS A 39 -6.11 -14.01 -54.74
N GLN A 40 -6.29 -15.27 -54.35
CA GLN A 40 -7.08 -16.22 -55.12
C GLN A 40 -8.51 -16.26 -54.58
N LEU A 41 -9.50 -16.33 -55.50
CA LEU A 41 -10.89 -16.28 -55.10
C LEU A 41 -11.57 -17.64 -55.28
N PRO A 42 -12.54 -17.95 -54.42
CA PRO A 42 -13.30 -19.19 -54.57
C PRO A 42 -13.87 -19.34 -55.98
N ASP A 43 -13.95 -20.58 -56.45
CA ASP A 43 -14.54 -20.83 -57.76
C ASP A 43 -15.93 -20.24 -57.83
N GLY A 44 -16.25 -19.67 -58.98
CA GLY A 44 -17.54 -19.03 -59.18
C GLY A 44 -17.58 -17.57 -58.77
N SER A 45 -16.46 -17.01 -58.32
CA SER A 45 -16.37 -15.57 -58.18
C SER A 45 -16.37 -14.91 -59.55
N PHE A 46 -16.77 -13.64 -59.58
CA PHE A 46 -16.75 -12.91 -60.85
C PHE A 46 -16.80 -11.42 -60.58
N ARG A 47 -16.34 -10.65 -61.58
CA ARG A 47 -16.13 -9.21 -61.44
C ARG A 47 -16.99 -8.50 -62.48
N ARG A 48 -17.85 -7.59 -62.02
CA ARG A 48 -18.72 -6.77 -62.85
C ARG A 48 -18.20 -5.34 -62.92
N GLN A 49 -18.46 -4.69 -64.05
CA GLN A 49 -18.06 -3.29 -64.25
C GLN A 49 -19.28 -2.40 -64.24
N ARG A 50 -19.13 -1.21 -63.64
CA ARG A 50 -20.19 -0.22 -63.62
C ARG A 50 -19.53 1.16 -63.65
N LYS A 51 -20.33 2.17 -63.99
CA LYS A 51 -19.76 3.50 -64.13
C LYS A 51 -19.18 3.98 -62.81
N GLY A 52 -17.87 4.16 -62.78
CA GLY A 52 -17.22 4.68 -61.61
C GLY A 52 -17.06 3.69 -60.49
N TYR A 53 -17.36 2.41 -60.72
CA TYR A 53 -17.02 1.43 -59.70
C TYR A 53 -17.06 0.01 -60.26
N GLU A 54 -16.42 -0.87 -59.52
CA GLU A 54 -16.33 -2.28 -59.88
C GLU A 54 -16.99 -3.09 -58.76
N GLU A 55 -17.75 -4.11 -59.13
CA GLU A 55 -18.25 -5.06 -58.14
C GLU A 55 -17.48 -6.37 -58.27
N VAL A 56 -17.21 -7.01 -57.15
CA VAL A 56 -16.71 -8.38 -57.13
C VAL A 56 -17.68 -9.21 -56.32
N HIS A 57 -18.12 -10.32 -56.89
CA HIS A 57 -19.05 -11.21 -56.24
C HIS A 57 -18.36 -12.52 -55.91
N VAL A 58 -18.50 -12.96 -54.67
CA VAL A 58 -17.93 -14.23 -54.20
C VAL A 58 -19.07 -15.10 -53.68
N PRO A 59 -19.32 -16.28 -54.25
CA PRO A 59 -20.47 -17.07 -53.83
C PRO A 59 -20.25 -17.71 -52.46
N ALA A 60 -21.37 -18.08 -51.84
CA ALA A 60 -21.34 -18.83 -50.59
C ALA A 60 -20.66 -20.18 -50.78
N LEU A 61 -19.98 -20.64 -49.73
CA LEU A 61 -19.26 -21.91 -49.76
C LEU A 61 -20.16 -23.04 -49.32
N LYS A 62 -19.80 -24.26 -49.73
CA LYS A 62 -20.54 -25.39 -49.21
C LYS A 62 -19.87 -25.93 -47.94
N PRO A 63 -20.64 -26.27 -46.91
CA PRO A 63 -20.05 -26.92 -45.74
C PRO A 63 -19.43 -28.26 -46.13
N LYS A 64 -18.28 -28.56 -45.55
CA LYS A 64 -17.69 -29.89 -45.70
C LYS A 64 -18.66 -30.93 -45.15
N PRO A 65 -18.96 -31.99 -45.89
CA PRO A 65 -20.16 -32.80 -45.66
C PRO A 65 -20.05 -33.85 -44.56
N PHE A 66 -19.61 -33.42 -43.37
CA PHE A 66 -19.57 -34.27 -42.19
C PHE A 66 -18.75 -35.55 -42.44
N GLY A 67 -17.56 -35.37 -43.02
CA GLY A 67 -16.65 -36.46 -43.22
C GLY A 67 -16.04 -36.93 -41.90
N SER A 68 -15.31 -38.05 -41.99
CA SER A 68 -14.59 -38.65 -40.87
C SER A 68 -15.52 -39.13 -39.75
N GLU A 69 -16.79 -39.39 -40.07
CA GLU A 69 -17.81 -39.86 -39.11
C GLU A 69 -17.73 -39.11 -37.79
N GLU A 70 -17.37 -37.83 -37.84
CA GLU A 70 -17.25 -37.01 -36.65
C GLU A 70 -18.63 -36.78 -36.03
N GLN A 71 -19.04 -37.67 -35.14
CA GLN A 71 -20.33 -37.51 -34.48
C GLN A 71 -20.29 -36.32 -33.51
N LEU A 72 -21.46 -35.76 -33.25
CA LEU A 72 -21.60 -34.68 -32.29
C LEU A 72 -21.60 -35.28 -30.88
N LEU A 73 -20.66 -34.87 -30.06
CA LEU A 73 -20.52 -35.48 -28.75
C LEU A 73 -21.67 -35.08 -27.83
N PRO A 74 -22.41 -36.04 -27.27
CA PRO A 74 -23.46 -35.67 -26.32
C PRO A 74 -22.85 -35.25 -24.99
N VAL A 75 -23.51 -34.29 -24.34
CA VAL A 75 -23.06 -33.81 -23.04
C VAL A 75 -22.94 -34.96 -22.05
N GLU A 76 -23.63 -36.08 -22.31
CA GLU A 76 -23.53 -37.26 -21.46
C GLU A 76 -22.10 -37.76 -21.37
N LYS A 77 -21.43 -37.91 -22.51
CA LYS A 77 -20.07 -38.44 -22.49
C LYS A 77 -19.03 -37.41 -22.08
N LEU A 78 -19.44 -36.26 -21.54
CA LEU A 78 -18.48 -35.35 -20.93
C LEU A 78 -18.18 -35.78 -19.50
N PRO A 79 -17.03 -35.35 -18.97
CA PRO A 79 -16.77 -35.52 -17.53
C PRO A 79 -17.82 -34.82 -16.67
N LYS A 80 -18.23 -35.50 -15.60
CA LYS A 80 -19.45 -35.12 -14.91
C LYS A 80 -19.36 -33.71 -14.33
N TYR A 81 -18.17 -33.32 -13.84
CA TYR A 81 -17.98 -31.97 -13.32
C TYR A 81 -18.23 -30.91 -14.38
N ALA A 82 -18.10 -31.24 -15.65
CA ALA A 82 -18.21 -30.26 -16.72
C ALA A 82 -19.60 -30.23 -17.35
N GLN A 83 -20.41 -31.25 -17.12
CA GLN A 83 -21.75 -31.27 -17.72
C GLN A 83 -22.57 -30.10 -17.22
N ALA A 84 -22.45 -29.75 -15.95
CA ALA A 84 -23.21 -28.63 -15.42
C ALA A 84 -23.00 -27.37 -16.24
N GLY A 85 -21.79 -27.18 -16.78
CA GLY A 85 -21.50 -26.05 -17.64
C GLY A 85 -22.19 -26.06 -18.98
N PHE A 86 -22.81 -27.20 -19.34
CA PHE A 86 -23.64 -27.35 -20.53
C PHE A 86 -25.07 -27.69 -20.15
N GLU A 87 -25.55 -27.13 -19.04
CA GLU A 87 -26.95 -27.33 -18.68
C GLU A 87 -27.83 -26.73 -19.76
N GLY A 88 -28.86 -27.48 -20.14
CA GLY A 88 -29.73 -27.02 -21.18
C GLY A 88 -29.18 -27.18 -22.57
N PHE A 89 -28.15 -28.02 -22.75
CA PHE A 89 -27.75 -28.44 -24.09
C PHE A 89 -27.75 -29.96 -24.15
N LYS A 90 -28.03 -30.47 -25.35
CA LYS A 90 -28.16 -31.88 -25.63
C LYS A 90 -26.86 -32.50 -26.14
N THR A 91 -26.16 -31.77 -26.98
CA THR A 91 -24.93 -32.23 -27.59
C THR A 91 -23.97 -31.04 -27.65
N LEU A 92 -22.74 -31.30 -28.09
CA LEU A 92 -21.90 -30.20 -28.48
C LEU A 92 -22.23 -29.84 -29.92
N ASN A 93 -21.73 -28.70 -30.39
CA ASN A 93 -21.78 -28.43 -31.81
C ASN A 93 -20.53 -29.00 -32.48
N ARG A 94 -20.39 -28.79 -33.78
CA ARG A 94 -19.34 -29.47 -34.51
C ARG A 94 -17.97 -29.14 -33.95
N ILE A 95 -17.67 -27.84 -33.80
CA ILE A 95 -16.31 -27.45 -33.48
C ILE A 95 -15.95 -27.94 -32.07
N GLN A 96 -16.88 -27.83 -31.11
CA GLN A 96 -16.57 -28.25 -29.76
C GLN A 96 -16.39 -29.75 -29.69
N SER A 97 -17.12 -30.50 -30.52
CA SER A 97 -16.90 -31.93 -30.55
C SER A 97 -15.50 -32.24 -31.04
N LYS A 98 -15.03 -31.53 -32.06
CA LYS A 98 -13.66 -31.80 -32.50
C LYS A 98 -12.61 -31.33 -31.50
N LEU A 99 -12.94 -30.35 -30.66
CA LEU A 99 -11.99 -29.77 -29.73
C LEU A 99 -12.08 -30.36 -28.33
N TYR A 100 -13.05 -31.24 -28.09
CA TYR A 100 -13.38 -31.68 -26.73
C TYR A 100 -12.19 -32.33 -26.03
N ARG A 101 -11.55 -33.31 -26.66
CA ARG A 101 -10.48 -34.02 -25.96
C ARG A 101 -9.33 -33.07 -25.65
N ALA A 102 -8.88 -32.30 -26.65
CA ALA A 102 -7.77 -31.37 -26.39
C ALA A 102 -8.14 -30.36 -25.32
N ALA A 103 -9.38 -29.86 -25.33
CA ALA A 103 -9.69 -28.78 -24.39
C ALA A 103 -9.94 -29.30 -22.99
N LEU A 104 -10.77 -30.33 -22.87
CA LEU A 104 -11.27 -30.82 -21.60
C LEU A 104 -10.44 -31.95 -21.00
N GLU A 105 -9.76 -32.75 -21.83
CA GLU A 105 -9.01 -33.91 -21.36
C GLU A 105 -7.50 -33.71 -21.34
N THR A 106 -6.98 -32.53 -21.70
CA THR A 106 -5.55 -32.27 -21.64
C THR A 106 -5.30 -30.83 -21.23
N ASP A 107 -4.07 -30.53 -20.81
CA ASP A 107 -3.66 -29.16 -20.50
C ASP A 107 -2.82 -28.54 -21.63
N GLU A 108 -2.97 -29.01 -22.85
CA GLU A 108 -2.13 -28.53 -23.92
C GLU A 108 -2.48 -27.08 -24.23
N ASN A 109 -1.47 -26.26 -24.45
CA ASN A 109 -1.71 -24.94 -25.04
C ASN A 109 -2.40 -25.15 -26.38
N LEU A 110 -3.37 -24.29 -26.69
CA LEU A 110 -4.10 -24.49 -27.94
C LEU A 110 -4.10 -23.22 -28.77
N LEU A 111 -4.22 -23.40 -30.08
CA LEU A 111 -4.58 -22.32 -30.99
C LEU A 111 -5.69 -22.83 -31.87
N LEU A 112 -6.83 -22.13 -31.84
CA LEU A 112 -8.00 -22.48 -32.65
C LEU A 112 -8.26 -21.37 -33.66
N CYS A 113 -8.17 -21.71 -34.94
CA CYS A 113 -8.55 -20.82 -36.03
C CYS A 113 -9.86 -21.30 -36.63
N ALA A 114 -10.84 -20.41 -36.69
CA ALA A 114 -12.13 -20.70 -37.30
C ALA A 114 -12.79 -19.38 -37.65
N PRO A 115 -13.71 -19.37 -38.60
CA PRO A 115 -14.40 -18.12 -38.96
C PRO A 115 -15.20 -17.59 -37.78
N THR A 116 -15.24 -16.26 -37.67
CA THR A 116 -15.88 -15.65 -36.50
C THR A 116 -17.35 -16.02 -36.47
N GLY A 117 -17.81 -16.45 -35.29
CA GLY A 117 -19.14 -17.00 -35.13
C GLY A 117 -19.21 -18.51 -35.19
N ALA A 118 -18.09 -19.21 -35.38
CA ALA A 118 -18.12 -20.65 -35.57
C ALA A 118 -18.13 -21.43 -34.26
N GLY A 119 -17.87 -20.79 -33.14
CA GLY A 119 -17.98 -21.44 -31.84
C GLY A 119 -16.77 -21.32 -30.92
N LYS A 120 -15.75 -20.54 -31.32
CA LYS A 120 -14.48 -20.56 -30.61
C LYS A 120 -14.66 -20.29 -29.13
N THR A 121 -15.59 -19.41 -28.79
CA THR A 121 -15.84 -19.04 -27.40
C THR A 121 -16.38 -20.21 -26.56
N ASN A 122 -17.14 -21.11 -27.17
CA ASN A 122 -17.55 -22.33 -26.47
C ASN A 122 -16.38 -23.26 -26.20
N VAL A 123 -15.34 -23.21 -27.05
CA VAL A 123 -14.15 -24.02 -26.80
C VAL A 123 -13.38 -23.43 -25.63
N ALA A 124 -13.29 -22.10 -25.58
CA ALA A 124 -12.70 -21.45 -24.41
C ALA A 124 -13.47 -21.81 -23.13
N LEU A 125 -14.79 -21.87 -23.21
CA LEU A 125 -15.59 -22.32 -22.08
C LEU A 125 -15.12 -23.69 -21.59
N MET A 126 -14.92 -24.64 -22.53
CA MET A 126 -14.42 -25.96 -22.16
C MET A 126 -13.05 -25.88 -21.45
N CYS A 127 -12.12 -25.04 -21.95
CA CYS A 127 -10.85 -24.89 -21.23
C CYS A 127 -11.06 -24.37 -19.82
N MET A 128 -11.99 -23.41 -19.66
CA MET A 128 -12.25 -22.91 -18.33
C MET A 128 -12.80 -24.01 -17.43
N LEU A 129 -13.69 -24.85 -17.96
CA LEU A 129 -14.23 -25.96 -17.18
C LEU A 129 -13.14 -26.92 -16.74
N ARG A 130 -12.20 -27.25 -17.62
CA ARG A 130 -11.07 -28.08 -17.21
C ARG A 130 -10.36 -27.47 -16.00
N GLU A 131 -10.00 -26.20 -16.12
CA GLU A 131 -9.35 -25.53 -14.99
C GLU A 131 -10.19 -25.62 -13.71
N ILE A 132 -11.47 -25.20 -13.77
CA ILE A 132 -12.36 -25.24 -12.61
C ILE A 132 -12.38 -26.65 -12.03
N GLY A 133 -12.34 -27.65 -12.91
CA GLY A 133 -12.35 -29.02 -12.44
C GLY A 133 -11.17 -29.29 -11.53
N LYS A 134 -10.04 -28.66 -11.83
CA LYS A 134 -8.86 -28.90 -11.00
C LYS A 134 -9.07 -28.57 -9.53
N HIS A 135 -10.14 -27.86 -9.16
CA HIS A 135 -10.28 -27.31 -7.81
C HIS A 135 -11.60 -27.73 -7.17
N ILE A 136 -11.99 -28.98 -7.36
CA ILE A 136 -13.20 -29.52 -6.76
C ILE A 136 -12.88 -30.04 -5.35
N ASN A 137 -13.70 -29.67 -4.39
CA ASN A 137 -13.57 -30.28 -3.07
C ASN A 137 -14.33 -31.60 -3.05
N MET A 138 -14.14 -32.37 -1.98
CA MET A 138 -14.89 -33.61 -1.91
C MET A 138 -16.36 -33.37 -1.61
N ASP A 139 -16.73 -32.19 -1.15
CA ASP A 139 -18.13 -31.81 -0.95
C ASP A 139 -18.79 -31.27 -2.22
N GLY A 140 -18.11 -31.34 -3.37
CA GLY A 140 -18.64 -30.82 -4.61
C GLY A 140 -18.44 -29.34 -4.84
N THR A 141 -18.21 -28.55 -3.80
CA THR A 141 -17.97 -27.14 -4.01
C THR A 141 -16.64 -26.92 -4.74
N ILE A 142 -16.45 -25.68 -5.18
CA ILE A 142 -15.25 -25.24 -5.88
C ILE A 142 -14.44 -24.40 -4.91
N ASN A 143 -13.15 -24.70 -4.77
CA ASN A 143 -12.33 -23.74 -4.00
C ASN A 143 -12.03 -22.55 -4.90
N VAL A 144 -12.98 -21.61 -4.92
CA VAL A 144 -12.88 -20.44 -5.77
C VAL A 144 -11.67 -19.57 -5.46
N ASP A 145 -10.90 -19.86 -4.41
CA ASP A 145 -9.78 -19.01 -4.04
C ASP A 145 -8.43 -19.59 -4.42
N ASP A 146 -8.40 -20.73 -5.13
CA ASP A 146 -7.16 -21.37 -5.52
C ASP A 146 -6.64 -20.93 -6.89
N PHE A 147 -7.36 -20.05 -7.61
CA PHE A 147 -6.98 -19.84 -9.01
C PHE A 147 -7.66 -18.61 -9.58
N LYS A 148 -6.99 -18.04 -10.60
CA LYS A 148 -7.58 -17.03 -11.46
C LYS A 148 -7.49 -17.49 -12.91
N ILE A 149 -8.44 -17.04 -13.72
CA ILE A 149 -8.44 -17.25 -15.17
C ILE A 149 -8.55 -15.87 -15.80
N ILE A 150 -7.68 -15.58 -16.77
CA ILE A 150 -7.71 -14.30 -17.48
C ILE A 150 -8.27 -14.56 -18.87
N TYR A 151 -9.31 -13.81 -19.23
CA TYR A 151 -9.88 -13.84 -20.57
C TYR A 151 -9.63 -12.46 -21.17
N ILE A 152 -8.74 -12.41 -22.17
CA ILE A 152 -8.35 -11.17 -22.81
C ILE A 152 -9.18 -10.99 -24.08
N ALA A 153 -9.97 -9.92 -24.12
CA ALA A 153 -10.78 -9.60 -25.28
C ALA A 153 -10.46 -8.19 -25.79
N PRO A 154 -10.43 -8.00 -27.10
CA PRO A 154 -9.88 -6.75 -27.67
C PRO A 154 -10.71 -5.51 -27.44
N MET A 155 -12.04 -5.61 -27.36
CA MET A 155 -12.92 -4.45 -27.29
C MET A 155 -13.74 -4.45 -26.01
N ARG A 156 -13.89 -3.27 -25.43
CA ARG A 156 -14.59 -3.10 -24.15
C ARG A 156 -16.02 -3.65 -24.20
N SER A 157 -16.74 -3.41 -25.29
CA SER A 157 -18.11 -3.87 -25.38
C SER A 157 -18.16 -5.39 -25.43
N LEU A 158 -17.11 -5.99 -26.01
CA LEU A 158 -16.99 -7.45 -25.97
C LEU A 158 -16.69 -7.93 -24.55
N VAL A 159 -15.82 -7.22 -23.81
CA VAL A 159 -15.54 -7.57 -22.41
C VAL A 159 -16.85 -7.70 -21.65
N GLN A 160 -17.68 -6.67 -21.75
CA GLN A 160 -18.94 -6.65 -20.99
C GLN A 160 -19.85 -7.81 -21.41
N GLU A 161 -19.99 -8.04 -22.73
CA GLU A 161 -20.89 -9.13 -23.11
C GLU A 161 -20.38 -10.48 -22.62
N MET A 162 -19.04 -10.64 -22.57
CA MET A 162 -18.49 -11.92 -22.12
C MET A 162 -18.66 -12.09 -20.60
N VAL A 163 -18.52 -11.01 -19.84
CA VAL A 163 -18.78 -11.09 -18.40
C VAL A 163 -20.19 -11.62 -18.18
N GLY A 164 -21.15 -11.11 -18.96
CA GLY A 164 -22.52 -11.58 -18.81
C GLY A 164 -22.72 -13.04 -19.18
N SER A 165 -22.28 -13.43 -20.39
CA SER A 165 -22.62 -14.79 -20.82
C SER A 165 -21.80 -15.84 -20.08
N PHE A 166 -20.50 -15.58 -19.85
CA PHE A 166 -19.72 -16.50 -19.02
C PHE A 166 -20.28 -16.60 -17.61
N GLY A 167 -20.65 -15.46 -16.99
CA GLY A 167 -21.20 -15.49 -15.66
C GLY A 167 -22.45 -16.34 -15.54
N LYS A 168 -23.35 -16.24 -16.54
CA LYS A 168 -24.55 -17.09 -16.53
C LYS A 168 -24.21 -18.56 -16.77
N ARG A 169 -23.22 -18.84 -17.62
CA ARG A 169 -22.92 -20.25 -17.88
C ARG A 169 -22.30 -20.91 -16.65
N LEU A 170 -21.56 -20.16 -15.85
CA LEU A 170 -20.78 -20.71 -14.75
C LEU A 170 -21.37 -20.43 -13.38
N ALA A 171 -22.48 -19.69 -13.29
CA ALA A 171 -23.02 -19.38 -11.97
C ALA A 171 -23.34 -20.65 -11.16
N THR A 172 -23.73 -21.74 -11.82
CA THR A 172 -24.00 -23.01 -11.14
C THR A 172 -22.79 -23.51 -10.37
N TYR A 173 -21.58 -23.13 -10.80
CA TYR A 173 -20.34 -23.48 -10.11
C TYR A 173 -20.05 -22.57 -8.95
N GLY A 174 -20.84 -21.52 -8.73
CA GLY A 174 -20.48 -20.55 -7.70
C GLY A 174 -19.31 -19.66 -8.07
N ILE A 175 -19.07 -19.46 -9.36
CA ILE A 175 -17.91 -18.73 -9.85
C ILE A 175 -18.29 -17.32 -10.26
N THR A 176 -17.44 -16.37 -9.94
CA THR A 176 -17.64 -14.96 -10.26
C THR A 176 -16.81 -14.55 -11.48
N VAL A 177 -17.49 -14.04 -12.52
CA VAL A 177 -16.86 -13.44 -13.68
C VAL A 177 -17.03 -11.93 -13.58
N ALA A 178 -15.98 -11.17 -13.88
CA ALA A 178 -16.11 -9.71 -13.79
C ALA A 178 -15.06 -9.01 -14.64
N GLU A 179 -15.38 -7.77 -14.99
CA GLU A 179 -14.40 -6.89 -15.62
C GLU A 179 -13.70 -6.05 -14.55
N LEU A 180 -12.64 -5.37 -14.97
CA LEU A 180 -11.83 -4.55 -14.10
C LEU A 180 -12.06 -3.07 -14.42
N THR A 181 -12.28 -2.28 -13.38
CA THR A 181 -12.46 -0.85 -13.54
C THR A 181 -11.12 -0.16 -13.79
N GLY A 182 -11.17 0.95 -14.52
CA GLY A 182 -9.99 1.77 -14.74
C GLY A 182 -9.40 2.35 -13.47
N ASP A 183 -10.18 2.39 -12.39
CA ASP A 183 -9.66 2.75 -11.08
C ASP A 183 -9.15 1.47 -10.40
N HIS A 184 -7.90 1.49 -9.98
CA HIS A 184 -7.28 0.30 -9.39
C HIS A 184 -6.61 0.55 -8.05
N GLN A 185 -6.41 1.81 -7.66
CA GLN A 185 -5.76 2.12 -6.39
C GLN A 185 -6.68 1.93 -5.20
N LEU A 186 -7.99 1.84 -5.44
CA LEU A 186 -8.96 1.37 -4.45
C LEU A 186 -9.57 0.03 -4.82
N CYS A 187 -9.87 -0.17 -6.11
CA CYS A 187 -10.56 -1.38 -6.58
C CYS A 187 -9.56 -2.37 -7.16
N LYS A 188 -8.74 -2.91 -6.27
CA LYS A 188 -8.01 -4.14 -6.52
C LYS A 188 -8.56 -5.30 -5.70
N GLU A 189 -9.51 -5.02 -4.80
CA GLU A 189 -10.28 -6.09 -4.22
C GLU A 189 -11.16 -6.76 -5.26
N GLU A 190 -11.43 -6.09 -6.40
CA GLU A 190 -12.21 -6.77 -7.43
C GLU A 190 -11.41 -7.91 -8.06
N ILE A 191 -10.07 -7.78 -8.12
CA ILE A 191 -9.25 -8.91 -8.54
C ILE A 191 -9.35 -10.05 -7.52
N SER A 192 -9.29 -9.73 -6.23
CA SER A 192 -9.35 -10.78 -5.23
C SER A 192 -10.69 -11.51 -5.28
N ALA A 193 -11.77 -10.79 -5.54
CA ALA A 193 -13.09 -11.42 -5.51
C ALA A 193 -13.41 -12.24 -6.77
N THR A 194 -12.68 -12.05 -7.86
CA THR A 194 -13.09 -12.58 -9.16
C THR A 194 -12.31 -13.85 -9.52
N GLN A 195 -13.01 -14.89 -9.96
CA GLN A 195 -12.24 -16.02 -10.46
C GLN A 195 -11.89 -15.86 -11.93
N ILE A 196 -12.77 -15.27 -12.72
CA ILE A 196 -12.57 -15.09 -14.15
C ILE A 196 -12.53 -13.59 -14.43
N ILE A 197 -11.34 -13.08 -14.67
CA ILE A 197 -11.14 -11.68 -15.01
C ILE A 197 -11.26 -11.55 -16.52
N VAL A 198 -12.08 -10.62 -16.97
CA VAL A 198 -12.27 -10.36 -18.40
C VAL A 198 -11.80 -8.93 -18.66
N CYS A 199 -10.80 -8.75 -19.53
CA CYS A 199 -10.31 -7.40 -19.77
C CYS A 199 -9.61 -7.30 -21.12
N THR A 200 -9.24 -6.07 -21.48
CA THR A 200 -8.52 -5.78 -22.70
C THR A 200 -7.06 -6.15 -22.52
N PRO A 201 -6.34 -6.39 -23.62
CA PRO A 201 -4.88 -6.51 -23.52
C PRO A 201 -4.23 -5.39 -22.74
N GLU A 202 -4.57 -4.14 -23.06
CA GLU A 202 -3.90 -3.02 -22.41
C GLU A 202 -4.13 -3.04 -20.90
N LYS A 203 -5.33 -3.41 -20.47
CA LYS A 203 -5.61 -3.42 -19.03
C LYS A 203 -4.74 -4.45 -18.32
N TRP A 204 -4.69 -5.67 -18.85
CA TRP A 204 -3.86 -6.69 -18.24
C TRP A 204 -2.38 -6.34 -18.33
N ASP A 205 -1.96 -5.66 -19.41
CA ASP A 205 -0.57 -5.24 -19.51
C ASP A 205 -0.25 -4.23 -18.39
N ILE A 206 -1.12 -3.24 -18.20
CA ILE A 206 -0.74 -2.22 -17.24
C ILE A 206 -0.83 -2.81 -15.83
N ILE A 207 -1.74 -3.76 -15.60
CA ILE A 207 -1.81 -4.36 -14.26
C ILE A 207 -0.56 -5.21 -13.99
N THR A 208 -0.12 -6.02 -14.96
CA THR A 208 1.04 -6.86 -14.69
C THR A 208 2.37 -6.12 -14.82
N ARG A 209 2.37 -4.90 -15.39
CA ARG A 209 3.59 -4.12 -15.37
C ARG A 209 3.99 -3.75 -13.95
N LYS A 210 3.02 -3.68 -13.05
CA LYS A 210 3.23 -3.19 -11.70
C LYS A 210 3.48 -4.41 -10.83
N GLY A 211 4.71 -4.56 -10.35
CA GLY A 211 5.02 -5.67 -9.47
C GLY A 211 4.72 -5.38 -8.01
N GLY A 212 3.89 -6.22 -7.37
CA GLY A 212 3.50 -5.94 -6.00
C GLY A 212 3.84 -7.01 -4.99
N GLU A 213 3.09 -7.02 -3.89
CA GLU A 213 3.35 -7.89 -2.75
C GLU A 213 2.19 -8.89 -2.65
N ARG A 214 2.51 -10.17 -2.86
CA ARG A 214 1.52 -11.26 -2.80
C ARG A 214 0.29 -10.94 -3.64
N THR A 215 0.51 -10.32 -4.79
CA THR A 215 -0.60 -10.09 -5.70
C THR A 215 -1.13 -11.44 -6.20
N TYR A 216 -2.23 -11.37 -6.94
CA TYR A 216 -2.95 -12.56 -7.33
C TYR A 216 -2.46 -13.15 -8.65
N THR A 217 -1.41 -12.58 -9.23
CA THR A 217 -0.85 -13.16 -10.45
C THR A 217 -0.15 -14.49 -10.22
N GLN A 218 0.07 -14.89 -8.96
CA GLN A 218 0.53 -16.24 -8.72
C GLN A 218 -0.61 -17.26 -8.77
N LEU A 219 -1.85 -16.81 -8.78
CA LEU A 219 -2.97 -17.73 -8.92
C LEU A 219 -3.36 -17.99 -10.37
N VAL A 220 -2.78 -17.26 -11.33
CA VAL A 220 -3.21 -17.37 -12.72
C VAL A 220 -2.81 -18.74 -13.26
N ARG A 221 -3.79 -19.51 -13.70
CA ARG A 221 -3.51 -20.83 -14.29
C ARG A 221 -3.87 -20.93 -15.75
N LEU A 222 -4.67 -20.01 -16.28
CA LEU A 222 -5.21 -20.13 -17.63
C LEU A 222 -5.38 -18.73 -18.21
N ILE A 223 -4.88 -18.52 -19.44
CA ILE A 223 -5.02 -17.23 -20.10
C ILE A 223 -5.58 -17.51 -21.49
N ILE A 224 -6.70 -16.88 -21.81
CA ILE A 224 -7.35 -17.07 -23.11
C ILE A 224 -7.15 -15.77 -23.89
N LEU A 225 -6.59 -15.87 -25.09
CA LEU A 225 -6.32 -14.68 -25.91
C LEU A 225 -7.30 -14.75 -27.07
N ASP A 226 -8.40 -14.03 -26.94
CA ASP A 226 -9.47 -14.03 -27.93
C ASP A 226 -9.10 -13.08 -29.09
N GLU A 227 -9.54 -13.41 -30.29
CA GLU A 227 -9.24 -12.59 -31.47
C GLU A 227 -7.74 -12.27 -31.51
N ILE A 228 -6.95 -13.34 -31.40
CA ILE A 228 -5.51 -13.13 -31.31
C ILE A 228 -4.91 -12.61 -32.61
N HIS A 229 -5.67 -12.60 -33.71
CA HIS A 229 -5.17 -11.97 -34.93
C HIS A 229 -5.05 -10.44 -34.79
N LEU A 230 -5.46 -9.88 -33.66
CA LEU A 230 -5.06 -8.53 -33.30
C LEU A 230 -3.55 -8.38 -33.32
N LEU A 231 -2.79 -9.50 -33.28
CA LEU A 231 -1.34 -9.38 -33.46
C LEU A 231 -1.00 -8.48 -34.66
N HIS A 232 -1.80 -8.56 -35.74
CA HIS A 232 -1.54 -7.79 -36.96
C HIS A 232 -1.89 -6.30 -36.84
N ASP A 233 -2.58 -5.90 -35.77
CA ASP A 233 -3.01 -4.53 -35.52
C ASP A 233 -1.89 -3.73 -34.87
N ASP A 234 -2.04 -2.39 -34.88
CA ASP A 234 -1.10 -1.58 -34.10
C ASP A 234 -1.19 -1.88 -32.61
N ARG A 235 -2.31 -2.42 -32.14
CA ARG A 235 -2.43 -2.89 -30.77
C ARG A 235 -1.75 -4.23 -30.54
N GLY A 236 -1.40 -4.99 -31.58
CA GLY A 236 -0.88 -6.34 -31.42
C GLY A 236 0.34 -6.53 -30.53
N PRO A 237 1.26 -5.55 -30.51
CA PRO A 237 2.41 -5.66 -29.62
C PRO A 237 2.03 -5.85 -28.17
N VAL A 238 0.84 -5.40 -27.75
CA VAL A 238 0.44 -5.63 -26.35
C VAL A 238 0.29 -7.13 -26.09
N LEU A 239 -0.27 -7.86 -27.06
CA LEU A 239 -0.37 -9.30 -26.90
C LEU A 239 1.01 -9.92 -26.90
N GLU A 240 1.92 -9.41 -27.74
CA GLU A 240 3.26 -10.00 -27.71
C GLU A 240 3.90 -9.80 -26.35
N ALA A 241 3.73 -8.61 -25.76
CA ALA A 241 4.29 -8.32 -24.44
C ALA A 241 3.70 -9.25 -23.39
N LEU A 242 2.39 -9.46 -23.44
CA LEU A 242 1.74 -10.33 -22.45
C LEU A 242 2.25 -11.76 -22.58
N VAL A 243 2.38 -12.26 -23.81
CA VAL A 243 2.79 -13.65 -23.98
C VAL A 243 4.24 -13.83 -23.59
N ALA A 244 5.12 -12.95 -24.06
CA ALA A 244 6.53 -13.06 -23.64
C ALA A 244 6.68 -12.97 -22.13
N ARG A 245 5.94 -12.05 -21.49
CA ARG A 245 6.00 -11.96 -20.02
C ARG A 245 5.49 -13.23 -19.35
N ALA A 246 4.40 -13.80 -19.87
CA ALA A 246 3.85 -15.00 -19.24
C ALA A 246 4.80 -16.18 -19.38
N ILE A 247 5.35 -16.40 -20.58
CA ILE A 247 6.20 -17.57 -20.79
C ILE A 247 7.50 -17.44 -20.00
N ARG A 248 8.09 -16.24 -19.98
CA ARG A 248 9.29 -16.07 -19.16
C ARG A 248 8.99 -16.21 -17.67
N ASN A 249 7.85 -15.69 -17.19
CA ASN A 249 7.49 -15.93 -15.79
C ASN A 249 7.36 -17.42 -15.51
N ILE A 250 6.75 -18.15 -16.45
CA ILE A 250 6.51 -19.57 -16.27
C ILE A 250 7.84 -20.29 -16.07
N GLU A 251 8.77 -20.11 -17.00
CA GLU A 251 10.07 -20.75 -16.87
C GLU A 251 10.80 -20.30 -15.61
N MET A 252 10.68 -19.02 -15.27
CA MET A 252 11.27 -18.51 -14.03
C MET A 252 10.79 -19.30 -12.83
N THR A 253 9.48 -19.58 -12.75
CA THR A 253 8.90 -20.23 -11.58
C THR A 253 8.59 -21.72 -11.81
N GLN A 254 8.83 -22.22 -13.02
CA GLN A 254 8.55 -23.62 -13.41
C GLN A 254 7.15 -24.09 -13.01
N GLU A 255 6.20 -23.18 -12.78
CA GLU A 255 4.78 -23.55 -12.70
C GLU A 255 4.14 -23.36 -14.07
N ASP A 256 3.41 -24.37 -14.52
CA ASP A 256 2.79 -24.29 -15.84
C ASP A 256 1.58 -23.36 -15.81
N VAL A 257 1.39 -22.64 -16.90
CA VAL A 257 0.19 -21.85 -17.14
C VAL A 257 -0.28 -22.13 -18.55
N ARG A 258 -1.57 -22.43 -18.70
CA ARG A 258 -2.10 -22.84 -19.99
C ARG A 258 -2.47 -21.61 -20.81
N LEU A 259 -2.08 -21.59 -22.07
CA LEU A 259 -2.43 -20.49 -22.96
C LEU A 259 -3.35 -21.01 -24.06
N ILE A 260 -4.43 -20.28 -24.33
CA ILE A 260 -5.36 -20.62 -25.41
C ILE A 260 -5.45 -19.41 -26.34
N GLY A 261 -5.25 -19.60 -27.64
CA GLY A 261 -5.43 -18.53 -28.61
C GLY A 261 -6.63 -18.80 -29.49
N LEU A 262 -7.49 -17.79 -29.67
CA LEU A 262 -8.65 -17.90 -30.56
C LEU A 262 -8.48 -16.91 -31.70
N SER A 263 -8.46 -17.41 -32.94
CA SER A 263 -8.02 -16.62 -34.09
C SER A 263 -9.02 -16.72 -35.23
N ALA A 264 -9.12 -15.65 -36.02
CA ALA A 264 -9.70 -15.82 -37.35
C ALA A 264 -8.79 -16.70 -38.21
N THR A 265 -9.30 -17.17 -39.32
CA THR A 265 -8.53 -18.05 -40.18
C THR A 265 -7.74 -17.22 -41.18
N LEU A 266 -6.45 -17.03 -40.90
CA LEU A 266 -5.59 -16.15 -41.70
C LEU A 266 -4.19 -16.74 -41.77
N PRO A 267 -3.42 -16.43 -42.82
CA PRO A 267 -2.11 -17.07 -42.97
C PRO A 267 -1.20 -16.72 -41.81
N ASN A 268 -0.21 -17.59 -41.57
CA ASN A 268 0.80 -17.51 -40.49
C ASN A 268 0.25 -18.06 -39.17
N TYR A 269 -0.93 -18.67 -39.15
CA TYR A 269 -1.42 -19.30 -37.92
C TYR A 269 -0.43 -20.30 -37.33
N GLU A 270 0.37 -20.97 -38.16
CA GLU A 270 1.36 -21.90 -37.61
C GLU A 270 2.45 -21.14 -36.83
N ASP A 271 2.75 -19.91 -37.25
CA ASP A 271 3.70 -19.10 -36.49
C ASP A 271 3.10 -18.55 -35.19
N VAL A 272 1.80 -18.25 -35.21
CA VAL A 272 1.10 -17.89 -33.98
C VAL A 272 1.15 -19.04 -32.98
N ALA A 273 1.04 -20.27 -33.49
CA ALA A 273 1.09 -21.44 -32.62
C ALA A 273 2.48 -21.62 -32.01
N THR A 274 3.53 -21.42 -32.82
CA THR A 274 4.88 -21.39 -32.25
C THR A 274 5.02 -20.34 -31.14
N PHE A 275 4.43 -19.15 -31.36
CA PHE A 275 4.48 -18.03 -30.41
C PHE A 275 3.85 -18.37 -29.08
N LEU A 276 2.72 -19.08 -29.11
CA LEU A 276 2.01 -19.58 -27.95
C LEU A 276 2.57 -20.90 -27.39
N ARG A 277 3.65 -21.44 -27.96
CA ARG A 277 4.16 -22.75 -27.54
C ARG A 277 3.09 -23.82 -27.68
N VAL A 278 2.37 -23.78 -28.80
CA VAL A 278 1.40 -24.78 -29.17
C VAL A 278 2.11 -25.87 -29.94
N ASP A 279 1.93 -27.09 -29.52
CA ASP A 279 2.45 -28.22 -30.29
C ASP A 279 1.50 -28.44 -31.46
N PRO A 280 1.96 -28.21 -32.69
CA PRO A 280 1.07 -28.32 -33.85
C PRO A 280 0.41 -29.67 -34.00
N ALA A 281 0.97 -30.73 -33.44
CA ALA A 281 0.30 -32.01 -33.56
C ALA A 281 -0.72 -32.23 -32.46
N LYS A 282 -0.70 -31.45 -31.40
CA LYS A 282 -1.62 -31.68 -30.31
C LYS A 282 -2.61 -30.53 -30.10
N GLY A 283 -2.19 -29.28 -30.29
CA GLY A 283 -3.05 -28.16 -29.92
C GLY A 283 -3.44 -27.20 -31.03
N LEU A 284 -3.07 -27.46 -32.27
CA LEU A 284 -3.36 -26.55 -33.38
C LEU A 284 -4.57 -27.10 -34.15
N PHE A 285 -5.61 -26.28 -34.29
CA PHE A 285 -6.81 -26.66 -35.04
C PHE A 285 -7.20 -25.51 -35.98
N TYR A 286 -7.39 -25.82 -37.26
CA TYR A 286 -7.68 -24.81 -38.26
C TYR A 286 -8.95 -25.21 -39.02
N PHE A 287 -9.99 -24.40 -38.93
CA PHE A 287 -11.21 -24.62 -39.67
C PHE A 287 -11.38 -23.49 -40.67
N ASP A 288 -11.48 -23.84 -41.96
CA ASP A 288 -11.57 -22.85 -43.02
C ASP A 288 -12.97 -22.23 -43.08
N ASN A 289 -13.15 -21.28 -44.01
CA ASN A 289 -14.38 -20.50 -44.01
C ASN A 289 -15.59 -21.32 -44.40
N SER A 290 -15.42 -22.56 -44.85
CA SER A 290 -16.59 -23.42 -45.06
C SER A 290 -17.25 -23.81 -43.74
N PHE A 291 -16.60 -23.57 -42.61
CA PHE A 291 -17.16 -23.85 -41.29
C PHE A 291 -17.89 -22.66 -40.70
N ARG A 292 -18.13 -21.61 -41.49
CA ARG A 292 -19.01 -20.55 -41.05
C ARG A 292 -20.37 -21.16 -40.69
N PRO A 293 -20.98 -20.74 -39.60
CA PRO A 293 -22.29 -21.31 -39.26
C PRO A 293 -23.31 -21.13 -40.36
N VAL A 294 -23.27 -20.00 -41.05
CA VAL A 294 -24.16 -19.74 -42.18
C VAL A 294 -23.30 -19.39 -43.40
N PRO A 295 -23.50 -20.03 -44.55
CA PRO A 295 -22.76 -19.61 -45.75
C PRO A 295 -22.93 -18.12 -45.99
N LEU A 296 -21.93 -17.52 -46.64
CA LEU A 296 -21.91 -16.09 -46.89
C LEU A 296 -21.69 -15.86 -48.37
N GLU A 297 -22.69 -15.27 -49.04
CA GLU A 297 -22.52 -14.65 -50.34
C GLU A 297 -21.96 -13.24 -50.13
N GLN A 298 -20.81 -12.95 -50.72
CA GLN A 298 -20.12 -11.69 -50.46
C GLN A 298 -20.20 -10.81 -51.69
N THR A 299 -20.38 -9.51 -51.46
CA THR A 299 -20.30 -8.51 -52.50
C THR A 299 -19.32 -7.44 -52.05
N TYR A 300 -18.34 -7.15 -52.88
CA TYR A 300 -17.40 -6.06 -52.66
C TYR A 300 -17.62 -5.00 -53.75
N VAL A 301 -17.70 -3.74 -53.35
CA VAL A 301 -17.97 -2.65 -54.28
C VAL A 301 -16.83 -1.65 -54.12
N GLY A 302 -16.01 -1.51 -55.15
CA GLY A 302 -14.85 -0.64 -55.10
C GLY A 302 -15.04 0.53 -56.04
N ILE A 303 -15.16 1.73 -55.49
CA ILE A 303 -15.43 2.92 -56.27
C ILE A 303 -14.13 3.48 -56.83
N THR A 304 -14.16 3.87 -58.09
CA THR A 304 -12.99 4.43 -58.72
C THR A 304 -12.99 5.96 -58.74
N GLU A 305 -14.15 6.58 -58.55
CA GLU A 305 -14.25 8.04 -58.52
C GLU A 305 -13.33 8.61 -57.45
N LYS A 306 -12.62 9.69 -57.80
CA LYS A 306 -11.71 10.34 -56.85
C LYS A 306 -12.28 11.62 -56.26
N LYS A 307 -13.09 12.37 -57.01
CA LYS A 307 -13.72 13.58 -56.49
C LYS A 307 -14.65 13.23 -55.34
N ALA A 308 -14.37 13.81 -54.15
CA ALA A 308 -15.13 13.48 -52.95
C ALA A 308 -16.63 13.63 -53.18
N ILE A 309 -17.04 14.71 -53.82
CA ILE A 309 -18.45 15.03 -53.97
C ILE A 309 -19.16 13.95 -54.77
N LYS A 310 -18.59 13.59 -55.92
CA LYS A 310 -19.20 12.55 -56.76
C LYS A 310 -19.11 11.18 -56.08
N ARG A 311 -18.01 10.94 -55.35
CA ARG A 311 -17.81 9.65 -54.70
C ARG A 311 -18.86 9.40 -53.62
N PHE A 312 -19.24 10.44 -52.88
CA PHE A 312 -20.21 10.23 -51.80
C PHE A 312 -21.60 9.95 -52.35
N GLN A 313 -21.99 10.62 -53.43
CA GLN A 313 -23.30 10.33 -54.00
C GLN A 313 -23.30 8.98 -54.70
N ILE A 314 -22.18 8.61 -55.32
CA ILE A 314 -22.06 7.25 -55.85
C ILE A 314 -22.31 6.24 -54.75
N MET A 315 -21.69 6.44 -53.58
CA MET A 315 -21.89 5.51 -52.48
C MET A 315 -23.34 5.46 -52.05
N ASN A 316 -24.01 6.62 -51.99
CA ASN A 316 -25.39 6.60 -51.52
C ASN A 316 -26.33 5.96 -52.55
N GLU A 317 -26.02 6.09 -53.84
CA GLU A 317 -26.82 5.39 -54.84
C GLU A 317 -26.57 3.88 -54.78
N ILE A 318 -25.34 3.47 -54.53
CA ILE A 318 -25.06 2.03 -54.38
C ILE A 318 -25.83 1.46 -53.20
N VAL A 319 -25.78 2.14 -52.05
CA VAL A 319 -26.50 1.59 -50.90
C VAL A 319 -28.00 1.59 -51.16
N TYR A 320 -28.52 2.61 -51.86
CA TYR A 320 -29.94 2.58 -52.16
C TYR A 320 -30.29 1.40 -53.07
N GLU A 321 -29.46 1.12 -54.08
CA GLU A 321 -29.77 0.00 -54.98
C GLU A 321 -29.73 -1.33 -54.25
N LYS A 322 -28.78 -1.50 -53.32
CA LYS A 322 -28.73 -2.76 -52.57
C LYS A 322 -29.92 -2.89 -51.61
N ILE A 323 -30.19 -1.82 -50.85
CA ILE A 323 -31.40 -1.73 -50.04
C ILE A 323 -32.59 -2.18 -50.87
N MET A 324 -32.75 -1.59 -52.06
CA MET A 324 -33.88 -1.92 -52.91
C MET A 324 -33.91 -3.39 -53.29
N GLU A 325 -32.73 -4.02 -53.42
CA GLU A 325 -32.75 -5.45 -53.69
C GLU A 325 -33.25 -6.25 -52.49
N HIS A 326 -33.18 -5.71 -51.29
CA HIS A 326 -33.65 -6.46 -50.12
C HIS A 326 -34.92 -5.93 -49.47
N ALA A 327 -35.53 -4.86 -49.99
CA ALA A 327 -36.70 -4.28 -49.35
C ALA A 327 -37.87 -5.26 -49.34
N GLY A 328 -38.44 -5.47 -48.16
CA GLY A 328 -39.57 -6.37 -48.02
C GLY A 328 -39.24 -7.85 -48.10
N LYS A 329 -38.00 -8.22 -48.40
CA LYS A 329 -37.59 -9.62 -48.37
C LYS A 329 -36.57 -9.94 -47.30
N ASN A 330 -35.75 -8.97 -46.88
CA ASN A 330 -34.74 -9.24 -45.88
C ASN A 330 -34.37 -7.98 -45.13
N GLN A 331 -34.16 -8.12 -43.83
CA GLN A 331 -33.65 -7.02 -43.04
C GLN A 331 -32.23 -6.69 -43.51
N VAL A 332 -31.87 -5.42 -43.39
CA VAL A 332 -30.52 -4.97 -43.72
C VAL A 332 -29.96 -4.20 -42.54
N LEU A 333 -28.72 -4.51 -42.21
CA LEU A 333 -27.96 -3.80 -41.19
C LEU A 333 -26.86 -3.04 -41.91
N VAL A 334 -26.80 -1.72 -41.70
CA VAL A 334 -25.88 -0.87 -42.41
C VAL A 334 -24.89 -0.30 -41.40
N PHE A 335 -23.62 -0.61 -41.56
CA PHE A 335 -22.58 -0.14 -40.66
C PHE A 335 -21.91 1.11 -41.21
N VAL A 336 -21.89 2.17 -40.40
CA VAL A 336 -21.21 3.43 -40.69
C VAL A 336 -20.31 3.74 -39.50
N HIS A 337 -19.49 4.79 -39.65
CA HIS A 337 -18.33 4.94 -38.79
C HIS A 337 -18.34 6.20 -37.92
N SER A 338 -19.43 6.95 -37.92
CA SER A 338 -19.63 8.07 -37.01
C SER A 338 -21.04 8.01 -36.49
N ARG A 339 -21.21 8.17 -35.18
CA ARG A 339 -22.55 8.20 -34.59
C ARG A 339 -23.49 9.10 -35.37
N LYS A 340 -23.00 10.26 -35.82
CA LYS A 340 -23.84 11.17 -36.62
C LYS A 340 -24.15 10.58 -38.00
N GLU A 341 -23.20 9.81 -38.56
CA GLU A 341 -23.44 9.25 -39.89
C GLU A 341 -24.60 8.27 -39.89
N THR A 342 -24.90 7.63 -38.75
CA THR A 342 -26.03 6.70 -38.72
C THR A 342 -27.32 7.42 -39.10
N GLY A 343 -27.64 8.49 -38.39
CA GLY A 343 -28.79 9.28 -38.76
C GLY A 343 -28.70 9.81 -40.17
N LYS A 344 -27.56 10.43 -40.52
CA LYS A 344 -27.49 11.05 -41.84
C LYS A 344 -27.68 10.03 -42.97
N THR A 345 -27.20 8.80 -42.78
CA THR A 345 -27.30 7.78 -43.80
C THR A 345 -28.71 7.19 -43.85
N ALA A 346 -29.29 6.86 -42.69
CA ALA A 346 -30.66 6.39 -42.66
C ALA A 346 -31.59 7.42 -43.28
N ARG A 347 -31.31 8.70 -43.05
CA ARG A 347 -32.12 9.75 -43.64
C ARG A 347 -31.93 9.84 -45.15
N ALA A 348 -30.68 9.77 -45.63
CA ALA A 348 -30.48 9.75 -47.07
C ALA A 348 -31.27 8.63 -47.73
N ILE A 349 -31.18 7.42 -47.16
CA ILE A 349 -31.87 6.27 -47.74
C ILE A 349 -33.38 6.49 -47.74
N ARG A 350 -33.94 6.92 -46.60
CA ARG A 350 -35.39 7.01 -46.52
C ARG A 350 -35.92 8.15 -47.39
N ASP A 351 -35.17 9.26 -47.47
CA ASP A 351 -35.55 10.34 -48.37
C ASP A 351 -35.57 9.87 -49.82
N MET A 352 -34.57 9.06 -50.20
CA MET A 352 -34.56 8.51 -51.56
C MET A 352 -35.75 7.58 -51.78
N CYS A 353 -36.16 6.85 -50.74
CA CYS A 353 -37.30 5.95 -50.88
C CYS A 353 -38.59 6.73 -51.07
N LEU A 354 -38.77 7.82 -50.31
CA LEU A 354 -39.95 8.65 -50.50
C LEU A 354 -39.96 9.25 -51.90
N GLU A 355 -38.85 9.90 -52.29
CA GLU A 355 -38.81 10.54 -53.60
C GLU A 355 -39.01 9.53 -54.73
N LYS A 356 -38.55 8.28 -54.54
CA LYS A 356 -38.79 7.25 -55.53
C LYS A 356 -40.04 6.44 -55.26
N ASP A 357 -40.77 6.74 -54.17
CA ASP A 357 -42.06 6.12 -53.85
C ASP A 357 -41.92 4.62 -53.60
N THR A 358 -40.85 4.23 -52.90
CA THR A 358 -40.60 2.83 -52.58
C THR A 358 -40.78 2.51 -51.11
N LEU A 359 -41.12 3.50 -50.28
CA LEU A 359 -41.22 3.25 -48.85
C LEU A 359 -42.25 2.17 -48.52
N GLY A 360 -43.20 1.90 -49.42
CA GLY A 360 -44.19 0.87 -49.16
C GLY A 360 -43.62 -0.54 -49.12
N LEU A 361 -42.47 -0.77 -49.76
CA LEU A 361 -41.91 -2.11 -49.78
C LEU A 361 -41.44 -2.56 -48.39
N PHE A 362 -40.96 -1.62 -47.57
CA PHE A 362 -40.57 -1.96 -46.21
C PHE A 362 -41.80 -2.16 -45.32
N LEU A 363 -42.63 -1.12 -45.24
CA LEU A 363 -43.75 -1.06 -44.32
C LEU A 363 -45.01 -1.33 -45.13
N ARG A 364 -45.44 -2.59 -45.13
CA ARG A 364 -46.65 -2.97 -45.84
C ARG A 364 -47.89 -2.56 -45.04
N GLU A 365 -48.94 -2.19 -45.77
CA GLU A 365 -50.16 -1.68 -45.17
C GLU A 365 -51.17 -2.82 -45.00
N GLY A 366 -51.44 -3.18 -43.74
CA GLY A 366 -52.32 -4.28 -43.40
C GLY A 366 -51.62 -5.38 -42.62
N SER A 367 -50.31 -5.54 -42.83
CA SER A 367 -49.54 -6.56 -42.14
C SER A 367 -49.50 -6.30 -40.64
N ALA A 368 -49.34 -7.37 -39.86
CA ALA A 368 -49.30 -7.24 -38.40
C ALA A 368 -48.04 -6.53 -37.93
N SER A 369 -46.95 -6.62 -38.70
CA SER A 369 -45.72 -5.94 -38.30
C SER A 369 -45.89 -4.43 -38.25
N THR A 370 -46.66 -3.87 -39.20
CA THR A 370 -47.04 -2.47 -39.12
C THR A 370 -47.76 -2.18 -37.81
N GLU A 371 -48.75 -3.02 -37.49
CA GLU A 371 -49.52 -2.89 -36.26
C GLU A 371 -48.63 -2.86 -35.04
N VAL A 372 -47.57 -3.67 -35.04
CA VAL A 372 -46.67 -3.71 -33.89
C VAL A 372 -45.81 -2.45 -33.84
N LEU A 373 -45.23 -2.06 -34.98
CA LEU A 373 -44.37 -0.89 -35.00
C LEU A 373 -45.10 0.38 -34.56
N ARG A 374 -46.41 0.47 -34.87
CA ARG A 374 -47.10 1.75 -34.77
C ARG A 374 -47.10 2.31 -33.35
N THR A 375 -47.01 1.45 -32.33
CA THR A 375 -47.09 1.94 -30.95
C THR A 375 -45.92 2.87 -30.61
N GLU A 376 -44.69 2.35 -30.62
CA GLU A 376 -43.54 3.21 -30.41
C GLU A 376 -43.24 4.09 -31.62
N ALA A 377 -43.94 3.87 -32.75
CA ALA A 377 -43.94 4.87 -33.81
C ALA A 377 -44.70 6.12 -33.39
N GLU A 378 -45.67 5.96 -32.47
CA GLU A 378 -46.25 7.11 -31.79
C GLU A 378 -45.35 7.61 -30.67
N GLN A 379 -44.90 6.71 -29.78
CA GLN A 379 -44.16 7.11 -28.58
C GLN A 379 -42.92 7.93 -28.90
N CYS A 380 -41.87 7.27 -29.39
CA CYS A 380 -40.66 7.89 -29.94
C CYS A 380 -39.85 8.67 -28.90
N LYS A 381 -38.84 8.00 -28.34
CA LYS A 381 -38.05 8.59 -27.26
C LYS A 381 -36.93 9.47 -27.80
N ASN A 382 -36.30 9.08 -28.91
CA ASN A 382 -35.22 9.88 -29.47
C ASN A 382 -35.68 10.62 -30.72
N LEU A 383 -34.92 11.67 -31.06
CA LEU A 383 -35.31 12.61 -32.11
C LEU A 383 -35.11 12.03 -33.50
N GLU A 384 -33.88 11.60 -33.79
CA GLU A 384 -33.65 10.88 -35.04
C GLU A 384 -34.47 9.59 -35.07
N LEU A 385 -34.58 8.92 -33.93
CA LEU A 385 -35.50 7.80 -33.81
C LEU A 385 -36.92 8.23 -34.13
N LYS A 386 -37.30 9.44 -33.74
CA LYS A 386 -38.61 9.95 -34.13
C LYS A 386 -38.75 10.02 -35.65
N ASP A 387 -37.84 10.75 -36.29
CA ASP A 387 -37.95 10.96 -37.74
C ASP A 387 -37.90 9.65 -38.52
N LEU A 388 -37.28 8.59 -37.98
CA LEU A 388 -37.05 7.39 -38.78
C LEU A 388 -37.85 6.17 -38.36
N LEU A 389 -38.22 6.03 -37.08
CA LEU A 389 -38.82 4.80 -36.58
C LEU A 389 -40.11 4.39 -37.27
N PRO A 390 -41.06 5.29 -37.57
CA PRO A 390 -42.29 4.84 -38.21
C PRO A 390 -42.09 4.34 -39.64
N TYR A 391 -41.05 4.81 -40.34
CA TYR A 391 -40.82 4.36 -41.71
C TYR A 391 -40.23 2.94 -41.76
N GLY A 392 -39.86 2.35 -40.63
CA GLY A 392 -39.18 1.07 -40.61
C GLY A 392 -37.68 1.15 -40.43
N PHE A 393 -37.14 2.35 -40.38
CA PHE A 393 -35.71 2.60 -40.22
C PHE A 393 -35.37 2.81 -38.74
N ALA A 394 -34.12 2.50 -38.37
CA ALA A 394 -33.66 2.73 -37.01
C ALA A 394 -32.17 3.03 -37.03
N ILE A 395 -31.69 3.71 -35.98
CA ILE A 395 -30.26 3.91 -35.78
C ILE A 395 -29.88 3.35 -34.40
N HIS A 396 -28.59 3.09 -34.24
CA HIS A 396 -28.09 2.51 -33.00
C HIS A 396 -26.63 2.88 -32.84
N HIS A 397 -26.25 3.39 -31.66
CA HIS A 397 -24.88 3.81 -31.41
C HIS A 397 -24.75 4.20 -29.94
N ALA A 398 -23.60 4.80 -29.59
CA ALA A 398 -23.16 4.93 -28.20
C ALA A 398 -23.57 6.24 -27.52
N GLY A 399 -24.18 7.18 -28.25
CA GLY A 399 -24.75 8.36 -27.63
C GLY A 399 -26.17 8.20 -27.19
N MET A 400 -26.79 7.05 -27.52
CA MET A 400 -28.18 6.80 -27.19
C MET A 400 -28.30 6.20 -25.79
N THR A 401 -29.54 6.13 -25.30
CA THR A 401 -29.80 5.58 -23.99
C THR A 401 -29.63 4.07 -24.02
N ARG A 402 -29.77 3.43 -22.85
CA ARG A 402 -29.80 1.97 -22.81
C ARG A 402 -31.14 1.43 -23.30
N VAL A 403 -32.25 1.96 -22.78
CA VAL A 403 -33.52 1.35 -23.17
C VAL A 403 -33.90 1.72 -24.59
N ASP A 404 -33.35 2.81 -25.15
CA ASP A 404 -33.46 3.03 -26.59
C ASP A 404 -32.75 1.94 -27.38
N ARG A 405 -31.54 1.56 -26.94
CA ARG A 405 -30.80 0.51 -27.63
C ARG A 405 -31.51 -0.84 -27.49
N THR A 406 -32.04 -1.14 -26.30
CA THR A 406 -32.81 -2.36 -26.12
C THR A 406 -34.10 -2.32 -26.92
N LEU A 407 -34.68 -1.13 -27.10
CA LEU A 407 -35.80 -0.95 -27.99
C LEU A 407 -35.44 -1.40 -29.39
N VAL A 408 -34.35 -0.83 -29.92
CA VAL A 408 -33.89 -1.18 -31.26
C VAL A 408 -33.61 -2.67 -31.35
N GLU A 409 -33.00 -3.25 -30.31
CA GLU A 409 -32.61 -4.65 -30.35
C GLU A 409 -33.81 -5.57 -30.35
N ASP A 410 -34.73 -5.36 -29.40
CA ASP A 410 -35.92 -6.20 -29.34
C ASP A 410 -36.78 -6.05 -30.59
N LEU A 411 -36.85 -4.83 -31.14
CA LEU A 411 -37.64 -4.62 -32.36
C LEU A 411 -37.01 -5.32 -33.55
N PHE A 412 -35.69 -5.18 -33.73
CA PHE A 412 -35.01 -5.81 -34.85
C PHE A 412 -35.09 -7.33 -34.73
N ALA A 413 -34.79 -7.87 -33.54
CA ALA A 413 -34.78 -9.31 -33.36
C ALA A 413 -36.16 -9.90 -33.56
N ASP A 414 -37.20 -9.18 -33.14
CA ASP A 414 -38.55 -9.63 -33.43
C ASP A 414 -38.94 -9.47 -34.91
N LYS A 415 -37.97 -9.22 -35.79
CA LYS A 415 -38.21 -9.13 -37.24
C LYS A 415 -39.14 -7.98 -37.61
N HIS A 416 -39.01 -6.85 -36.90
CA HIS A 416 -39.86 -5.68 -37.14
C HIS A 416 -39.15 -4.55 -37.88
N ILE A 417 -38.00 -4.09 -37.38
CA ILE A 417 -37.20 -3.10 -38.11
C ILE A 417 -36.74 -3.70 -39.43
N GLN A 418 -36.71 -2.88 -40.49
CA GLN A 418 -36.26 -3.36 -41.80
C GLN A 418 -34.87 -2.87 -42.19
N VAL A 419 -34.45 -1.70 -41.70
CA VAL A 419 -33.20 -1.06 -42.07
C VAL A 419 -32.64 -0.46 -40.79
N LEU A 420 -31.57 -1.06 -40.27
CA LEU A 420 -30.94 -0.57 -39.04
C LEU A 420 -29.56 -0.06 -39.37
N VAL A 421 -29.32 1.23 -39.16
CA VAL A 421 -28.01 1.84 -39.36
C VAL A 421 -27.32 1.92 -38.01
N SER A 422 -26.11 1.39 -37.94
CA SER A 422 -25.40 1.31 -36.68
C SER A 422 -23.91 1.40 -36.92
N THR A 423 -23.18 1.30 -35.82
CA THR A 423 -21.74 1.39 -35.79
C THR A 423 -21.17 0.11 -35.22
N ALA A 424 -19.85 0.06 -35.10
CA ALA A 424 -19.16 -1.18 -34.76
C ALA A 424 -19.55 -1.69 -33.38
N THR A 425 -19.94 -0.77 -32.48
CA THR A 425 -20.21 -1.17 -31.10
C THR A 425 -21.26 -2.25 -31.05
N LEU A 426 -22.30 -2.09 -31.86
CA LEU A 426 -23.31 -3.14 -32.00
C LEU A 426 -22.68 -4.46 -32.38
N ALA A 427 -21.75 -4.44 -33.35
CA ALA A 427 -21.15 -5.68 -33.82
C ALA A 427 -20.38 -6.39 -32.72
N TRP A 428 -19.78 -5.64 -31.81
CA TRP A 428 -18.99 -6.28 -30.76
C TRP A 428 -19.78 -6.61 -29.50
N GLY A 429 -20.81 -5.84 -29.15
CA GLY A 429 -21.36 -5.88 -27.81
C GLY A 429 -22.74 -6.51 -27.66
N VAL A 430 -23.43 -6.70 -28.78
CA VAL A 430 -24.78 -7.24 -28.82
C VAL A 430 -24.80 -8.38 -29.85
N ASN A 431 -25.57 -9.42 -29.55
CA ASN A 431 -25.61 -10.62 -30.40
C ASN A 431 -26.79 -10.52 -31.38
N LEU A 432 -26.73 -9.51 -32.23
CA LEU A 432 -27.83 -9.17 -33.14
C LEU A 432 -27.41 -9.38 -34.60
N PRO A 433 -27.72 -10.53 -35.20
CA PRO A 433 -27.38 -10.74 -36.61
C PRO A 433 -28.51 -10.32 -37.54
N ALA A 434 -28.19 -10.29 -38.83
CA ALA A 434 -29.12 -9.82 -39.84
C ALA A 434 -28.83 -10.54 -41.15
N HIS A 435 -29.88 -10.73 -41.95
CA HIS A 435 -29.71 -11.49 -43.17
C HIS A 435 -28.73 -10.80 -44.10
N THR A 436 -28.89 -9.49 -44.26
CA THR A 436 -28.04 -8.71 -45.15
C THR A 436 -27.30 -7.67 -44.32
N VAL A 437 -26.00 -7.54 -44.58
CA VAL A 437 -25.15 -6.57 -43.92
C VAL A 437 -24.47 -5.74 -44.99
N ILE A 438 -24.42 -4.43 -44.80
CA ILE A 438 -23.74 -3.50 -45.69
C ILE A 438 -22.76 -2.68 -44.87
N ILE A 439 -21.49 -2.71 -45.25
CA ILE A 439 -20.48 -1.84 -44.68
C ILE A 439 -20.34 -0.64 -45.62
N LYS A 440 -20.81 0.53 -45.17
CA LYS A 440 -20.89 1.73 -46.00
C LYS A 440 -19.60 2.52 -45.85
N GLY A 441 -18.62 2.20 -46.69
CA GLY A 441 -17.31 2.85 -46.62
C GLY A 441 -16.44 2.20 -45.58
N THR A 442 -15.12 2.19 -45.84
CA THR A 442 -14.15 1.62 -44.91
C THR A 442 -13.20 2.66 -44.32
N GLN A 443 -13.49 3.95 -44.48
CA GLN A 443 -12.68 5.01 -43.90
C GLN A 443 -13.23 5.42 -42.54
N VAL A 444 -12.33 5.63 -41.59
CA VAL A 444 -12.65 6.05 -40.23
C VAL A 444 -11.61 7.09 -39.82
N TYR A 445 -12.04 8.05 -39.02
CA TYR A 445 -11.15 9.10 -38.57
C TYR A 445 -10.39 8.63 -37.32
N SER A 446 -9.05 8.61 -37.41
CA SER A 446 -8.13 8.19 -36.36
C SER A 446 -7.48 9.42 -35.71
N PRO A 447 -7.98 9.89 -34.56
CA PRO A 447 -7.32 11.01 -33.86
C PRO A 447 -5.87 10.74 -33.55
N GLU A 448 -5.59 9.54 -33.09
CA GLU A 448 -4.22 9.17 -32.75
C GLU A 448 -3.32 9.23 -33.97
N LYS A 449 -3.85 8.85 -35.14
CA LYS A 449 -3.11 9.09 -36.36
C LYS A 449 -3.34 10.47 -36.92
N GLY A 450 -4.36 11.16 -36.43
CA GLY A 450 -4.64 12.52 -36.86
C GLY A 450 -5.12 12.62 -38.28
N ARG A 451 -5.84 11.61 -38.77
CA ARG A 451 -6.21 11.56 -40.18
C ARG A 451 -7.15 10.38 -40.39
N TRP A 452 -7.72 10.33 -41.59
CA TRP A 452 -8.58 9.22 -41.96
C TRP A 452 -7.73 8.04 -42.36
N THR A 453 -8.16 6.84 -41.94
CA THR A 453 -7.52 5.59 -42.32
C THR A 453 -8.60 4.56 -42.60
N GLU A 454 -8.17 3.36 -42.94
CA GLU A 454 -9.10 2.26 -43.13
C GLU A 454 -9.54 1.70 -41.77
N LEU A 455 -10.79 1.28 -41.68
CA LEU A 455 -11.22 0.47 -40.54
C LEU A 455 -10.22 -0.66 -40.26
N GLY A 456 -10.07 -1.00 -38.98
CA GLY A 456 -9.29 -2.16 -38.62
C GLY A 456 -9.92 -3.45 -39.10
N ALA A 457 -9.06 -4.46 -39.25
CA ALA A 457 -9.52 -5.76 -39.73
C ALA A 457 -10.43 -6.46 -38.73
N LEU A 458 -10.14 -6.33 -37.42
CA LEU A 458 -10.99 -7.03 -36.45
C LEU A 458 -12.43 -6.52 -36.56
N ASP A 459 -12.60 -5.20 -36.65
CA ASP A 459 -13.90 -4.60 -36.89
C ASP A 459 -14.57 -5.17 -38.15
N ILE A 460 -13.86 -5.20 -39.29
CA ILE A 460 -14.47 -5.66 -40.53
C ILE A 460 -14.93 -7.11 -40.38
N LEU A 461 -14.04 -7.97 -39.86
CA LEU A 461 -14.39 -9.37 -39.67
C LEU A 461 -15.63 -9.51 -38.81
N GLN A 462 -15.73 -8.73 -37.74
CA GLN A 462 -16.84 -8.88 -36.80
C GLN A 462 -18.16 -8.44 -37.44
N MET A 463 -18.15 -7.26 -38.06
CA MET A 463 -19.34 -6.77 -38.75
C MET A 463 -19.83 -7.77 -39.80
N LEU A 464 -18.94 -8.24 -40.67
CA LEU A 464 -19.40 -9.20 -41.68
C LEU A 464 -19.74 -10.55 -41.06
N GLY A 465 -19.20 -10.86 -39.88
CA GLY A 465 -19.63 -12.03 -39.17
C GLY A 465 -21.07 -11.94 -38.72
N ARG A 466 -21.59 -10.73 -38.56
CA ARG A 466 -23.03 -10.66 -38.25
C ARG A 466 -23.94 -11.00 -39.43
N ALA A 467 -23.44 -11.26 -40.63
CA ALA A 467 -24.32 -11.51 -41.77
C ALA A 467 -24.81 -12.95 -41.76
N GLY A 468 -26.13 -13.13 -41.88
CA GLY A 468 -26.72 -14.44 -41.80
C GLY A 468 -27.09 -14.86 -40.39
N ARG A 469 -28.38 -15.16 -40.14
CA ARG A 469 -28.75 -15.50 -38.78
C ARG A 469 -28.83 -17.01 -38.58
N PRO A 470 -28.27 -17.48 -37.47
CA PRO A 470 -27.91 -18.91 -37.37
C PRO A 470 -29.03 -19.90 -37.63
N GLN A 471 -30.29 -19.56 -37.39
CA GLN A 471 -31.35 -20.50 -37.70
C GLN A 471 -32.33 -20.00 -38.76
N TYR A 472 -32.59 -18.70 -38.84
CA TYR A 472 -33.58 -18.20 -39.79
C TYR A 472 -33.09 -18.32 -41.23
N ASP A 473 -31.90 -17.81 -41.51
CA ASP A 473 -31.44 -17.64 -42.89
C ASP A 473 -30.77 -18.89 -43.42
N THR A 474 -30.97 -19.15 -44.70
CA THR A 474 -30.20 -20.19 -45.36
C THR A 474 -28.84 -19.68 -45.82
N LYS A 475 -28.67 -18.37 -45.96
CA LYS A 475 -27.38 -17.75 -46.25
C LYS A 475 -27.41 -16.32 -45.73
N GLY A 476 -26.23 -15.77 -45.55
CA GLY A 476 -26.11 -14.36 -45.34
C GLY A 476 -25.69 -13.68 -46.64
N GLU A 477 -25.88 -12.38 -46.68
CA GLU A 477 -25.36 -11.58 -47.78
C GLU A 477 -24.62 -10.38 -47.18
N GLY A 478 -23.31 -10.37 -47.35
CA GLY A 478 -22.48 -9.29 -46.86
C GLY A 478 -21.99 -8.46 -48.03
N ILE A 479 -22.12 -7.14 -47.90
CA ILE A 479 -21.83 -6.18 -48.95
C ILE A 479 -20.88 -5.18 -48.36
N LEU A 480 -19.69 -5.06 -48.94
CA LEU A 480 -18.68 -4.14 -48.44
C LEU A 480 -18.46 -3.08 -49.50
N ILE A 481 -18.61 -1.80 -49.15
CA ILE A 481 -18.35 -0.70 -50.08
C ILE A 481 -17.08 0.02 -49.65
N THR A 482 -16.11 0.09 -50.56
CA THR A 482 -14.82 0.71 -50.28
C THR A 482 -14.30 1.37 -51.56
N SER A 483 -13.10 1.94 -51.46
CA SER A 483 -12.41 2.48 -52.62
C SER A 483 -11.74 1.36 -53.40
N HIS A 484 -11.66 1.54 -54.74
CA HIS A 484 -11.23 0.48 -55.62
C HIS A 484 -9.85 -0.05 -55.25
N GLY A 485 -8.94 0.84 -54.88
CA GLY A 485 -7.59 0.40 -54.54
C GLY A 485 -7.52 -0.50 -53.32
N GLU A 486 -8.57 -0.56 -52.53
CA GLU A 486 -8.57 -1.42 -51.35
C GLU A 486 -9.22 -2.77 -51.59
N LEU A 487 -9.74 -3.01 -52.80
CA LEU A 487 -10.47 -4.27 -53.02
C LEU A 487 -9.60 -5.48 -52.66
N GLN A 488 -8.35 -5.51 -53.11
CA GLN A 488 -7.56 -6.70 -52.85
C GLN A 488 -7.31 -6.88 -51.36
N TYR A 489 -7.24 -5.80 -50.60
CA TYR A 489 -7.09 -5.96 -49.15
C TYR A 489 -8.32 -6.64 -48.56
N TYR A 490 -9.53 -6.16 -48.90
CA TYR A 490 -10.66 -6.72 -48.18
C TYR A 490 -10.95 -8.13 -48.67
N LEU A 491 -10.83 -8.34 -49.97
CA LEU A 491 -10.87 -9.69 -50.53
C LEU A 491 -9.92 -10.63 -49.80
N SER A 492 -8.72 -10.14 -49.46
CA SER A 492 -7.73 -11.01 -48.82
C SER A 492 -8.15 -11.30 -47.39
N LEU A 493 -8.55 -10.25 -46.68
CA LEU A 493 -8.94 -10.39 -45.29
C LEU A 493 -10.06 -11.38 -45.13
N LEU A 494 -11.03 -11.31 -46.01
CA LEU A 494 -12.24 -12.09 -45.85
C LEU A 494 -12.16 -13.44 -46.53
N ASN A 495 -11.05 -13.74 -47.24
CA ASN A 495 -10.96 -15.07 -47.83
C ASN A 495 -9.68 -15.76 -47.41
N GLN A 496 -9.36 -15.65 -46.11
CA GLN A 496 -8.34 -16.49 -45.48
C GLN A 496 -6.94 -16.19 -46.00
N GLN A 497 -6.68 -14.98 -46.51
CA GLN A 497 -5.42 -14.75 -47.21
C GLN A 497 -4.63 -13.52 -46.77
N LEU A 498 -5.12 -12.74 -45.82
CA LEU A 498 -4.35 -11.62 -45.32
C LEU A 498 -3.44 -12.10 -44.18
N PRO A 499 -2.11 -12.17 -44.37
CA PRO A 499 -1.26 -12.81 -43.35
C PRO A 499 -1.12 -11.95 -42.10
N ILE A 500 -0.97 -12.63 -40.96
CA ILE A 500 -0.89 -11.98 -39.66
C ILE A 500 0.58 -11.67 -39.41
N GLU A 501 0.91 -10.39 -39.30
CA GLU A 501 2.31 -9.98 -39.12
C GLU A 501 2.49 -9.38 -37.74
N SER A 502 3.75 -9.04 -37.40
CA SER A 502 4.10 -8.42 -36.12
C SER A 502 4.25 -6.93 -36.31
N GLN A 503 3.61 -6.15 -35.44
CA GLN A 503 3.80 -4.70 -35.46
C GLN A 503 4.76 -4.22 -34.37
N MET A 504 5.54 -5.12 -33.79
CA MET A 504 6.24 -4.81 -32.54
C MET A 504 7.39 -3.79 -32.67
N VAL A 505 8.05 -3.72 -33.83
CA VAL A 505 9.27 -2.92 -33.91
C VAL A 505 9.01 -1.51 -33.43
N SER A 506 7.84 -0.94 -33.72
CA SER A 506 7.59 0.43 -33.29
C SER A 506 7.65 0.54 -31.76
N LYS A 507 6.96 -0.36 -31.07
CA LYS A 507 6.75 -0.29 -29.63
C LYS A 507 7.89 -0.87 -28.85
N LEU A 508 8.93 -1.35 -29.51
CA LEU A 508 9.98 -2.04 -28.79
C LEU A 508 10.58 -1.25 -27.62
N PRO A 509 11.00 0.00 -27.77
CA PRO A 509 11.57 0.69 -26.58
C PRO A 509 10.60 0.69 -25.40
N ASP A 510 9.33 1.00 -25.63
CA ASP A 510 8.38 1.03 -24.53
C ASP A 510 8.20 -0.34 -23.88
N MET A 511 8.09 -1.42 -24.70
CA MET A 511 7.94 -2.78 -24.17
C MET A 511 9.19 -3.24 -23.44
N LEU A 512 10.36 -2.86 -23.97
CA LEU A 512 11.63 -3.22 -23.31
C LEU A 512 11.74 -2.55 -21.95
N ASN A 513 11.37 -1.26 -21.89
CA ASN A 513 11.39 -0.55 -20.60
C ASN A 513 10.48 -1.24 -19.61
N ALA A 514 9.28 -1.65 -20.02
CA ALA A 514 8.39 -2.28 -19.06
C ALA A 514 9.04 -3.54 -18.44
N GLU A 515 9.76 -4.31 -19.26
CA GLU A 515 10.44 -5.49 -18.71
C GLU A 515 11.66 -5.13 -17.87
N ILE A 516 12.36 -4.04 -18.20
CA ILE A 516 13.45 -3.60 -17.34
C ILE A 516 12.91 -3.16 -15.99
N VAL A 517 11.78 -2.42 -16.01
CA VAL A 517 11.19 -1.91 -14.77
C VAL A 517 10.78 -3.06 -13.86
N LEU A 518 10.31 -4.17 -14.43
CA LEU A 518 9.88 -5.32 -13.65
C LEU A 518 11.03 -6.13 -13.14
N GLY A 519 12.25 -5.89 -13.64
CA GLY A 519 13.36 -6.73 -13.27
C GLY A 519 13.46 -8.00 -14.08
N ASN A 520 12.58 -8.20 -15.06
CA ASN A 520 12.64 -9.39 -15.89
C ASN A 520 13.83 -9.34 -16.85
N VAL A 521 14.25 -8.15 -17.23
CA VAL A 521 15.34 -7.94 -18.17
C VAL A 521 16.31 -6.96 -17.50
N GLN A 522 17.53 -7.43 -17.20
CA GLN A 522 18.50 -6.63 -16.44
C GLN A 522 19.72 -6.29 -17.27
N ASN A 523 19.87 -6.87 -18.44
CA ASN A 523 20.96 -6.58 -19.35
C ASN A 523 20.50 -6.96 -20.75
N ALA A 524 21.38 -6.68 -21.72
CA ALA A 524 21.07 -6.87 -23.14
C ALA A 524 20.86 -8.33 -23.50
N LYS A 525 21.56 -9.27 -22.83
CA LYS A 525 21.33 -10.69 -23.09
C LYS A 525 19.97 -11.14 -22.58
N ASP A 526 19.56 -10.71 -21.37
CA ASP A 526 18.18 -10.97 -20.99
C ASP A 526 17.24 -10.44 -22.06
N ALA A 527 17.54 -9.28 -22.62
CA ALA A 527 16.63 -8.65 -23.57
C ALA A 527 16.56 -9.43 -24.88
N VAL A 528 17.69 -9.97 -25.34
CA VAL A 528 17.72 -10.84 -26.52
C VAL A 528 16.87 -12.09 -26.25
N ASN A 529 17.01 -12.66 -25.05
CA ASN A 529 16.20 -13.82 -24.67
C ASN A 529 14.72 -13.45 -24.65
N TRP A 530 14.39 -12.31 -24.11
CA TRP A 530 12.99 -11.91 -24.05
C TRP A 530 12.43 -11.70 -25.46
N LEU A 531 13.21 -11.05 -26.32
CA LEU A 531 12.76 -10.80 -27.67
C LEU A 531 12.54 -12.11 -28.42
N GLY A 532 13.25 -13.17 -28.02
CA GLY A 532 13.07 -14.49 -28.63
C GLY A 532 11.71 -15.13 -28.41
N TYR A 533 10.88 -14.60 -27.50
CA TYR A 533 9.51 -15.07 -27.29
C TYR A 533 8.48 -14.18 -27.96
N ALA A 534 8.92 -13.10 -28.61
CA ALA A 534 8.03 -12.18 -29.30
C ALA A 534 7.51 -12.82 -30.58
N TYR A 535 6.28 -12.46 -31.01
CA TYR A 535 5.82 -12.93 -32.34
C TYR A 535 6.72 -12.38 -33.44
N LEU A 536 7.28 -11.19 -33.22
CA LEU A 536 8.22 -10.60 -34.16
C LEU A 536 9.36 -11.54 -34.48
N TYR A 537 9.90 -12.24 -33.47
CA TYR A 537 11.09 -13.05 -33.71
C TYR A 537 10.75 -14.23 -34.60
N ILE A 538 9.59 -14.84 -34.33
CA ILE A 538 9.16 -15.98 -35.13
C ILE A 538 8.96 -15.54 -36.57
N ARG A 539 8.37 -14.35 -36.78
CA ARG A 539 8.16 -13.87 -38.15
C ARG A 539 9.49 -13.50 -38.81
N MET A 540 10.42 -12.91 -38.06
CA MET A 540 11.73 -12.61 -38.61
C MET A 540 12.41 -13.87 -39.12
N LEU A 541 12.29 -14.98 -38.36
CA LEU A 541 12.89 -16.25 -38.77
C LEU A 541 12.26 -16.78 -40.04
N ARG A 542 10.93 -16.71 -40.14
CA ARG A 542 10.30 -17.34 -41.30
C ARG A 542 10.23 -16.45 -42.54
N SER A 543 10.13 -15.14 -42.40
CA SER A 543 10.06 -14.21 -43.54
C SER A 543 11.06 -13.06 -43.34
N PRO A 544 12.36 -13.37 -43.29
CA PRO A 544 13.36 -12.33 -42.95
C PRO A 544 13.27 -11.08 -43.79
N THR A 545 13.03 -11.21 -45.11
CA THR A 545 13.07 -10.04 -45.99
C THR A 545 11.91 -9.10 -45.72
N LEU A 546 10.76 -9.66 -45.33
CA LEU A 546 9.65 -8.85 -44.87
C LEU A 546 10.06 -7.94 -43.70
N TYR A 547 11.04 -8.35 -42.90
CA TYR A 547 11.40 -7.58 -41.70
C TYR A 547 12.75 -6.85 -41.83
N GLY A 548 13.21 -6.62 -43.06
CA GLY A 548 14.47 -5.91 -43.30
C GLY A 548 15.73 -6.73 -43.13
N ILE A 549 15.68 -8.04 -43.30
CA ILE A 549 16.82 -8.94 -43.12
C ILE A 549 17.04 -9.66 -44.45
N SER A 550 18.24 -9.57 -45.00
CA SER A 550 18.54 -10.35 -46.20
C SER A 550 18.54 -11.85 -45.90
N HIS A 551 18.22 -12.65 -46.91
CA HIS A 551 18.38 -14.11 -46.81
C HIS A 551 19.81 -14.49 -46.45
N ASP A 552 20.79 -13.73 -46.94
CA ASP A 552 22.16 -14.07 -46.57
C ASP A 552 22.51 -13.51 -45.20
N ASP A 553 21.92 -12.37 -44.82
CA ASP A 553 21.97 -11.97 -43.42
C ASP A 553 21.48 -13.11 -42.52
N LEU A 554 20.42 -13.79 -42.93
CA LEU A 554 19.84 -14.82 -42.06
C LEU A 554 20.76 -16.03 -41.99
N LYS A 555 21.30 -16.44 -43.14
CA LYS A 555 22.20 -17.59 -43.16
C LYS A 555 23.49 -17.33 -42.37
N GLY A 556 23.95 -16.08 -42.34
CA GLY A 556 25.09 -15.73 -41.51
C GLY A 556 24.77 -15.54 -40.04
N ASP A 557 23.49 -15.61 -39.67
CA ASP A 557 23.02 -15.30 -38.31
C ASP A 557 21.77 -16.12 -38.07
N PRO A 558 21.91 -17.45 -37.96
CA PRO A 558 20.72 -18.31 -38.15
C PRO A 558 19.71 -18.22 -37.02
N LEU A 559 20.10 -17.90 -35.79
CA LEU A 559 19.09 -17.65 -34.78
C LEU A 559 18.82 -16.17 -34.60
N LEU A 560 19.34 -15.33 -35.50
CA LEU A 560 19.17 -13.88 -35.43
C LEU A 560 19.61 -13.36 -34.06
N ASP A 561 20.72 -13.90 -33.56
CA ASP A 561 21.30 -13.40 -32.30
C ASP A 561 21.83 -11.99 -32.49
N GLN A 562 22.53 -11.77 -33.59
CA GLN A 562 23.13 -10.46 -33.83
C GLN A 562 22.04 -9.43 -34.10
N ARG A 563 21.08 -9.77 -34.97
CA ARG A 563 20.01 -8.84 -35.28
C ARG A 563 19.18 -8.47 -34.04
N ARG A 564 18.88 -9.45 -33.19
CA ARG A 564 18.22 -9.14 -31.93
C ARG A 564 19.07 -8.24 -31.06
N LEU A 565 20.39 -8.51 -30.99
CA LEU A 565 21.29 -7.62 -30.25
C LEU A 565 21.21 -6.19 -30.79
N ASP A 566 21.20 -6.03 -32.11
CA ASP A 566 21.12 -4.72 -32.71
C ASP A 566 19.82 -4.02 -32.35
N LEU A 567 18.68 -4.74 -32.45
CA LEU A 567 17.41 -4.12 -32.10
C LEU A 567 17.38 -3.68 -30.63
N VAL A 568 17.89 -4.53 -29.76
CA VAL A 568 17.91 -4.27 -28.32
C VAL A 568 18.82 -3.11 -27.97
N HIS A 569 20.02 -3.10 -28.54
CA HIS A 569 20.95 -1.98 -28.43
C HIS A 569 20.30 -0.67 -28.86
N THR A 570 19.69 -0.64 -30.04
CA THR A 570 19.00 0.55 -30.52
C THR A 570 17.94 1.02 -29.53
N ALA A 571 17.05 0.11 -29.12
CA ALA A 571 15.98 0.53 -28.21
C ALA A 571 16.57 1.03 -26.90
N ALA A 572 17.59 0.35 -26.38
CA ALA A 572 18.16 0.71 -25.09
C ALA A 572 18.81 2.07 -25.15
N LEU A 573 19.49 2.39 -26.26
CA LEU A 573 20.05 3.72 -26.47
C LEU A 573 18.96 4.76 -26.49
N MET A 574 17.80 4.45 -27.12
CA MET A 574 16.72 5.41 -27.13
C MET A 574 16.25 5.70 -25.70
N LEU A 575 16.12 4.63 -24.90
CA LEU A 575 15.64 4.75 -23.52
C LEU A 575 16.63 5.51 -22.66
N ASP A 576 17.91 5.30 -22.93
CA ASP A 576 18.98 5.97 -22.21
C ASP A 576 19.06 7.45 -22.59
N LYS A 577 18.92 7.76 -23.88
CA LYS A 577 18.87 9.17 -24.29
C LYS A 577 17.76 9.90 -23.58
N ASN A 578 16.62 9.24 -23.37
CA ASN A 578 15.48 9.88 -22.74
C ASN A 578 15.45 9.72 -21.21
N ASN A 579 16.50 9.17 -20.62
CA ASN A 579 16.71 9.09 -19.18
C ASN A 579 15.75 8.13 -18.51
N LEU A 580 15.19 7.14 -19.23
CA LEU A 580 14.40 6.13 -18.54
C LEU A 580 15.26 5.04 -17.95
N VAL A 581 16.45 4.85 -18.49
CA VAL A 581 17.28 3.71 -18.19
C VAL A 581 18.70 4.22 -18.24
N LYS A 582 19.59 3.68 -17.40
CA LYS A 582 21.00 3.91 -17.61
C LYS A 582 21.60 2.64 -18.21
N TYR A 583 22.14 2.76 -19.43
CA TYR A 583 22.57 1.63 -20.23
C TYR A 583 24.10 1.67 -20.33
N ASP A 584 24.75 0.65 -19.75
CA ASP A 584 26.20 0.45 -19.84
C ASP A 584 26.47 -0.41 -21.07
N LYS A 585 26.95 0.26 -22.13
CA LYS A 585 27.23 -0.34 -23.42
C LYS A 585 28.25 -1.45 -23.36
N LYS A 586 29.26 -1.34 -22.49
CA LYS A 586 30.31 -2.35 -22.49
C LYS A 586 29.85 -3.64 -21.83
N THR A 587 29.13 -3.51 -20.71
CA THR A 587 28.58 -4.66 -19.99
C THR A 587 27.19 -5.03 -20.45
N GLY A 588 26.51 -4.14 -21.17
CA GLY A 588 25.14 -4.37 -21.57
C GLY A 588 24.15 -4.22 -20.44
N ASN A 589 24.56 -3.64 -19.32
CA ASN A 589 23.67 -3.66 -18.16
C ASN A 589 22.70 -2.50 -18.24
N PHE A 590 21.49 -2.72 -17.69
CA PHE A 590 20.42 -1.74 -17.63
C PHE A 590 20.12 -1.39 -16.17
N GLN A 591 20.15 -0.12 -15.84
CA GLN A 591 19.76 0.35 -14.51
C GLN A 591 18.40 1.03 -14.60
N VAL A 592 17.47 0.57 -13.78
CA VAL A 592 16.14 1.16 -13.76
C VAL A 592 16.23 2.57 -13.17
N THR A 593 15.29 3.44 -13.54
CA THR A 593 15.14 4.75 -12.94
C THR A 593 13.69 4.97 -12.57
N GLU A 594 13.49 5.96 -11.70
CA GLU A 594 12.14 6.34 -11.28
C GLU A 594 11.32 6.86 -12.47
N LEU A 595 11.93 7.63 -13.38
CA LEU A 595 11.15 8.12 -14.53
C LEU A 595 10.79 6.98 -15.48
N GLY A 596 11.66 5.97 -15.60
CA GLY A 596 11.31 4.80 -16.37
C GLY A 596 10.18 4.04 -15.71
N ARG A 597 10.24 3.86 -14.40
CA ARG A 597 9.13 3.24 -13.69
C ARG A 597 7.83 3.97 -13.95
N ILE A 598 7.84 5.30 -13.88
CA ILE A 598 6.58 6.02 -14.06
C ILE A 598 6.04 5.81 -15.47
N ALA A 599 6.92 5.88 -16.46
CA ALA A 599 6.54 5.59 -17.85
C ALA A 599 5.87 4.23 -17.97
N SER A 600 6.46 3.19 -17.38
CA SER A 600 5.87 1.86 -17.53
C SER A 600 4.54 1.77 -16.77
N HIS A 601 4.54 2.16 -15.49
CA HIS A 601 3.37 1.98 -14.64
C HIS A 601 2.19 2.86 -15.06
N TYR A 602 2.43 3.98 -15.71
CA TYR A 602 1.33 4.81 -16.18
C TYR A 602 1.10 4.66 -17.66
N TYR A 603 1.83 3.77 -18.34
CA TYR A 603 1.57 3.44 -19.74
C TYR A 603 1.81 4.64 -20.63
N ILE A 604 2.96 5.31 -20.42
CA ILE A 604 3.34 6.55 -21.09
C ILE A 604 4.49 6.24 -22.02
N THR A 605 4.49 6.84 -23.21
CA THR A 605 5.58 6.56 -24.13
C THR A 605 6.86 7.29 -23.71
N ASN A 606 8.01 6.76 -24.13
CA ASN A 606 9.25 7.19 -23.47
C ASN A 606 9.63 8.63 -23.83
N ASP A 607 9.29 9.08 -25.04
CA ASP A 607 9.53 10.47 -25.42
C ASP A 607 8.76 11.42 -24.50
N THR A 608 7.54 11.02 -24.09
CA THR A 608 6.74 11.90 -23.25
C THR A 608 7.42 12.15 -21.90
N VAL A 609 7.85 11.09 -21.23
CA VAL A 609 8.41 11.31 -19.89
C VAL A 609 9.69 12.06 -20.03
N GLN A 610 10.33 11.98 -21.21
CA GLN A 610 11.48 12.85 -21.40
C GLN A 610 11.09 14.33 -21.46
N THR A 611 10.06 14.66 -22.23
CA THR A 611 9.52 16.02 -22.23
C THR A 611 9.19 16.51 -20.82
N TYR A 612 8.47 15.69 -20.04
CA TYR A 612 8.10 16.08 -18.68
C TYR A 612 9.33 16.34 -17.84
N ASN A 613 10.29 15.42 -17.89
CA ASN A 613 11.50 15.60 -17.10
C ASN A 613 12.22 16.88 -17.50
N GLN A 614 12.12 17.25 -18.77
CA GLN A 614 12.84 18.42 -19.25
C GLN A 614 12.16 19.71 -18.82
N LEU A 615 10.82 19.73 -18.81
CA LEU A 615 10.08 20.97 -18.64
C LEU A 615 9.48 21.17 -17.26
N LEU A 616 9.24 20.11 -16.50
CA LEU A 616 8.64 20.29 -15.18
C LEU A 616 9.60 21.01 -14.23
N LYS A 617 9.13 22.07 -13.56
CA LYS A 617 9.91 22.82 -12.59
C LYS A 617 9.01 23.14 -11.40
N PRO A 618 9.57 23.31 -10.21
CA PRO A 618 8.72 23.66 -9.05
C PRO A 618 7.95 24.96 -9.24
N THR A 619 8.40 25.83 -10.14
CA THR A 619 7.82 27.15 -10.31
C THR A 619 6.74 27.21 -11.36
N LEU A 620 6.42 26.08 -11.99
CA LEU A 620 5.44 26.08 -13.07
C LEU A 620 4.09 26.57 -12.59
N SER A 621 3.45 27.43 -13.37
CA SER A 621 2.06 27.76 -13.08
C SER A 621 1.13 26.94 -13.95
N GLU A 622 -0.19 27.13 -13.73
CA GLU A 622 -1.18 26.39 -14.50
C GLU A 622 -0.94 26.57 -15.99
N ILE A 623 -0.50 27.76 -16.39
CA ILE A 623 -0.33 28.04 -17.81
C ILE A 623 0.68 27.09 -18.41
N GLU A 624 1.84 26.99 -17.76
CA GLU A 624 2.88 26.13 -18.30
C GLU A 624 2.56 24.65 -18.07
N LEU A 625 1.76 24.31 -17.04
CA LEU A 625 1.39 22.92 -16.82
C LEU A 625 0.47 22.42 -17.93
N PHE A 626 -0.50 23.25 -18.35
CA PHE A 626 -1.31 22.87 -19.50
C PHE A 626 -0.45 22.73 -20.74
N ARG A 627 0.53 23.62 -20.91
CA ARG A 627 1.39 23.54 -22.10
C ARG A 627 2.23 22.25 -22.09
N VAL A 628 2.81 21.93 -20.94
CA VAL A 628 3.57 20.68 -20.78
C VAL A 628 2.71 19.48 -21.17
N PHE A 629 1.51 19.37 -20.60
CA PHE A 629 0.62 18.26 -20.99
C PHE A 629 0.37 18.25 -22.47
N SER A 630 0.23 19.43 -23.07
CA SER A 630 -0.14 19.43 -24.47
C SER A 630 1.02 19.03 -25.37
N LEU A 631 2.24 18.96 -24.84
CA LEU A 631 3.36 18.52 -25.67
C LEU A 631 3.62 17.01 -25.59
N SER A 632 2.78 16.24 -24.92
CA SER A 632 2.99 14.80 -24.81
C SER A 632 3.05 14.14 -26.20
N SER A 633 3.88 13.12 -26.32
CA SER A 633 4.10 12.52 -27.63
C SER A 633 2.92 11.67 -28.09
N GLU A 634 2.05 11.26 -27.14
CA GLU A 634 0.80 10.63 -27.52
C GLU A 634 0.00 11.48 -28.49
N PHE A 635 0.32 12.77 -28.57
CA PHE A 635 -0.44 13.69 -29.42
C PHE A 635 0.36 14.12 -30.64
N LYS A 636 1.48 13.47 -30.95
CA LYS A 636 2.40 14.06 -31.93
C LYS A 636 1.81 14.13 -33.35
N ASN A 637 0.74 13.40 -33.66
CA ASN A 637 0.17 13.45 -35.00
C ASN A 637 -0.96 14.45 -35.13
N ILE A 638 -1.32 15.12 -34.04
CA ILE A 638 -2.44 16.06 -34.08
C ILE A 638 -2.01 17.30 -34.83
N THR A 639 -2.90 17.80 -35.70
CA THR A 639 -2.64 19.02 -36.44
C THR A 639 -3.80 19.99 -36.30
N VAL A 640 -3.54 21.23 -36.67
CA VAL A 640 -4.56 22.26 -36.71
C VAL A 640 -4.97 22.43 -38.16
N ARG A 641 -6.19 21.98 -38.50
CA ARG A 641 -6.70 22.09 -39.85
C ARG A 641 -7.31 23.46 -40.08
N GLU A 642 -7.13 23.97 -41.30
CA GLU A 642 -7.63 25.30 -41.64
C GLU A 642 -9.09 25.46 -41.23
N GLU A 643 -9.93 24.47 -41.56
CA GLU A 643 -11.35 24.56 -41.27
C GLU A 643 -11.64 24.63 -39.77
N GLU A 644 -10.72 24.19 -38.92
CA GLU A 644 -10.90 24.24 -37.48
C GLU A 644 -10.48 25.57 -36.88
N LYS A 645 -9.94 26.49 -37.68
CA LYS A 645 -9.17 27.55 -37.05
C LYS A 645 -10.04 28.66 -36.51
N LEU A 646 -11.20 28.91 -37.15
CA LEU A 646 -12.07 29.97 -36.62
C LEU A 646 -12.68 29.55 -35.29
N GLU A 647 -13.30 28.36 -35.24
CA GLU A 647 -13.87 27.88 -33.98
C GLU A 647 -12.82 27.83 -32.88
N LEU A 648 -11.65 27.26 -33.17
CA LEU A 648 -10.58 27.24 -32.17
C LEU A 648 -10.25 28.65 -31.71
N GLN A 649 -10.15 29.61 -32.63
CA GLN A 649 -9.80 30.95 -32.18
C GLN A 649 -10.85 31.46 -31.21
N LYS A 650 -12.12 31.20 -31.50
CA LYS A 650 -13.21 31.58 -30.61
C LYS A 650 -13.02 30.98 -29.22
N LEU A 651 -12.57 29.74 -29.15
CA LEU A 651 -12.35 29.14 -27.84
C LEU A 651 -11.11 29.72 -27.17
N LEU A 652 -10.06 29.99 -27.95
CA LEU A 652 -8.81 30.45 -27.36
C LEU A 652 -8.99 31.79 -26.65
N GLU A 653 -9.67 32.74 -27.29
CA GLU A 653 -9.78 34.11 -26.77
C GLU A 653 -10.64 34.14 -25.51
N ARG A 654 -11.19 32.99 -25.14
CA ARG A 654 -12.04 32.89 -23.96
C ARG A 654 -11.53 31.92 -22.90
N VAL A 655 -10.56 31.05 -23.19
CA VAL A 655 -10.17 30.01 -22.22
C VAL A 655 -9.76 30.65 -20.91
N PRO A 656 -10.09 30.05 -19.75
CA PRO A 656 -9.71 30.67 -18.46
C PRO A 656 -8.23 30.57 -18.14
N ILE A 657 -7.50 29.61 -18.69
CA ILE A 657 -6.06 29.49 -18.51
C ILE A 657 -5.39 30.02 -19.78
N PRO A 658 -4.63 31.12 -19.73
CA PRO A 658 -4.05 31.65 -20.95
C PRO A 658 -3.16 30.64 -21.66
N VAL A 659 -3.14 30.73 -22.99
CA VAL A 659 -2.26 29.93 -23.86
C VAL A 659 -1.24 30.87 -24.48
N LYS A 660 0.04 30.55 -24.34
CA LYS A 660 1.06 31.48 -24.83
C LYS A 660 1.26 31.33 -26.35
N GLU A 661 1.24 30.12 -26.88
CA GLU A 661 1.60 29.98 -28.28
C GLU A 661 0.40 30.21 -29.20
N SER A 662 0.70 30.35 -30.49
CA SER A 662 -0.30 30.65 -31.50
C SER A 662 -1.18 29.44 -31.81
N ILE A 663 -2.31 29.70 -32.47
CA ILE A 663 -3.20 28.64 -32.92
C ILE A 663 -2.67 27.95 -34.17
N GLU A 664 -1.52 28.38 -34.68
CA GLU A 664 -0.83 27.55 -35.67
C GLU A 664 -0.27 26.29 -35.04
N GLU A 665 -0.05 26.30 -33.73
CA GLU A 665 0.64 25.12 -33.27
C GLU A 665 -0.34 24.12 -32.68
N PRO A 666 -0.14 22.86 -33.01
CA PRO A 666 -0.96 21.79 -32.41
C PRO A 666 -1.11 21.90 -30.90
N SER A 667 -0.04 22.26 -30.18
CA SER A 667 -0.11 22.21 -28.73
C SER A 667 -1.17 23.18 -28.21
N ALA A 668 -1.42 24.27 -28.92
CA ALA A 668 -2.44 25.20 -28.51
C ALA A 668 -3.84 24.61 -28.70
N LYS A 669 -4.02 23.86 -29.81
CA LYS A 669 -5.30 23.18 -30.02
C LYS A 669 -5.54 22.14 -28.93
N ILE A 670 -4.51 21.38 -28.57
CA ILE A 670 -4.63 20.36 -27.55
C ILE A 670 -5.00 20.99 -26.20
N ASN A 671 -4.25 22.02 -25.80
CA ASN A 671 -4.53 22.82 -24.61
C ASN A 671 -5.99 23.26 -24.56
N VAL A 672 -6.40 23.99 -25.60
CA VAL A 672 -7.76 24.50 -25.67
C VAL A 672 -8.78 23.37 -25.57
N LEU A 673 -8.54 22.24 -26.27
CA LEU A 673 -9.49 21.13 -26.19
C LEU A 673 -9.63 20.59 -24.77
N LEU A 674 -8.52 20.43 -24.05
CA LEU A 674 -8.63 19.97 -22.66
C LEU A 674 -9.48 20.94 -21.85
N GLN A 675 -9.15 22.23 -21.94
CA GLN A 675 -9.89 23.25 -21.18
C GLN A 675 -11.37 23.27 -21.57
N ALA A 676 -11.67 23.07 -22.85
CA ALA A 676 -13.07 23.03 -23.28
C ALA A 676 -13.77 21.82 -22.69
N PHE A 677 -13.07 20.69 -22.63
CA PHE A 677 -13.62 19.50 -22.00
C PHE A 677 -13.96 19.73 -20.53
N ILE A 678 -13.02 20.31 -19.77
CA ILE A 678 -13.27 20.59 -18.36
C ILE A 678 -14.45 21.51 -18.19
N SER A 679 -14.59 22.51 -19.07
CA SER A 679 -15.72 23.42 -19.01
C SER A 679 -16.99 22.86 -19.64
N GLN A 680 -16.95 21.63 -20.19
CA GLN A 680 -18.10 21.02 -20.86
C GLN A 680 -18.63 21.90 -21.99
N LEU A 681 -17.76 22.26 -22.91
CA LEU A 681 -18.23 22.99 -24.08
C LEU A 681 -18.59 22.02 -25.20
N LYS A 682 -19.58 22.41 -25.98
CA LYS A 682 -19.96 21.69 -27.20
C LYS A 682 -19.18 22.29 -28.36
N LEU A 683 -18.46 21.46 -29.08
CA LEU A 683 -17.78 21.91 -30.29
C LEU A 683 -18.58 21.47 -31.51
N GLU A 684 -18.26 22.09 -32.66
CA GLU A 684 -19.03 21.86 -33.89
C GLU A 684 -18.31 20.99 -34.90
N GLY A 685 -17.05 21.29 -35.22
CA GLY A 685 -16.26 20.44 -36.10
C GLY A 685 -16.20 18.98 -35.69
N PHE A 686 -16.42 18.07 -36.64
CA PHE A 686 -16.39 16.64 -36.32
C PHE A 686 -15.00 16.22 -35.86
N ALA A 687 -13.97 16.74 -36.54
CA ALA A 687 -12.60 16.43 -36.17
C ALA A 687 -12.25 16.97 -34.79
N LEU A 688 -12.71 18.18 -34.45
CA LEU A 688 -12.39 18.74 -33.15
C LEU A 688 -12.99 17.92 -32.03
N MET A 689 -14.18 17.36 -32.24
CA MET A 689 -14.80 16.58 -31.19
C MET A 689 -14.08 15.25 -30.98
N ALA A 690 -13.76 14.55 -32.07
CA ALA A 690 -13.04 13.28 -31.90
C ALA A 690 -11.65 13.52 -31.34
N ASP A 691 -11.00 14.62 -31.74
CA ASP A 691 -9.72 14.97 -31.18
C ASP A 691 -9.83 15.27 -29.68
N MET A 692 -10.91 15.94 -29.26
CA MET A 692 -11.12 16.19 -27.84
C MET A 692 -11.24 14.87 -27.10
N VAL A 693 -12.04 13.95 -27.62
CA VAL A 693 -12.19 12.64 -27.00
C VAL A 693 -10.82 12.00 -26.76
N TYR A 694 -10.00 11.91 -27.82
CA TYR A 694 -8.69 11.27 -27.69
C TYR A 694 -7.81 11.96 -26.65
N VAL A 695 -7.73 13.29 -26.73
CA VAL A 695 -6.91 14.09 -25.81
C VAL A 695 -7.33 13.83 -24.37
N THR A 696 -8.62 13.84 -24.11
CA THR A 696 -9.06 13.79 -22.73
C THR A 696 -9.11 12.37 -22.19
N GLN A 697 -9.35 11.38 -23.03
CA GLN A 697 -9.17 10.01 -22.60
C GLN A 697 -7.75 9.78 -22.12
N SER A 698 -6.77 10.41 -22.78
CA SER A 698 -5.38 10.24 -22.34
C SER A 698 -5.06 11.05 -21.08
N ALA A 699 -5.75 12.19 -20.92
CA ALA A 699 -5.30 13.19 -19.95
C ALA A 699 -5.26 12.65 -18.52
N GLY A 700 -6.23 11.83 -18.14
CA GLY A 700 -6.28 11.34 -16.76
C GLY A 700 -4.99 10.65 -16.33
N ARG A 701 -4.53 9.71 -17.15
CA ARG A 701 -3.35 8.97 -16.74
C ARG A 701 -2.06 9.76 -17.00
N LEU A 702 -2.01 10.58 -18.05
CA LEU A 702 -0.85 11.48 -18.21
C LEU A 702 -0.71 12.44 -17.02
N MET A 703 -1.83 13.00 -16.56
CA MET A 703 -1.73 13.99 -15.49
C MET A 703 -1.46 13.33 -14.15
N ARG A 704 -1.97 12.11 -13.94
CA ARG A 704 -1.55 11.37 -12.73
C ARG A 704 -0.07 11.03 -12.77
N ALA A 705 0.49 10.76 -13.95
CA ALA A 705 1.94 10.57 -13.99
C ALA A 705 2.67 11.85 -13.57
N ILE A 706 2.28 12.98 -14.15
CA ILE A 706 2.89 14.24 -13.74
C ILE A 706 2.76 14.43 -12.24
N PHE A 707 1.57 14.14 -11.70
CA PHE A 707 1.35 14.28 -10.26
C PHE A 707 2.33 13.43 -9.47
N GLU A 708 2.52 12.17 -9.88
CA GLU A 708 3.43 11.32 -9.10
C GLU A 708 4.85 11.86 -9.15
N ILE A 709 5.27 12.37 -10.32
CA ILE A 709 6.62 12.94 -10.46
C ILE A 709 6.83 14.08 -9.46
N VAL A 710 5.98 15.11 -9.55
CA VAL A 710 6.23 16.32 -8.77
C VAL A 710 5.97 16.05 -7.29
N LEU A 711 5.04 15.16 -6.94
CA LEU A 711 4.86 14.83 -5.54
C LEU A 711 6.13 14.21 -4.97
N ASN A 712 6.72 13.25 -5.69
CA ASN A 712 7.86 12.57 -5.08
C ASN A 712 9.11 13.43 -5.09
N ARG A 713 9.16 14.44 -5.93
CA ARG A 713 10.21 15.44 -5.76
C ARG A 713 9.95 16.42 -4.62
N GLY A 714 8.78 16.42 -4.01
CA GLY A 714 8.55 17.34 -2.92
C GLY A 714 8.12 18.73 -3.31
N TRP A 715 7.63 18.91 -4.54
CA TRP A 715 7.27 20.23 -5.07
C TRP A 715 5.85 20.59 -4.63
N ALA A 716 5.73 21.35 -3.55
CA ALA A 716 4.42 21.54 -2.90
C ALA A 716 3.39 22.21 -3.81
N GLN A 717 3.73 23.35 -4.38
CA GLN A 717 2.74 24.10 -5.15
C GLN A 717 2.34 23.35 -6.41
N LEU A 718 3.31 22.72 -7.09
CA LEU A 718 2.94 22.03 -8.32
C LEU A 718 2.23 20.71 -8.00
N THR A 719 2.58 20.07 -6.91
CA THR A 719 1.79 18.93 -6.48
C THR A 719 0.33 19.31 -6.32
N ASP A 720 0.08 20.45 -5.68
CA ASP A 720 -1.28 20.91 -5.50
C ASP A 720 -1.99 21.19 -6.83
N LYS A 721 -1.33 21.93 -7.73
CA LYS A 721 -1.94 22.26 -9.02
C LYS A 721 -2.22 21.01 -9.87
N THR A 722 -1.31 20.01 -9.85
CA THR A 722 -1.50 18.86 -10.72
C THR A 722 -2.53 17.88 -10.13
N LEU A 723 -2.56 17.70 -8.80
CA LEU A 723 -3.64 16.90 -8.24
C LEU A 723 -4.99 17.56 -8.52
N ASN A 724 -5.04 18.89 -8.43
CA ASN A 724 -6.28 19.58 -8.78
C ASN A 724 -6.67 19.36 -10.22
N LEU A 725 -5.70 19.39 -11.14
CA LEU A 725 -6.05 19.20 -12.53
C LEU A 725 -6.52 17.77 -12.81
N CYS A 726 -5.85 16.76 -12.22
CA CYS A 726 -6.39 15.38 -12.29
C CYS A 726 -7.86 15.36 -11.91
N LYS A 727 -8.19 16.02 -10.79
CA LYS A 727 -9.58 15.97 -10.32
C LYS A 727 -10.51 16.75 -11.21
N MET A 728 -10.05 17.86 -11.80
CA MET A 728 -10.92 18.61 -12.68
C MET A 728 -11.19 17.83 -13.96
N ILE A 729 -10.19 17.10 -14.45
CA ILE A 729 -10.43 16.26 -15.62
C ILE A 729 -11.45 15.18 -15.28
N ASP A 730 -11.32 14.58 -14.10
CA ASP A 730 -12.22 13.47 -13.75
C ASP A 730 -13.64 13.95 -13.51
N LYS A 731 -13.81 15.07 -12.79
CA LYS A 731 -15.13 15.59 -12.45
C LYS A 731 -15.69 16.51 -13.52
N ARG A 732 -14.88 16.92 -14.48
CA ARG A 732 -15.33 17.79 -15.56
C ARG A 732 -15.89 19.11 -15.04
N MET A 733 -15.08 19.79 -14.21
CA MET A 733 -15.43 21.08 -13.67
C MET A 733 -14.19 21.72 -13.05
N TRP A 734 -14.23 23.04 -12.93
CA TRP A 734 -13.18 23.80 -12.29
C TRP A 734 -13.45 23.93 -10.79
N GLN A 735 -12.35 24.13 -10.05
CA GLN A 735 -12.40 24.47 -8.62
C GLN A 735 -13.51 25.43 -8.26
N SER A 736 -13.64 26.51 -9.04
CA SER A 736 -14.59 27.59 -8.77
C SER A 736 -16.04 27.11 -8.67
N MET A 737 -16.37 25.97 -9.25
CA MET A 737 -17.76 25.55 -9.26
C MET A 737 -18.17 24.97 -7.91
N CYS A 738 -19.48 24.97 -7.66
CA CYS A 738 -19.96 24.52 -6.38
C CYS A 738 -19.59 23.05 -6.19
N PRO A 739 -18.81 22.71 -5.20
CA PRO A 739 -18.41 21.32 -5.00
C PRO A 739 -19.58 20.35 -4.94
N LEU A 740 -20.77 20.87 -4.59
CA LEU A 740 -21.99 20.07 -4.59
C LEU A 740 -22.35 19.53 -5.98
N ARG A 741 -21.80 20.10 -7.07
CA ARG A 741 -22.01 19.49 -8.38
C ARG A 741 -21.51 18.05 -8.42
N GLN A 742 -20.60 17.68 -7.52
CA GLN A 742 -20.07 16.32 -7.55
C GLN A 742 -21.06 15.29 -7.05
N PHE A 743 -22.19 15.72 -6.49
CA PHE A 743 -23.28 14.80 -6.20
C PHE A 743 -24.19 14.79 -7.43
N ARG A 744 -24.04 13.75 -8.25
CA ARG A 744 -24.77 13.72 -9.53
C ARG A 744 -26.28 13.82 -9.33
N LYS A 745 -26.79 13.38 -8.17
CA LYS A 745 -28.22 13.37 -7.93
C LYS A 745 -28.78 14.77 -7.66
N LEU A 746 -27.95 15.72 -7.23
CA LEU A 746 -28.47 17.03 -6.89
C LEU A 746 -28.84 17.80 -8.16
N PRO A 747 -30.08 18.29 -8.28
CA PRO A 747 -30.50 18.93 -9.54
C PRO A 747 -29.73 20.21 -9.82
N GLU A 748 -29.24 20.32 -11.06
CA GLU A 748 -28.32 21.39 -11.45
C GLU A 748 -28.85 22.77 -11.12
N GLU A 749 -30.17 22.96 -11.17
CA GLU A 749 -30.72 24.30 -11.03
C GLU A 749 -30.39 24.90 -9.67
N VAL A 750 -30.57 24.11 -8.61
CA VAL A 750 -30.31 24.61 -7.26
C VAL A 750 -28.83 24.90 -7.06
N VAL A 751 -27.97 24.12 -7.72
CA VAL A 751 -26.54 24.36 -7.60
C VAL A 751 -26.17 25.65 -8.29
N LYS A 752 -26.77 25.91 -9.47
CA LYS A 752 -26.54 27.18 -10.14
C LYS A 752 -27.01 28.34 -9.27
N LYS A 753 -28.16 28.18 -8.62
CA LYS A 753 -28.63 29.22 -7.70
C LYS A 753 -27.62 29.46 -6.59
N ILE A 754 -27.08 28.39 -6.01
CA ILE A 754 -26.09 28.54 -4.94
C ILE A 754 -24.84 29.23 -5.47
N GLU A 755 -24.47 28.95 -6.72
CA GLU A 755 -23.26 29.53 -7.28
C GLU A 755 -23.42 31.01 -7.56
N LYS A 756 -24.57 31.41 -8.12
CA LYS A 756 -24.84 32.81 -8.38
C LYS A 756 -24.53 33.66 -7.16
N LYS A 757 -24.98 33.21 -5.99
CA LYS A 757 -24.55 33.83 -4.75
C LYS A 757 -23.10 33.45 -4.46
N ASN A 758 -22.25 34.44 -4.28
CA ASN A 758 -20.80 34.21 -4.23
C ASN A 758 -20.32 33.65 -2.90
N PHE A 759 -21.18 33.58 -1.88
CA PHE A 759 -20.75 33.28 -0.52
C PHE A 759 -20.03 31.94 -0.44
N PRO A 760 -19.14 31.76 0.54
CA PRO A 760 -18.34 30.54 0.62
C PRO A 760 -19.19 29.30 0.94
N PHE A 761 -18.88 28.20 0.24
CA PHE A 761 -19.47 26.91 0.56
C PHE A 761 -19.30 26.58 2.03
N GLU A 762 -18.17 26.95 2.62
CA GLU A 762 -17.92 26.66 4.03
C GLU A 762 -19.02 27.22 4.93
N ARG A 763 -19.59 28.36 4.56
CA ARG A 763 -20.66 28.94 5.38
C ARG A 763 -21.81 27.97 5.59
N LEU A 764 -22.07 27.11 4.59
CA LEU A 764 -23.18 26.16 4.69
C LEU A 764 -23.08 25.29 5.93
N TYR A 765 -21.86 25.08 6.45
CA TYR A 765 -21.72 24.19 7.60
C TYR A 765 -22.41 24.74 8.83
N ASP A 766 -22.47 26.06 8.97
CA ASP A 766 -23.00 26.66 10.18
C ASP A 766 -24.47 27.01 10.06
N LEU A 767 -25.17 26.46 9.07
CA LEU A 767 -26.58 26.68 8.84
C LEU A 767 -27.36 25.39 9.05
N ASN A 768 -28.67 25.53 9.11
CA ASN A 768 -29.58 24.39 9.18
C ASN A 768 -30.59 24.45 8.06
N HIS A 769 -31.44 23.41 8.01
CA HIS A 769 -32.47 23.28 6.99
C HIS A 769 -33.12 24.62 6.67
N ASN A 770 -33.54 25.34 7.72
CA ASN A 770 -34.23 26.60 7.54
C ASN A 770 -33.33 27.66 6.89
N GLU A 771 -32.20 27.96 7.52
CA GLU A 771 -31.33 29.01 6.99
C GLU A 771 -30.79 28.65 5.62
N ILE A 772 -30.60 27.36 5.35
CA ILE A 772 -30.14 26.94 4.04
C ILE A 772 -31.22 27.21 3.00
N GLY A 773 -32.46 26.80 3.29
CA GLY A 773 -33.57 27.14 2.41
C GLY A 773 -33.72 28.62 2.18
N GLU A 774 -33.43 29.44 3.20
CA GLU A 774 -33.63 30.88 3.08
C GLU A 774 -32.49 31.58 2.33
N LEU A 775 -31.26 31.10 2.47
CA LEU A 775 -30.13 31.82 1.88
C LEU A 775 -30.20 31.79 0.36
N ILE A 776 -30.54 30.63 -0.22
CA ILE A 776 -30.75 30.55 -1.66
C ILE A 776 -32.18 30.86 -2.04
N ARG A 777 -33.03 31.14 -1.05
CA ARG A 777 -34.41 31.54 -1.22
C ARG A 777 -35.26 30.43 -1.83
N MET A 778 -34.87 29.18 -1.63
CA MET A 778 -35.65 28.02 -2.05
C MET A 778 -35.83 27.09 -0.86
N PRO A 779 -36.84 27.34 -0.02
CA PRO A 779 -37.02 26.50 1.19
C PRO A 779 -37.26 25.02 0.90
N LYS A 780 -37.93 24.70 -0.21
CA LYS A 780 -38.26 23.31 -0.54
C LYS A 780 -37.06 22.38 -0.52
N MET A 781 -35.84 22.91 -0.66
CA MET A 781 -34.66 22.07 -0.73
C MET A 781 -33.78 22.13 0.50
N GLY A 782 -34.08 23.02 1.45
CA GLY A 782 -33.19 23.24 2.57
C GLY A 782 -32.79 21.96 3.29
N LYS A 783 -33.65 20.95 3.27
CA LYS A 783 -33.31 19.71 3.94
C LYS A 783 -32.29 18.91 3.15
N THR A 784 -32.56 18.68 1.86
CA THR A 784 -31.68 17.76 1.14
C THR A 784 -30.32 18.41 0.90
N ILE A 785 -30.29 19.72 0.64
CA ILE A 785 -29.01 20.43 0.63
C ILE A 785 -28.25 20.15 1.91
N HIS A 786 -28.92 20.28 3.07
CA HIS A 786 -28.26 20.05 4.34
C HIS A 786 -27.68 18.64 4.38
N LYS A 787 -28.45 17.68 3.86
CA LYS A 787 -27.94 16.32 3.75
C LYS A 787 -26.65 16.30 2.94
N TYR A 788 -26.68 16.85 1.73
CA TYR A 788 -25.54 16.68 0.86
C TYR A 788 -24.32 17.41 1.41
N VAL A 789 -24.53 18.60 1.97
CA VAL A 789 -23.48 19.33 2.66
C VAL A 789 -22.75 18.43 3.65
N HIS A 790 -23.49 17.60 4.38
CA HIS A 790 -22.83 16.78 5.40
C HIS A 790 -22.46 15.39 4.90
N LEU A 791 -22.78 15.05 3.66
CA LEU A 791 -22.12 13.92 3.01
C LEU A 791 -20.78 14.29 2.39
N PHE A 792 -20.49 15.58 2.23
CA PHE A 792 -19.27 15.97 1.57
C PHE A 792 -18.09 15.59 2.45
N PRO A 793 -17.13 14.81 1.96
CA PRO A 793 -16.03 14.37 2.82
C PRO A 793 -15.35 15.56 3.52
N LYS A 794 -15.09 15.40 4.81
CA LYS A 794 -14.53 16.46 5.63
C LYS A 794 -13.81 15.85 6.82
N LEU A 795 -12.61 16.34 7.12
CA LEU A 795 -11.79 15.77 8.19
C LEU A 795 -11.35 16.87 9.14
N GLU A 796 -11.48 16.63 10.45
CA GLU A 796 -10.88 17.48 11.47
C GLU A 796 -9.50 16.96 11.86
N LEU A 797 -8.56 17.86 12.10
CA LEU A 797 -7.18 17.46 12.37
C LEU A 797 -6.70 18.02 13.69
N SER A 798 -5.86 17.27 14.40
CA SER A 798 -5.15 17.88 15.51
C SER A 798 -3.82 17.15 15.74
N VAL A 799 -2.84 17.85 16.32
CA VAL A 799 -1.54 17.23 16.45
C VAL A 799 -1.11 17.19 17.90
N HIS A 800 -0.31 16.19 18.19
CA HIS A 800 0.52 16.15 19.37
C HIS A 800 1.97 16.18 18.87
N LEU A 801 2.67 17.25 19.19
CA LEU A 801 4.09 17.42 18.85
C LEU A 801 4.96 16.78 19.92
N GLN A 802 5.90 15.93 19.52
CA GLN A 802 6.72 15.16 20.44
C GLN A 802 8.18 15.31 20.06
N PRO A 803 8.86 16.32 20.60
CA PRO A 803 10.27 16.53 20.21
C PRO A 803 11.11 15.31 20.54
N ILE A 804 11.94 14.90 19.59
CA ILE A 804 12.91 13.83 19.83
C ILE A 804 14.27 14.39 20.20
N THR A 805 14.75 15.38 19.44
CA THR A 805 15.97 16.10 19.71
C THR A 805 15.72 17.57 19.39
N ARG A 806 16.78 18.36 19.31
CA ARG A 806 16.56 19.74 18.92
C ARG A 806 16.39 19.89 17.43
N SER A 807 16.60 18.83 16.65
CA SER A 807 16.49 18.92 15.20
C SER A 807 15.57 17.87 14.60
N THR A 808 14.93 17.02 15.41
CA THR A 808 13.98 16.03 14.92
C THR A 808 12.75 16.02 15.80
N LEU A 809 11.61 16.11 15.16
CA LEU A 809 10.33 16.24 15.83
C LEU A 809 9.44 15.09 15.37
N LYS A 810 8.82 14.41 16.33
CA LYS A 810 7.84 13.38 16.06
C LYS A 810 6.47 14.03 16.10
N VAL A 811 5.63 13.72 15.11
CA VAL A 811 4.28 14.26 15.08
C VAL A 811 3.29 13.11 15.09
N GLU A 812 2.34 13.18 16.01
CA GLU A 812 1.18 12.30 16.03
C GLU A 812 -0.02 13.12 15.55
N LEU A 813 -0.47 12.82 14.35
CA LEU A 813 -1.65 13.45 13.76
C LEU A 813 -2.87 12.60 14.08
N THR A 814 -3.90 13.23 14.65
CA THR A 814 -5.20 12.61 14.82
C THR A 814 -6.14 13.13 13.74
N ILE A 815 -6.69 12.21 12.95
CA ILE A 815 -7.67 12.49 11.92
C ILE A 815 -9.04 12.06 12.43
N THR A 816 -9.97 13.00 12.49
CA THR A 816 -11.31 12.67 12.92
C THR A 816 -12.28 12.93 11.77
N PRO A 817 -12.99 11.91 11.27
CA PRO A 817 -13.96 12.13 10.20
C PRO A 817 -15.09 13.02 10.68
N ASP A 818 -15.47 13.98 9.85
CA ASP A 818 -16.49 14.92 10.26
C ASP A 818 -17.57 15.03 9.21
N PHE A 819 -18.00 13.88 8.69
CA PHE A 819 -19.09 13.83 7.73
C PHE A 819 -19.84 12.52 7.92
N GLN A 820 -21.02 12.45 7.33
CA GLN A 820 -21.85 11.24 7.36
C GLN A 820 -21.48 10.35 6.18
N TRP A 821 -21.18 9.10 6.45
CA TRP A 821 -20.85 8.17 5.36
C TRP A 821 -22.11 7.68 4.64
N ASP A 822 -21.99 7.41 3.34
CA ASP A 822 -23.09 6.85 2.56
C ASP A 822 -22.48 6.09 1.40
N GLU A 823 -22.61 4.76 1.42
CA GLU A 823 -22.02 3.93 0.37
C GLU A 823 -22.43 4.37 -1.02
N LYS A 824 -23.58 5.03 -1.17
CA LYS A 824 -24.03 5.44 -2.51
C LYS A 824 -23.19 6.57 -3.10
N VAL A 825 -22.45 7.30 -2.27
CA VAL A 825 -21.58 8.35 -2.78
C VAL A 825 -20.12 8.14 -2.41
N HIS A 826 -19.82 7.40 -1.34
CA HIS A 826 -18.45 7.18 -0.89
C HIS A 826 -17.91 5.80 -1.23
N GLY A 827 -18.74 4.89 -1.74
CA GLY A 827 -18.23 3.54 -1.97
C GLY A 827 -17.85 2.89 -0.67
N SER A 828 -16.81 2.07 -0.72
CA SER A 828 -16.32 1.40 0.48
C SER A 828 -15.05 2.01 1.06
N SER A 829 -14.48 3.05 0.43
CA SER A 829 -13.32 3.72 0.97
C SER A 829 -13.18 5.09 0.33
N GLU A 830 -12.46 5.97 1.02
CA GLU A 830 -12.12 7.30 0.52
C GLU A 830 -10.65 7.54 0.77
N ALA A 831 -9.93 7.96 -0.26
CA ALA A 831 -8.49 8.11 -0.18
C ALA A 831 -8.10 9.59 -0.06
N PHE A 832 -7.01 9.85 0.64
CA PHE A 832 -6.55 11.21 0.91
C PHE A 832 -5.04 11.19 0.87
N TRP A 833 -4.45 12.36 0.57
CA TRP A 833 -3.01 12.58 0.70
C TRP A 833 -2.76 13.46 1.91
N ILE A 834 -1.85 13.03 2.77
CA ILE A 834 -1.40 13.83 3.90
C ILE A 834 -0.07 14.42 3.45
N LEU A 835 0.01 15.75 3.39
CA LEU A 835 1.17 16.49 2.93
C LEU A 835 1.60 17.42 4.07
N VAL A 836 2.82 17.23 4.56
CA VAL A 836 3.42 18.08 5.56
C VAL A 836 4.37 18.98 4.80
N GLU A 837 4.12 20.29 4.87
CA GLU A 837 4.75 21.33 4.05
C GLU A 837 5.44 22.35 4.94
N ASP A 838 6.52 22.95 4.41
CA ASP A 838 7.37 23.85 5.19
C ASP A 838 6.72 25.21 5.34
N VAL A 839 7.48 26.12 5.98
CA VAL A 839 7.02 27.44 6.37
C VAL A 839 6.35 28.16 5.22
N ASP A 840 6.93 28.01 4.01
CA ASP A 840 6.58 28.76 2.82
C ASP A 840 5.59 28.02 1.94
N SER A 841 5.17 26.83 2.35
CA SER A 841 4.34 25.98 1.52
C SER A 841 5.03 25.71 0.18
N GLU A 842 6.35 25.51 0.20
CA GLU A 842 7.08 25.26 -1.04
C GLU A 842 7.65 23.85 -1.15
N VAL A 843 8.08 23.26 -0.04
CA VAL A 843 8.67 21.92 -0.01
C VAL A 843 7.74 21.01 0.79
N ILE A 844 7.47 19.82 0.25
CA ILE A 844 6.75 18.79 1.00
C ILE A 844 7.78 18.04 1.84
N LEU A 845 7.78 18.28 3.16
CA LEU A 845 8.72 17.61 4.06
C LEU A 845 8.33 16.15 4.30
N HIS A 846 7.04 15.85 4.22
CA HIS A 846 6.66 14.46 4.39
C HIS A 846 5.34 14.26 3.67
N HIS A 847 5.08 13.07 3.15
CA HIS A 847 3.72 12.82 2.64
C HIS A 847 3.39 11.36 2.77
N GLU A 848 2.08 11.05 2.73
CA GLU A 848 1.68 9.65 2.67
C GLU A 848 0.20 9.52 2.27
N TYR A 849 -0.12 8.34 1.74
CA TYR A 849 -1.47 7.99 1.34
C TYR A 849 -2.28 7.57 2.56
N PHE A 850 -3.52 8.00 2.63
CA PHE A 850 -4.37 7.69 3.77
C PHE A 850 -5.71 7.17 3.24
N LEU A 851 -6.11 5.99 3.68
CA LEU A 851 -7.34 5.38 3.19
C LEU A 851 -8.33 5.29 4.35
N LEU A 852 -9.46 5.97 4.20
CA LEU A 852 -10.54 5.90 5.17
C LEU A 852 -11.56 4.87 4.69
N LYS A 853 -11.55 3.69 5.31
CA LYS A 853 -12.48 2.61 4.96
C LYS A 853 -13.85 2.83 5.60
N ALA A 854 -14.89 2.42 4.87
CA ALA A 854 -16.26 2.48 5.39
C ALA A 854 -16.37 1.97 6.82
N LYS A 855 -15.70 0.85 7.13
CA LYS A 855 -15.90 0.26 8.45
C LYS A 855 -15.29 1.11 9.56
N TYR A 856 -14.33 1.97 9.25
CA TYR A 856 -13.76 2.85 10.26
C TYR A 856 -14.20 4.29 10.08
N ALA A 857 -15.34 4.52 9.43
CA ALA A 857 -15.73 5.87 9.02
C ALA A 857 -16.04 6.79 10.18
N GLN A 858 -16.32 6.26 11.37
CA GLN A 858 -16.62 7.06 12.54
C GLN A 858 -15.48 7.05 13.55
N ASP A 859 -14.35 6.44 13.23
CA ASP A 859 -13.24 6.30 14.17
C ASP A 859 -12.18 7.35 13.91
N GLU A 860 -11.54 7.79 14.98
CA GLU A 860 -10.31 8.57 14.89
C GLU A 860 -9.16 7.70 14.44
N HIS A 861 -8.30 8.26 13.60
CA HIS A 861 -7.14 7.55 13.08
C HIS A 861 -5.88 8.29 13.49
N LEU A 862 -4.87 7.54 13.91
CA LEU A 862 -3.63 8.14 14.39
C LEU A 862 -2.54 7.79 13.41
N ILE A 863 -1.87 8.81 12.92
CA ILE A 863 -0.73 8.68 12.04
C ILE A 863 0.45 9.33 12.75
N THR A 864 1.63 8.73 12.62
CA THR A 864 2.84 9.25 13.23
C THR A 864 3.93 9.33 12.19
N PHE A 865 4.68 10.42 12.21
CA PHE A 865 5.79 10.57 11.28
C PHE A 865 6.79 11.53 11.91
N PHE A 866 7.95 11.65 11.28
CA PHE A 866 9.05 12.49 11.73
C PHE A 866 9.27 13.62 10.74
N VAL A 867 9.54 14.83 11.23
CA VAL A 867 10.02 15.87 10.33
C VAL A 867 11.27 16.49 10.94
N PRO A 868 12.11 17.09 10.10
CA PRO A 868 13.24 17.85 10.62
C PRO A 868 12.79 19.22 11.06
N VAL A 869 13.53 19.73 12.04
CA VAL A 869 13.38 21.07 12.55
C VAL A 869 14.78 21.65 12.74
N PHE A 870 14.85 22.95 12.99
CA PHE A 870 16.13 23.61 13.16
C PHE A 870 15.95 24.79 14.10
N GLU A 871 17.08 25.37 14.51
CA GLU A 871 17.09 26.55 15.34
C GLU A 871 17.68 27.73 14.60
N PRO A 872 17.11 28.93 14.71
CA PRO A 872 15.92 29.28 15.49
C PRO A 872 14.69 28.60 14.89
N LEU A 873 13.74 28.20 15.73
CA LEU A 873 12.58 27.47 15.25
C LEU A 873 11.88 28.28 14.16
N PRO A 874 11.44 27.64 13.08
CA PRO A 874 10.69 28.35 12.07
C PRO A 874 9.30 28.67 12.57
N PRO A 875 8.62 29.65 12.00
CA PRO A 875 7.29 30.03 12.52
C PRO A 875 6.31 28.86 12.62
N GLN A 876 6.17 28.05 11.56
CA GLN A 876 5.14 27.01 11.54
C GLN A 876 5.42 26.07 10.38
N TYR A 877 4.90 24.83 10.48
CA TYR A 877 4.67 24.01 9.28
C TYR A 877 3.17 23.93 8.99
N PHE A 878 2.79 23.26 7.91
CA PHE A 878 1.38 22.99 7.66
C PHE A 878 1.17 21.51 7.40
N ILE A 879 0.05 20.97 7.88
CA ILE A 879 -0.42 19.64 7.48
C ILE A 879 -1.70 19.83 6.66
N ARG A 880 -1.65 19.45 5.37
CA ARG A 880 -2.81 19.44 4.49
C ARG A 880 -3.24 18.01 4.27
N VAL A 881 -4.52 17.73 4.47
CA VAL A 881 -5.07 16.45 4.09
C VAL A 881 -6.09 16.72 3.00
N VAL A 882 -5.81 16.24 1.79
CA VAL A 882 -6.57 16.59 0.60
C VAL A 882 -7.12 15.31 0.01
N SER A 883 -8.37 15.36 -0.44
CA SER A 883 -8.97 14.18 -1.07
C SER A 883 -8.25 13.85 -2.37
N ASP A 884 -8.06 12.55 -2.62
CA ASP A 884 -7.50 12.14 -3.90
C ASP A 884 -8.51 12.25 -5.02
N ARG A 885 -9.82 12.43 -4.70
CA ARG A 885 -10.81 12.39 -5.78
C ARG A 885 -11.76 13.56 -5.78
N TRP A 886 -12.18 14.06 -4.61
CA TRP A 886 -13.15 15.15 -4.55
C TRP A 886 -12.42 16.47 -4.72
N LEU A 887 -12.94 17.31 -5.62
CA LEU A 887 -12.54 18.69 -5.70
C LEU A 887 -12.95 19.48 -4.47
N SER A 888 -12.13 20.47 -4.15
CA SER A 888 -12.30 21.39 -3.05
C SER A 888 -12.70 20.66 -1.77
N CYS A 889 -11.91 19.64 -1.46
CA CYS A 889 -12.10 18.77 -0.32
C CYS A 889 -10.74 18.63 0.40
N GLU A 890 -10.48 19.51 1.36
CA GLU A 890 -9.14 19.62 1.95
C GLU A 890 -9.29 20.23 3.33
N THR A 891 -8.40 19.86 4.24
CA THR A 891 -8.29 20.56 5.52
C THR A 891 -6.80 20.83 5.73
N GLN A 892 -6.45 22.05 6.12
CA GLN A 892 -5.07 22.39 6.41
C GLN A 892 -5.01 22.87 7.85
N LEU A 893 -4.10 22.28 8.62
CA LEU A 893 -3.82 22.59 10.02
C LEU A 893 -2.47 23.29 10.12
N PRO A 894 -2.43 24.57 10.45
CA PRO A 894 -1.14 25.19 10.75
C PRO A 894 -0.59 24.55 12.00
N VAL A 895 0.71 24.29 12.01
CA VAL A 895 1.40 23.67 13.14
C VAL A 895 2.41 24.70 13.63
N SER A 896 2.00 25.56 14.53
CA SER A 896 2.90 26.58 15.04
C SER A 896 3.86 25.97 16.05
N PHE A 897 5.05 26.55 16.10
CA PHE A 897 6.12 26.14 17.00
C PHE A 897 6.38 27.16 18.09
N ARG A 898 5.50 28.17 18.22
CA ARG A 898 5.79 29.24 19.16
C ARG A 898 5.90 28.72 20.59
N HIS A 899 5.20 27.63 20.90
CA HIS A 899 5.22 27.08 22.25
C HIS A 899 5.87 25.70 22.33
N LEU A 900 6.72 25.36 21.39
CA LEU A 900 7.38 24.07 21.40
C LEU A 900 8.51 24.10 22.42
N ILE A 901 8.50 23.15 23.35
CA ILE A 901 9.59 23.01 24.31
C ILE A 901 10.52 21.91 23.80
N LEU A 902 11.72 22.31 23.39
CA LEU A 902 12.79 21.43 22.91
C LEU A 902 13.60 20.89 24.08
N PRO A 903 14.01 19.62 23.99
CA PRO A 903 14.87 19.07 25.04
C PRO A 903 16.24 19.71 25.00
N GLU A 904 16.90 19.66 26.15
CA GLU A 904 18.28 20.14 26.25
C GLU A 904 19.19 19.41 25.27
N LYS A 905 20.08 20.16 24.62
CA LYS A 905 21.12 19.57 23.79
C LYS A 905 21.87 18.49 24.58
N TYR A 906 22.18 17.34 23.91
CA TYR A 906 22.68 16.30 24.78
C TYR A 906 24.16 16.53 25.15
N PRO A 907 24.58 16.04 26.31
CA PRO A 907 25.93 16.31 26.82
C PRO A 907 27.00 15.60 26.01
N PRO A 908 28.26 16.00 26.16
CA PRO A 908 29.36 15.26 25.56
C PRO A 908 29.41 13.83 26.10
N PRO A 909 30.06 12.92 25.39
CA PRO A 909 30.20 11.54 25.87
C PRO A 909 31.24 11.44 26.99
N THR A 910 31.26 10.27 27.65
CA THR A 910 32.40 9.99 28.52
C THR A 910 33.64 9.84 27.67
N GLU A 911 34.68 10.59 27.99
CA GLU A 911 35.93 10.50 27.26
C GLU A 911 36.52 9.10 27.39
N LEU A 912 36.98 8.55 26.26
CA LEU A 912 37.70 7.28 26.28
C LEU A 912 39.15 7.55 26.66
N LEU A 913 39.53 7.22 27.88
CA LEU A 913 40.92 7.40 28.31
C LEU A 913 41.82 6.39 27.62
N ASP A 914 43.05 6.81 27.32
CA ASP A 914 44.02 5.95 26.63
C ASP A 914 44.84 5.24 27.70
N LEU A 915 44.40 4.05 28.07
CA LEU A 915 44.95 3.30 29.18
C LEU A 915 45.72 2.09 28.66
N GLN A 916 46.64 1.62 29.48
CA GLN A 916 47.29 0.35 29.21
C GLN A 916 46.22 -0.72 29.10
N PRO A 917 46.18 -1.50 28.02
CA PRO A 917 45.20 -2.58 27.94
C PRO A 917 45.35 -3.49 29.14
N LEU A 918 44.21 -3.97 29.65
CA LEU A 918 44.19 -4.70 30.90
C LEU A 918 44.45 -6.17 30.62
N PRO A 919 45.55 -6.75 31.12
CA PRO A 919 45.74 -8.20 30.96
C PRO A 919 44.67 -8.95 31.73
N VAL A 920 44.37 -10.17 31.29
CA VAL A 920 43.36 -10.96 32.01
C VAL A 920 43.84 -11.24 33.43
N SER A 921 45.15 -11.26 33.64
CA SER A 921 45.71 -11.50 34.97
C SER A 921 45.25 -10.47 35.98
N ALA A 922 44.72 -9.34 35.53
CA ALA A 922 44.24 -8.35 36.46
C ALA A 922 43.10 -8.87 37.31
N LEU A 923 42.51 -10.02 36.95
CA LEU A 923 41.48 -10.62 37.77
C LEU A 923 41.99 -11.18 39.10
N ARG A 924 43.31 -11.29 39.26
CA ARG A 924 43.96 -11.91 40.43
C ARG A 924 43.18 -13.13 40.94
N ASN A 925 43.03 -14.11 40.06
CA ASN A 925 42.29 -15.32 40.40
C ASN A 925 42.36 -16.32 39.26
N SER A 926 43.10 -17.42 39.49
CA SER A 926 43.42 -18.35 38.41
C SER A 926 42.17 -19.01 37.84
N ALA A 927 41.24 -19.40 38.72
CA ALA A 927 39.97 -19.93 38.26
C ALA A 927 39.23 -18.92 37.39
N PHE A 928 39.16 -17.66 37.84
CA PHE A 928 38.49 -16.64 37.03
C PHE A 928 39.23 -16.44 35.71
N GLU A 929 40.56 -16.33 35.76
CA GLU A 929 41.35 -16.06 34.57
C GLU A 929 41.22 -17.16 33.53
N SER A 930 41.03 -18.41 33.96
CA SER A 930 40.86 -19.50 33.00
C SER A 930 39.64 -19.32 32.09
N LEU A 931 38.73 -18.39 32.39
CA LEU A 931 37.59 -18.19 31.52
C LEU A 931 37.93 -17.37 30.27
N TYR A 932 39.05 -16.65 30.27
CA TYR A 932 39.38 -15.74 29.18
C TYR A 932 40.77 -15.92 28.60
N GLN A 933 41.71 -16.52 29.31
CA GLN A 933 43.10 -16.44 28.90
C GLN A 933 43.39 -17.23 27.64
N ASP A 934 42.49 -18.11 27.21
CA ASP A 934 42.64 -18.78 25.92
C ASP A 934 42.01 -17.98 24.78
N LYS A 935 41.08 -17.08 25.11
CA LYS A 935 40.39 -16.27 24.11
C LYS A 935 41.24 -15.10 23.63
N PHE A 936 41.78 -14.30 24.57
CA PHE A 936 42.53 -13.11 24.24
C PHE A 936 43.51 -12.84 25.36
N PRO A 937 44.55 -12.01 25.11
CA PRO A 937 45.47 -11.66 26.20
C PRO A 937 45.04 -10.41 26.98
N PHE A 938 44.30 -9.51 26.35
CA PHE A 938 43.97 -8.21 26.92
C PHE A 938 42.48 -7.92 26.73
N PHE A 939 41.91 -7.19 27.69
CA PHE A 939 40.57 -6.66 27.51
C PHE A 939 40.62 -5.40 26.65
N ASN A 940 39.50 -5.08 26.02
CA ASN A 940 39.44 -3.96 25.09
C ASN A 940 39.42 -2.64 25.86
N PRO A 941 39.52 -1.50 25.15
CA PRO A 941 39.61 -0.22 25.89
C PRO A 941 38.42 0.05 26.81
N ILE A 942 37.21 -0.33 26.43
CA ILE A 942 36.05 -0.01 27.27
C ILE A 942 36.05 -0.88 28.52
N GLN A 943 36.27 -2.19 28.35
CA GLN A 943 36.42 -3.07 29.50
C GLN A 943 37.51 -2.59 30.44
N THR A 944 38.65 -2.16 29.88
CA THR A 944 39.74 -1.61 30.69
C THR A 944 39.31 -0.38 31.45
N GLN A 945 38.52 0.49 30.82
CA GLN A 945 38.15 1.72 31.49
C GLN A 945 37.18 1.45 32.64
N VAL A 946 36.26 0.51 32.47
CA VAL A 946 35.22 0.32 33.48
C VAL A 946 35.59 -0.71 34.55
N PHE A 947 36.68 -1.45 34.36
CA PHE A 947 36.96 -2.62 35.19
C PHE A 947 37.08 -2.28 36.67
N ASN A 948 37.88 -1.27 37.03
CA ASN A 948 38.02 -0.94 38.46
C ASN A 948 36.66 -0.72 39.11
N THR A 949 35.78 0.03 38.44
CA THR A 949 34.49 0.35 39.06
C THR A 949 33.63 -0.90 39.16
N VAL A 950 33.64 -1.72 38.12
CA VAL A 950 32.78 -2.90 38.11
C VAL A 950 33.27 -3.93 39.12
N TYR A 951 34.57 -4.19 39.10
CA TYR A 951 35.19 -5.33 39.78
C TYR A 951 35.57 -5.00 41.21
N ASN A 952 35.82 -3.73 41.53
CA ASN A 952 36.35 -3.35 42.83
C ASN A 952 35.42 -2.41 43.59
N SER A 953 34.17 -2.28 43.17
CA SER A 953 33.23 -1.50 43.95
C SER A 953 31.87 -2.16 43.81
N ASP A 954 30.97 -1.81 44.73
CA ASP A 954 29.60 -2.26 44.64
C ASP A 954 28.67 -1.22 44.05
N ASP A 955 29.21 -0.17 43.44
CA ASP A 955 28.41 0.91 42.90
C ASP A 955 27.57 0.46 41.71
N ASN A 956 26.36 1.00 41.62
CA ASN A 956 25.54 0.80 40.44
C ASN A 956 26.23 1.40 39.23
N VAL A 957 26.24 0.65 38.13
CA VAL A 957 27.06 1.02 36.98
C VAL A 957 26.17 1.07 35.75
N PHE A 958 26.43 2.06 34.89
CA PHE A 958 25.86 2.15 33.57
C PHE A 958 27.00 2.15 32.57
N VAL A 959 26.92 1.27 31.58
CA VAL A 959 27.86 1.26 30.46
C VAL A 959 27.07 1.41 29.16
N GLY A 960 27.24 2.55 28.50
CA GLY A 960 26.64 2.83 27.21
C GLY A 960 27.70 2.80 26.13
N ALA A 961 27.45 2.01 25.10
CA ALA A 961 28.44 1.81 24.05
C ALA A 961 27.79 1.07 22.89
N PRO A 962 28.35 1.19 21.68
CA PRO A 962 27.76 0.48 20.52
C PRO A 962 27.81 -1.02 20.73
N THR A 963 26.74 -1.69 20.29
CA THR A 963 26.74 -3.14 20.06
C THR A 963 28.06 -3.57 19.44
N GLY A 964 28.63 -4.66 19.97
CA GLY A 964 29.97 -5.05 19.58
C GLY A 964 31.09 -4.48 20.42
N SER A 965 30.79 -3.72 21.46
CA SER A 965 31.87 -3.17 22.26
C SER A 965 32.27 -4.08 23.40
N GLY A 966 31.69 -5.28 23.49
CA GLY A 966 32.03 -6.20 24.56
C GLY A 966 31.42 -5.89 25.91
N LYS A 967 30.20 -5.34 25.95
CA LYS A 967 29.58 -4.98 27.23
C LYS A 967 29.31 -6.21 28.11
N THR A 968 29.07 -7.35 27.48
CA THR A 968 28.77 -8.57 28.22
C THR A 968 29.87 -8.92 29.22
N ILE A 969 31.12 -8.75 28.82
CA ILE A 969 32.24 -9.00 29.71
C ILE A 969 32.22 -8.03 30.89
N CYS A 970 31.80 -6.79 30.66
CA CYS A 970 31.62 -5.85 31.76
C CYS A 970 30.67 -6.41 32.80
N ALA A 971 29.58 -7.05 32.35
CA ALA A 971 28.68 -7.63 33.34
C ALA A 971 29.31 -8.84 34.03
N GLU A 972 30.10 -9.61 33.27
CA GLU A 972 30.79 -10.74 33.90
C GLU A 972 31.70 -10.28 35.04
N PHE A 973 32.30 -9.08 34.92
CA PHE A 973 33.12 -8.58 36.01
C PHE A 973 32.33 -8.43 37.31
N ALA A 974 31.11 -7.89 37.20
CA ALA A 974 30.27 -7.73 38.37
C ALA A 974 29.85 -9.07 38.94
N ILE A 975 29.54 -10.03 38.07
CA ILE A 975 29.21 -11.37 38.54
C ILE A 975 30.38 -11.97 39.32
N LEU A 976 31.60 -11.84 38.81
CA LEU A 976 32.75 -12.42 39.52
C LEU A 976 33.00 -11.75 40.87
N ARG A 977 32.83 -10.42 40.93
CA ARG A 977 32.83 -9.77 42.25
C ARG A 977 31.77 -10.39 43.16
N MET A 978 30.56 -10.59 42.63
CA MET A 978 29.50 -11.22 43.42
C MET A 978 29.93 -12.59 43.93
N LEU A 979 30.66 -13.33 43.10
CA LEU A 979 31.05 -14.68 43.48
C LEU A 979 32.09 -14.66 44.60
N LEU A 980 32.95 -13.63 44.63
CA LEU A 980 33.89 -13.52 45.75
C LEU A 980 33.25 -12.97 47.02
N GLN A 981 32.16 -12.22 46.93
CA GLN A 981 31.55 -11.75 48.16
C GLN A 981 30.70 -12.82 48.82
N SER A 982 29.99 -13.64 48.05
CA SER A 982 28.97 -14.53 48.61
C SER A 982 28.98 -15.86 47.90
N SER A 983 29.13 -16.93 48.67
CA SER A 983 29.25 -18.26 48.08
C SER A 983 27.97 -18.68 47.37
N GLU A 984 26.80 -18.34 47.94
CA GLU A 984 25.54 -18.51 47.23
C GLU A 984 24.98 -17.14 46.89
N GLY A 985 25.69 -16.40 46.05
CA GLY A 985 25.13 -15.19 45.49
C GLY A 985 24.15 -15.52 44.38
N ARG A 986 23.14 -14.67 44.24
CA ARG A 986 22.19 -14.78 43.14
C ARG A 986 22.26 -13.51 42.30
N CYS A 987 22.71 -13.66 41.07
CA CYS A 987 22.62 -12.66 40.02
C CYS A 987 21.48 -13.00 39.09
N VAL A 988 20.57 -12.05 38.88
CA VAL A 988 19.53 -12.12 37.84
C VAL A 988 19.97 -11.24 36.69
N TYR A 989 19.85 -11.76 35.47
CA TYR A 989 20.31 -11.08 34.26
C TYR A 989 19.16 -11.07 33.26
N ILE A 990 18.74 -9.88 32.83
CA ILE A 990 17.62 -9.71 31.92
C ILE A 990 18.13 -9.29 30.55
N THR A 991 17.63 -9.94 29.49
CA THR A 991 17.78 -9.36 28.17
C THR A 991 16.42 -9.36 27.47
N PRO A 992 16.20 -8.40 26.56
CA PRO A 992 14.84 -8.22 26.02
C PRO A 992 14.37 -9.25 25.00
N MET A 993 15.27 -10.06 24.45
CA MET A 993 14.95 -10.92 23.32
C MET A 993 15.28 -12.36 23.69
N GLU A 994 14.38 -13.29 23.38
CA GLU A 994 14.61 -14.65 23.85
C GLU A 994 15.82 -15.27 23.15
N ALA A 995 16.04 -14.93 21.88
CA ALA A 995 17.18 -15.47 21.14
C ALA A 995 18.50 -15.06 21.79
N LEU A 996 18.61 -13.79 22.21
CA LEU A 996 19.75 -13.34 23.01
C LEU A 996 19.87 -14.15 24.30
N ALA A 997 18.76 -14.33 25.01
CA ALA A 997 18.78 -15.11 26.24
C ALA A 997 19.38 -16.49 26.02
N GLU A 998 18.97 -17.18 24.94
CA GLU A 998 19.51 -18.51 24.67
C GLU A 998 21.03 -18.46 24.45
N GLN A 999 21.50 -17.49 23.66
CA GLN A 999 22.94 -17.38 23.41
C GLN A 999 23.71 -17.13 24.72
N VAL A 1000 23.23 -16.20 25.54
CA VAL A 1000 23.88 -15.93 26.81
C VAL A 1000 23.86 -17.18 27.68
N TYR A 1001 22.80 -17.98 27.57
CA TYR A 1001 22.71 -19.19 28.39
C TYR A 1001 23.83 -20.15 28.03
N MET A 1002 24.03 -20.38 26.73
CA MET A 1002 25.15 -21.24 26.32
C MET A 1002 26.47 -20.72 26.87
N ASP A 1003 26.80 -19.48 26.51
CA ASP A 1003 28.11 -18.94 26.85
C ASP A 1003 28.36 -18.94 28.36
N TRP A 1004 27.36 -18.52 29.15
CA TRP A 1004 27.57 -18.43 30.59
C TRP A 1004 27.45 -19.77 31.30
N TYR A 1005 26.64 -20.70 30.78
CA TYR A 1005 26.69 -22.06 31.30
C TYR A 1005 28.12 -22.59 31.20
N GLU A 1006 28.78 -22.34 30.06
CA GLU A 1006 30.17 -22.76 29.95
C GLU A 1006 31.06 -22.07 30.98
N LYS A 1007 31.00 -20.73 31.04
CA LYS A 1007 31.95 -20.01 31.89
C LYS A 1007 31.72 -20.27 33.37
N PHE A 1008 30.48 -20.20 33.83
CA PHE A 1008 30.21 -20.16 35.26
C PHE A 1008 29.81 -21.50 35.84
N GLN A 1009 29.16 -22.36 35.06
CA GLN A 1009 28.83 -23.68 35.56
C GLN A 1009 30.01 -24.64 35.35
N ASP A 1010 30.38 -24.88 34.09
CA ASP A 1010 31.48 -25.79 33.78
C ASP A 1010 32.77 -25.36 34.46
N ARG A 1011 33.42 -24.28 34.01
CA ARG A 1011 34.73 -24.01 34.58
C ARG A 1011 34.68 -23.34 35.95
N LEU A 1012 33.53 -22.90 36.44
CA LEU A 1012 33.50 -22.31 37.77
C LEU A 1012 32.63 -23.04 38.78
N ASN A 1013 31.85 -24.03 38.35
CA ASN A 1013 31.11 -24.90 39.26
C ASN A 1013 30.02 -24.16 40.01
N LYS A 1014 29.42 -23.15 39.38
CA LYS A 1014 28.23 -22.51 39.90
C LYS A 1014 27.02 -23.01 39.10
N LYS A 1015 25.85 -22.48 39.40
CA LYS A 1015 24.63 -22.91 38.74
C LYS A 1015 24.09 -21.78 37.87
N VAL A 1016 24.02 -22.03 36.56
CA VAL A 1016 23.43 -21.14 35.58
C VAL A 1016 22.08 -21.71 35.16
N VAL A 1017 21.05 -20.86 35.14
CA VAL A 1017 19.71 -21.31 34.75
C VAL A 1017 19.08 -20.29 33.80
N LEU A 1018 18.22 -20.79 32.92
CA LEU A 1018 17.46 -19.98 31.98
C LEU A 1018 15.98 -20.12 32.30
N LEU A 1019 15.35 -19.01 32.68
CA LEU A 1019 13.93 -19.06 33.02
C LEU A 1019 13.11 -19.49 31.80
N THR A 1020 12.07 -20.29 32.05
CA THR A 1020 11.30 -20.90 30.97
C THR A 1020 9.95 -20.25 30.76
N GLY A 1021 9.39 -19.66 31.81
CA GLY A 1021 8.07 -19.06 31.78
C GLY A 1021 7.06 -19.79 32.64
N GLU A 1022 7.42 -20.92 33.24
CA GLU A 1022 6.52 -21.73 34.05
C GLU A 1022 6.82 -21.47 35.51
N THR A 1023 5.83 -20.96 36.24
CA THR A 1023 6.06 -20.33 37.54
C THR A 1023 6.86 -21.21 38.49
N SER A 1024 6.31 -22.36 38.90
CA SER A 1024 6.95 -23.14 39.95
C SER A 1024 8.37 -23.58 39.57
N THR A 1025 8.57 -24.01 38.33
CA THR A 1025 9.93 -24.38 37.94
C THR A 1025 10.84 -23.17 37.89
N ASP A 1026 10.33 -22.03 37.42
CA ASP A 1026 11.16 -20.83 37.46
C ASP A 1026 11.53 -20.45 38.90
N LEU A 1027 10.62 -20.68 39.86
CA LEU A 1027 10.95 -20.44 41.27
C LEU A 1027 12.06 -21.38 41.74
N LYS A 1028 12.03 -22.63 41.29
CA LYS A 1028 13.09 -23.57 41.63
C LYS A 1028 14.44 -23.14 41.05
N LEU A 1029 14.43 -22.75 39.78
CA LEU A 1029 15.64 -22.21 39.16
C LEU A 1029 16.18 -21.02 39.93
N LEU A 1030 15.29 -20.09 40.31
CA LEU A 1030 15.72 -18.92 41.08
C LEU A 1030 16.36 -19.36 42.39
N GLY A 1031 15.78 -20.36 43.05
CA GLY A 1031 16.30 -20.78 44.34
C GLY A 1031 17.68 -21.42 44.25
N LYS A 1032 17.91 -22.25 43.23
CA LYS A 1032 19.20 -22.93 43.14
C LYS A 1032 20.22 -22.22 42.24
N GLY A 1033 19.80 -21.31 41.37
CA GLY A 1033 20.74 -20.69 40.47
C GLY A 1033 21.61 -19.64 41.16
N ASN A 1034 22.85 -19.54 40.69
CA ASN A 1034 23.65 -18.36 41.00
C ASN A 1034 23.54 -17.30 39.90
N ILE A 1035 23.40 -17.74 38.64
CA ILE A 1035 23.14 -16.87 37.49
C ILE A 1035 21.80 -17.29 36.90
N ILE A 1036 20.86 -16.35 36.83
CA ILE A 1036 19.50 -16.61 36.36
C ILE A 1036 19.23 -15.70 35.18
N ILE A 1037 19.03 -16.28 34.00
CA ILE A 1037 18.87 -15.54 32.75
C ILE A 1037 17.39 -15.51 32.39
N SER A 1038 16.87 -14.32 32.09
CA SER A 1038 15.45 -14.21 31.81
C SER A 1038 15.22 -13.11 30.79
N THR A 1039 14.16 -13.26 30.01
CA THR A 1039 13.53 -12.15 29.33
C THR A 1039 12.65 -11.37 30.30
N PRO A 1040 12.16 -10.20 29.89
CA PRO A 1040 11.50 -9.33 30.88
C PRO A 1040 10.17 -9.85 31.42
N GLU A 1041 9.29 -10.41 30.58
CA GLU A 1041 7.99 -10.80 31.12
C GLU A 1041 8.13 -11.94 32.11
N LYS A 1042 9.09 -12.84 31.88
CA LYS A 1042 9.30 -13.94 32.80
C LYS A 1042 9.79 -13.46 34.14
N TRP A 1043 10.48 -12.32 34.19
CA TRP A 1043 10.87 -11.80 35.49
C TRP A 1043 9.78 -10.92 36.08
N ASP A 1044 8.98 -10.29 35.24
CA ASP A 1044 7.88 -9.49 35.74
C ASP A 1044 6.93 -10.37 36.55
N ILE A 1045 6.52 -11.51 35.99
CA ILE A 1045 5.50 -12.28 36.70
C ILE A 1045 6.06 -12.81 38.03
N LEU A 1046 7.34 -13.18 38.04
CA LEU A 1046 7.96 -13.63 39.28
C LEU A 1046 8.08 -12.49 40.28
N SER A 1047 8.57 -11.32 39.84
CA SER A 1047 8.93 -10.31 40.82
C SER A 1047 7.74 -9.51 41.30
N ARG A 1048 6.58 -9.61 40.62
CA ARG A 1048 5.34 -9.09 41.17
C ARG A 1048 5.11 -9.58 42.59
N ARG A 1049 5.35 -10.86 42.83
CA ARG A 1049 5.12 -11.47 44.13
C ARG A 1049 6.33 -11.39 45.05
N TRP A 1050 7.12 -10.31 44.99
CA TRP A 1050 8.36 -10.27 45.74
C TRP A 1050 8.14 -10.17 47.24
N LYS A 1051 6.98 -9.67 47.69
CA LYS A 1051 6.70 -9.62 49.12
C LYS A 1051 6.58 -10.99 49.74
N GLN A 1052 6.30 -12.01 48.95
CA GLN A 1052 6.18 -13.37 49.44
C GLN A 1052 7.24 -14.31 48.88
N ARG A 1053 8.15 -13.81 48.06
CA ARG A 1053 9.24 -14.60 47.49
C ARG A 1053 10.56 -14.01 47.97
N LYS A 1054 11.20 -14.71 48.91
CA LYS A 1054 12.40 -14.19 49.55
C LYS A 1054 13.58 -14.21 48.60
N ASN A 1055 13.64 -15.19 47.70
CA ASN A 1055 14.75 -15.25 46.76
C ASN A 1055 14.74 -14.07 45.79
N VAL A 1056 13.60 -13.41 45.61
CA VAL A 1056 13.55 -12.21 44.78
C VAL A 1056 14.16 -11.01 45.50
N GLN A 1057 13.87 -10.85 46.79
CA GLN A 1057 14.48 -9.75 47.51
C GLN A 1057 15.97 -10.02 47.75
N ASN A 1058 16.32 -11.27 47.99
CA ASN A 1058 17.70 -11.65 48.27
C ASN A 1058 18.47 -11.93 46.98
N ILE A 1059 18.34 -10.99 46.05
CA ILE A 1059 19.14 -10.92 44.84
C ILE A 1059 20.33 -10.01 45.14
N ASN A 1060 21.55 -10.50 44.87
CA ASN A 1060 22.72 -9.65 45.06
C ASN A 1060 22.93 -8.70 43.88
N LEU A 1061 22.78 -9.19 42.65
CA LEU A 1061 23.16 -8.46 41.44
C LEU A 1061 22.04 -8.54 40.42
N PHE A 1062 21.66 -7.39 39.86
CA PHE A 1062 20.65 -7.30 38.82
C PHE A 1062 21.31 -6.62 37.63
N VAL A 1063 21.45 -7.37 36.55
CA VAL A 1063 22.02 -6.86 35.33
C VAL A 1063 20.93 -6.79 34.28
N VAL A 1064 20.78 -5.64 33.64
CA VAL A 1064 19.84 -5.49 32.54
C VAL A 1064 20.63 -5.12 31.27
N ASP A 1065 20.48 -5.94 30.23
CA ASP A 1065 21.19 -5.78 28.97
C ASP A 1065 20.26 -5.16 27.92
N GLU A 1066 20.86 -4.49 26.93
CA GLU A 1066 20.12 -3.81 25.87
C GLU A 1066 19.03 -2.89 26.42
N VAL A 1067 19.41 -2.11 27.43
CA VAL A 1067 18.40 -1.34 28.17
C VAL A 1067 17.85 -0.20 27.34
N HIS A 1068 18.52 0.18 26.25
CA HIS A 1068 17.94 1.19 25.38
C HIS A 1068 16.60 0.75 24.78
N LEU A 1069 16.32 -0.56 24.72
CA LEU A 1069 14.99 -1.00 24.28
C LEU A 1069 13.87 -0.59 25.22
N ILE A 1070 14.16 0.06 26.35
CA ILE A 1070 13.03 0.62 27.09
C ILE A 1070 12.25 1.59 26.23
N GLY A 1071 12.90 2.14 25.19
CA GLY A 1071 12.23 3.11 24.35
C GLY A 1071 11.43 2.53 23.22
N GLY A 1072 11.51 1.22 23.03
CA GLY A 1072 10.84 0.56 21.94
C GLY A 1072 9.59 -0.18 22.35
N GLU A 1073 9.15 -1.05 21.45
CA GLU A 1073 7.81 -1.63 21.49
C GLU A 1073 7.54 -2.41 22.77
N ASN A 1074 8.51 -3.16 23.27
CA ASN A 1074 8.29 -3.87 24.52
C ASN A 1074 9.01 -3.22 25.69
N GLY A 1075 9.32 -1.93 25.59
CA GLY A 1075 10.01 -1.22 26.64
C GLY A 1075 9.28 -1.11 27.97
N PRO A 1076 7.94 -0.96 27.98
CA PRO A 1076 7.29 -0.73 29.29
C PRO A 1076 7.58 -1.81 30.33
N VAL A 1077 7.52 -3.10 29.97
CA VAL A 1077 7.75 -4.19 30.93
C VAL A 1077 9.18 -4.16 31.47
N LEU A 1078 10.15 -3.80 30.62
CA LEU A 1078 11.53 -3.68 31.06
C LEU A 1078 11.69 -2.51 32.04
N GLU A 1079 11.08 -1.37 31.71
CA GLU A 1079 11.05 -0.27 32.65
C GLU A 1079 10.44 -0.69 33.99
N VAL A 1080 9.34 -1.42 33.95
CA VAL A 1080 8.64 -1.77 35.19
C VAL A 1080 9.53 -2.62 36.08
N ILE A 1081 10.14 -3.66 35.52
CA ILE A 1081 10.92 -4.53 36.41
C ILE A 1081 12.15 -3.81 36.93
N CYS A 1082 12.81 -3.00 36.10
CA CYS A 1082 13.94 -2.24 36.64
C CYS A 1082 13.49 -1.31 37.77
N SER A 1083 12.34 -0.65 37.61
CA SER A 1083 11.86 0.27 38.64
C SER A 1083 11.53 -0.49 39.91
N ARG A 1084 10.96 -1.68 39.76
CA ARG A 1084 10.63 -2.51 40.90
C ARG A 1084 11.89 -2.91 41.66
N MET A 1085 12.95 -3.29 40.94
CA MET A 1085 14.17 -3.70 41.63
C MET A 1085 14.74 -2.54 42.44
N ARG A 1086 14.61 -1.32 41.90
CA ARG A 1086 15.03 -0.16 42.68
C ARG A 1086 14.19 0.01 43.94
N TYR A 1087 12.86 -0.13 43.80
CA TYR A 1087 11.98 0.03 44.94
C TYR A 1087 12.25 -1.02 46.03
N ILE A 1088 12.42 -2.28 45.63
CA ILE A 1088 12.76 -3.33 46.59
C ILE A 1088 14.06 -2.99 47.31
N SER A 1089 15.10 -2.66 46.54
CA SER A 1089 16.39 -2.34 47.15
C SER A 1089 16.27 -1.22 48.17
N SER A 1090 15.37 -0.26 47.94
CA SER A 1090 15.15 0.77 48.94
C SER A 1090 14.36 0.26 50.15
N GLN A 1091 13.55 -0.80 49.99
CA GLN A 1091 12.75 -1.32 51.09
C GLN A 1091 13.45 -2.39 51.93
N ILE A 1092 14.55 -2.99 51.49
CA ILE A 1092 15.13 -4.11 52.25
C ILE A 1092 16.46 -3.77 52.92
N GLU A 1093 17.01 -2.57 52.70
CA GLU A 1093 18.22 -2.10 53.40
C GLU A 1093 19.37 -3.12 53.33
N ARG A 1094 19.51 -3.75 52.16
CA ARG A 1094 20.73 -4.47 51.81
C ARG A 1094 20.81 -4.37 50.30
N PRO A 1095 21.41 -3.30 49.78
CA PRO A 1095 21.02 -2.82 48.45
C PRO A 1095 21.35 -3.83 47.37
N ILE A 1096 20.49 -3.87 46.36
CA ILE A 1096 20.68 -4.72 45.19
C ILE A 1096 21.51 -3.94 44.19
N ARG A 1097 22.72 -4.43 43.91
CA ARG A 1097 23.56 -3.77 42.93
C ARG A 1097 22.98 -3.91 41.52
N ILE A 1098 22.89 -2.80 40.81
CA ILE A 1098 22.38 -2.78 39.45
C ILE A 1098 23.50 -2.39 38.49
N VAL A 1099 23.60 -3.16 37.40
CA VAL A 1099 24.46 -2.85 36.27
C VAL A 1099 23.61 -2.82 35.01
N ALA A 1100 23.63 -1.69 34.32
CA ALA A 1100 22.83 -1.47 33.11
C ALA A 1100 23.76 -1.34 31.92
N LEU A 1101 23.49 -2.12 30.87
CA LEU A 1101 24.27 -2.10 29.63
C LEU A 1101 23.37 -1.61 28.52
N SER A 1102 23.92 -0.84 27.57
CA SER A 1102 23.11 -0.14 26.60
C SER A 1102 23.91 0.24 25.36
N SER A 1103 23.22 0.35 24.24
CA SER A 1103 23.80 1.04 23.09
C SER A 1103 23.98 2.51 23.47
N SER A 1104 24.83 3.22 22.74
CA SER A 1104 25.12 4.60 23.10
C SER A 1104 23.86 5.43 23.13
N LEU A 1105 23.64 6.12 24.26
CA LEU A 1105 22.45 6.89 24.55
C LEU A 1105 22.83 8.36 24.70
N SER A 1106 22.05 9.25 24.09
CA SER A 1106 22.30 10.67 24.25
C SER A 1106 21.89 11.13 25.64
N ASN A 1107 20.79 10.58 26.15
CA ASN A 1107 20.33 10.88 27.51
C ASN A 1107 20.67 9.74 28.48
N ALA A 1108 21.92 9.26 28.43
CA ALA A 1108 22.38 8.22 29.37
C ALA A 1108 22.22 8.64 30.84
N LYS A 1109 22.44 9.92 31.13
CA LYS A 1109 22.40 10.39 32.52
C LYS A 1109 21.05 10.18 33.15
N ASP A 1110 19.98 10.23 32.34
CA ASP A 1110 18.65 9.97 32.87
C ASP A 1110 18.44 8.49 33.18
N VAL A 1111 18.95 7.59 32.35
CA VAL A 1111 18.86 6.18 32.70
C VAL A 1111 19.67 5.90 33.96
N ALA A 1112 20.90 6.42 33.98
CA ALA A 1112 21.77 6.20 35.14
C ALA A 1112 21.12 6.71 36.41
N HIS A 1113 20.58 7.93 36.36
CA HIS A 1113 19.98 8.55 37.54
C HIS A 1113 18.76 7.78 37.99
N TRP A 1114 17.93 7.33 37.02
CA TRP A 1114 16.79 6.48 37.34
C TRP A 1114 17.24 5.19 38.02
N LEU A 1115 18.39 4.64 37.60
CA LEU A 1115 18.87 3.39 38.16
C LEU A 1115 19.88 3.58 39.30
N GLY A 1116 20.09 4.81 39.76
CA GLY A 1116 20.97 5.01 40.91
C GLY A 1116 22.45 4.96 40.59
N CYS A 1117 22.85 5.28 39.36
CA CYS A 1117 24.26 5.26 39.02
C CYS A 1117 24.84 6.66 39.17
N SER A 1118 25.82 6.81 40.06
CA SER A 1118 26.51 8.09 40.19
C SER A 1118 27.21 8.44 38.88
N ALA A 1119 27.54 9.71 38.72
CA ALA A 1119 28.11 10.13 37.44
C ALA A 1119 29.51 9.59 37.22
N THR A 1120 30.26 9.27 38.28
CA THR A 1120 31.56 8.64 38.05
C THR A 1120 31.42 7.17 37.69
N SER A 1121 30.29 6.55 38.00
CA SER A 1121 30.00 5.17 37.64
C SER A 1121 29.15 5.08 36.38
N THR A 1122 28.95 6.19 35.66
CA THR A 1122 28.15 6.24 34.45
C THR A 1122 29.08 6.39 33.27
N PHE A 1123 29.19 5.35 32.45
CA PHE A 1123 30.06 5.34 31.30
C PHE A 1123 29.18 5.45 30.06
N ASN A 1124 29.21 6.63 29.44
CA ASN A 1124 28.29 7.03 28.38
C ASN A 1124 29.15 7.28 27.15
N PHE A 1125 29.51 6.22 26.46
CA PHE A 1125 30.39 6.31 25.29
C PHE A 1125 29.54 6.50 24.04
N HIS A 1126 30.12 7.13 23.04
CA HIS A 1126 29.39 7.42 21.82
C HIS A 1126 29.93 6.52 20.69
N PRO A 1127 29.25 6.46 19.55
CA PRO A 1127 29.57 5.41 18.55
C PRO A 1127 31.01 5.36 18.08
N ASN A 1128 31.73 6.48 18.06
CA ASN A 1128 33.08 6.41 17.53
C ASN A 1128 34.06 5.69 18.44
N VAL A 1129 33.63 5.20 19.62
CA VAL A 1129 34.53 4.47 20.48
C VAL A 1129 34.54 2.98 20.23
N ARG A 1130 33.75 2.49 19.27
CA ARG A 1130 33.66 1.04 19.07
C ARG A 1130 35.07 0.47 18.86
N PRO A 1131 35.46 -0.59 19.60
CA PRO A 1131 36.86 -1.05 19.54
C PRO A 1131 37.29 -1.54 18.16
N VAL A 1132 36.41 -2.18 17.40
CA VAL A 1132 36.65 -2.42 15.98
C VAL A 1132 36.00 -1.27 15.23
N PRO A 1133 36.77 -0.35 14.65
CA PRO A 1133 36.17 0.83 14.02
C PRO A 1133 35.14 0.42 12.97
N LEU A 1134 34.04 1.16 12.93
CA LEU A 1134 32.94 0.89 11.99
C LEU A 1134 32.99 1.92 10.87
N GLU A 1135 33.09 1.46 9.62
CA GLU A 1135 32.95 2.32 8.44
C GLU A 1135 31.53 2.16 7.92
N LEU A 1136 30.71 3.18 8.13
CA LEU A 1136 29.29 3.14 7.83
C LEU A 1136 29.01 4.00 6.61
N HIS A 1137 28.35 3.41 5.62
CA HIS A 1137 27.98 4.16 4.42
C HIS A 1137 26.49 4.01 4.22
N ILE A 1138 25.77 5.13 4.20
CA ILE A 1138 24.34 5.15 4.00
C ILE A 1138 24.08 5.59 2.57
N GLN A 1139 23.41 4.74 1.78
CA GLN A 1139 23.28 4.99 0.34
C GLN A 1139 21.81 5.14 0.01
N GLY A 1140 21.42 6.30 -0.50
CA GLY A 1140 20.01 6.59 -0.74
C GLY A 1140 19.59 6.13 -2.12
N PHE A 1141 18.36 5.66 -2.24
CA PHE A 1141 17.81 5.18 -3.52
C PHE A 1141 16.53 5.94 -3.79
N ASN A 1142 16.49 6.71 -4.86
CA ASN A 1142 15.36 7.60 -5.10
C ASN A 1142 14.27 6.91 -5.93
N ILE A 1143 13.70 5.85 -5.39
CA ILE A 1143 12.59 5.15 -6.04
C ILE A 1143 11.58 4.83 -4.98
N SER A 1144 10.34 5.24 -5.21
CA SER A 1144 9.30 5.21 -4.18
C SER A 1144 8.51 3.92 -4.17
N HIS A 1145 8.58 3.13 -5.23
CA HIS A 1145 7.90 1.85 -5.32
C HIS A 1145 8.82 0.71 -4.87
N THR A 1146 8.36 -0.10 -3.90
CA THR A 1146 9.28 -0.97 -3.17
C THR A 1146 9.95 -2.00 -4.07
N GLN A 1147 9.17 -2.77 -4.85
CA GLN A 1147 9.78 -3.82 -5.64
C GLN A 1147 10.79 -3.26 -6.63
N THR A 1148 10.47 -2.11 -7.23
CA THR A 1148 11.40 -1.47 -8.15
C THR A 1148 12.64 -0.96 -7.42
N ARG A 1149 12.48 -0.44 -6.20
CA ARG A 1149 13.64 0.04 -5.46
C ARG A 1149 14.57 -1.13 -5.13
N LEU A 1150 14.00 -2.24 -4.67
CA LEU A 1150 14.80 -3.44 -4.41
C LEU A 1150 15.53 -3.88 -5.67
N LEU A 1151 14.86 -3.78 -6.82
CA LEU A 1151 15.53 -4.07 -8.08
C LEU A 1151 16.74 -3.16 -8.27
N SER A 1152 16.55 -1.85 -8.05
CA SER A 1152 17.70 -0.94 -8.26
C SER A 1152 18.84 -1.20 -7.29
N MET A 1153 18.57 -1.92 -6.21
CA MET A 1153 19.62 -2.24 -5.25
C MET A 1153 20.40 -3.50 -5.58
N ALA A 1154 19.84 -4.40 -6.40
CA ALA A 1154 20.46 -5.71 -6.61
C ALA A 1154 21.93 -5.61 -7.07
N LYS A 1155 22.21 -4.81 -8.07
CA LYS A 1155 23.61 -4.77 -8.50
C LYS A 1155 24.50 -4.06 -7.47
N PRO A 1156 24.08 -2.91 -6.92
CA PRO A 1156 24.89 -2.30 -5.84
C PRO A 1156 25.23 -3.28 -4.73
N VAL A 1157 24.38 -4.25 -4.42
CA VAL A 1157 24.75 -5.23 -3.40
C VAL A 1157 26.04 -5.94 -3.79
N TYR A 1158 26.08 -6.46 -5.02
CA TYR A 1158 27.29 -7.12 -5.50
C TYR A 1158 28.48 -6.19 -5.51
N HIS A 1159 28.30 -4.97 -6.04
CA HIS A 1159 29.42 -4.03 -6.11
C HIS A 1159 29.92 -3.64 -4.71
N ALA A 1160 29.02 -3.55 -3.72
CA ALA A 1160 29.46 -3.27 -2.36
C ALA A 1160 30.31 -4.41 -1.83
N ILE A 1161 29.97 -5.65 -2.16
CA ILE A 1161 30.80 -6.77 -1.74
C ILE A 1161 32.19 -6.65 -2.35
N THR A 1162 32.24 -6.47 -3.67
CA THR A 1162 33.56 -6.45 -4.31
C THR A 1162 34.36 -5.21 -3.92
N LYS A 1163 33.71 -4.14 -3.50
CA LYS A 1163 34.47 -2.96 -3.09
C LYS A 1163 34.89 -3.01 -1.63
N HIS A 1164 34.00 -3.42 -0.74
CA HIS A 1164 34.26 -3.35 0.69
C HIS A 1164 34.70 -4.68 1.30
N SER A 1165 34.42 -5.81 0.66
CA SER A 1165 34.74 -7.07 1.31
C SER A 1165 34.92 -8.20 0.32
N PRO A 1166 35.87 -8.11 -0.62
CA PRO A 1166 35.94 -9.10 -1.70
C PRO A 1166 36.32 -10.48 -1.22
N LYS A 1167 37.05 -10.58 -0.12
CA LYS A 1167 37.47 -11.86 0.40
C LYS A 1167 36.90 -12.23 1.75
N LYS A 1168 36.43 -11.28 2.53
CA LYS A 1168 36.00 -11.51 3.90
C LYS A 1168 34.49 -11.65 3.99
N PRO A 1169 33.98 -12.25 5.07
CA PRO A 1169 32.57 -12.68 5.10
C PRO A 1169 31.59 -11.52 5.10
N VAL A 1170 30.43 -11.78 4.50
CA VAL A 1170 29.42 -10.76 4.26
C VAL A 1170 28.05 -11.29 4.69
N ILE A 1171 27.31 -10.46 5.43
CA ILE A 1171 25.90 -10.72 5.71
C ILE A 1171 25.08 -9.68 4.98
N VAL A 1172 24.09 -10.12 4.22
CA VAL A 1172 23.12 -9.23 3.60
C VAL A 1172 21.78 -9.45 4.29
N PHE A 1173 21.26 -8.42 4.95
CA PHE A 1173 19.92 -8.46 5.49
C PHE A 1173 18.92 -7.96 4.45
N VAL A 1174 17.82 -8.70 4.28
CA VAL A 1174 16.79 -8.36 3.29
C VAL A 1174 15.43 -8.36 4.00
N PRO A 1175 14.43 -7.68 3.44
CA PRO A 1175 13.15 -7.51 4.17
C PRO A 1175 12.30 -8.76 4.35
N SER A 1176 12.50 -9.84 3.58
CA SER A 1176 11.49 -10.90 3.62
C SER A 1176 12.13 -12.25 3.35
N ARG A 1177 11.38 -13.30 3.68
CA ARG A 1177 11.84 -14.67 3.44
C ARG A 1177 12.13 -14.88 1.95
N LYS A 1178 11.16 -14.53 1.11
CA LYS A 1178 11.30 -14.70 -0.34
C LYS A 1178 12.57 -14.02 -0.87
N GLN A 1179 12.84 -12.80 -0.39
CA GLN A 1179 13.96 -12.03 -0.90
C GLN A 1179 15.30 -12.67 -0.56
N THR A 1180 15.39 -13.43 0.54
CA THR A 1180 16.67 -14.06 0.86
C THR A 1180 17.12 -14.95 -0.30
N ARG A 1181 16.22 -15.83 -0.78
CA ARG A 1181 16.58 -16.71 -1.88
C ARG A 1181 16.79 -15.91 -3.16
N LEU A 1182 15.93 -14.91 -3.41
CA LEU A 1182 16.08 -14.16 -4.65
C LEU A 1182 17.41 -13.40 -4.71
N THR A 1183 17.84 -12.83 -3.58
CA THR A 1183 19.08 -12.09 -3.56
C THR A 1183 20.29 -13.04 -3.61
N ALA A 1184 20.21 -14.20 -2.96
CA ALA A 1184 21.29 -15.16 -3.12
C ALA A 1184 21.47 -15.52 -4.59
N ILE A 1185 20.37 -15.79 -5.28
CA ILE A 1185 20.46 -16.15 -6.68
C ILE A 1185 20.98 -14.99 -7.50
N ASP A 1186 20.52 -13.77 -7.18
CA ASP A 1186 20.94 -12.63 -8.01
C ASP A 1186 22.42 -12.32 -7.82
N ILE A 1187 22.93 -12.45 -6.60
CA ILE A 1187 24.36 -12.26 -6.39
C ILE A 1187 25.14 -13.26 -7.23
N LEU A 1188 24.69 -14.53 -7.21
CA LEU A 1188 25.37 -15.57 -7.99
C LEU A 1188 25.34 -15.23 -9.48
N THR A 1189 24.18 -14.79 -9.97
CA THR A 1189 24.07 -14.41 -11.37
C THR A 1189 25.09 -13.32 -11.70
N THR A 1190 25.18 -12.32 -10.84
CA THR A 1190 26.08 -11.21 -11.14
C THR A 1190 27.53 -11.67 -11.13
N CYS A 1191 27.92 -12.53 -10.19
CA CYS A 1191 29.33 -12.89 -10.21
C CYS A 1191 29.64 -13.90 -11.32
N ALA A 1192 28.63 -14.62 -11.82
CA ALA A 1192 28.83 -15.41 -13.02
C ALA A 1192 29.04 -14.52 -14.24
N ALA A 1193 28.23 -13.46 -14.39
CA ALA A 1193 28.45 -12.53 -15.49
C ALA A 1193 29.70 -11.68 -15.31
N ASP A 1194 30.34 -11.75 -14.15
CA ASP A 1194 31.66 -11.18 -13.93
C ASP A 1194 32.77 -12.15 -14.34
N ILE A 1195 32.40 -13.34 -14.84
CA ILE A 1195 33.28 -14.48 -15.07
C ILE A 1195 34.06 -14.75 -13.79
N GLN A 1196 33.38 -14.63 -12.65
CA GLN A 1196 33.95 -14.84 -11.32
C GLN A 1196 33.09 -15.80 -10.51
N ARG A 1197 32.40 -16.72 -11.19
CA ARG A 1197 31.54 -17.66 -10.47
C ARG A 1197 32.36 -18.40 -9.42
N GLN A 1198 31.72 -18.68 -8.28
CA GLN A 1198 32.28 -19.41 -7.16
C GLN A 1198 33.40 -18.68 -6.44
N ARG A 1199 33.60 -17.38 -6.72
CA ARG A 1199 34.55 -16.59 -5.93
C ARG A 1199 34.19 -16.61 -4.43
N PHE A 1200 32.94 -16.91 -4.09
CA PHE A 1200 32.50 -16.92 -2.71
C PHE A 1200 32.63 -18.29 -2.05
N LEU A 1201 33.07 -19.29 -2.80
CA LEU A 1201 33.25 -20.64 -2.28
C LEU A 1201 34.71 -20.84 -1.90
N HIS A 1202 34.96 -21.13 -0.63
CA HIS A 1202 36.32 -21.17 -0.12
C HIS A 1202 36.75 -22.53 0.40
N CYS A 1203 35.83 -23.48 0.51
CA CYS A 1203 36.15 -24.90 0.66
C CYS A 1203 35.89 -25.60 -0.68
N THR A 1204 36.30 -26.86 -0.76
CA THR A 1204 36.08 -27.63 -1.97
C THR A 1204 34.72 -28.33 -1.93
N GLU A 1205 34.14 -28.53 -3.13
CA GLU A 1205 32.78 -29.03 -3.26
C GLU A 1205 32.61 -30.38 -2.56
N LYS A 1206 33.59 -31.28 -2.70
CA LYS A 1206 33.48 -32.60 -2.09
C LYS A 1206 33.48 -32.52 -0.57
N ASP A 1207 34.17 -31.53 0.01
CA ASP A 1207 34.09 -31.31 1.44
C ASP A 1207 32.74 -30.75 1.87
N LEU A 1208 31.93 -30.31 0.92
CA LEU A 1208 30.66 -29.68 1.19
C LEU A 1208 29.48 -30.61 1.00
N ILE A 1209 29.61 -31.60 0.12
CA ILE A 1209 28.48 -32.48 -0.22
C ILE A 1209 27.80 -33.12 1.01
N PRO A 1210 28.53 -33.69 1.98
CA PRO A 1210 27.82 -34.32 3.12
C PRO A 1210 26.90 -33.37 3.83
N TYR A 1211 27.36 -32.14 4.07
CA TYR A 1211 26.46 -31.08 4.50
C TYR A 1211 25.24 -31.00 3.58
N LEU A 1212 25.48 -30.80 2.28
CA LEU A 1212 24.41 -30.46 1.36
C LEU A 1212 23.31 -31.52 1.34
N GLU A 1213 23.66 -32.77 1.65
CA GLU A 1213 22.64 -33.82 1.62
C GLU A 1213 21.61 -33.65 2.73
N LYS A 1214 22.01 -33.06 3.85
CA LYS A 1214 21.12 -32.91 5.00
C LYS A 1214 20.00 -31.91 4.76
N LEU A 1215 19.96 -31.23 3.63
CA LEU A 1215 18.99 -30.17 3.40
C LEU A 1215 17.84 -30.64 2.51
N SER A 1216 16.69 -30.02 2.68
CA SER A 1216 15.51 -30.29 1.86
C SER A 1216 15.32 -29.26 0.75
N ASP A 1217 15.98 -28.12 0.86
CA ASP A 1217 15.86 -27.04 -0.12
C ASP A 1217 16.92 -27.26 -1.19
N SER A 1218 16.50 -27.53 -2.42
CA SER A 1218 17.45 -27.76 -3.50
C SER A 1218 18.13 -26.46 -3.90
N THR A 1219 17.35 -25.37 -4.06
CA THR A 1219 17.93 -24.08 -4.40
C THR A 1219 19.02 -23.69 -3.42
N LEU A 1220 18.76 -23.88 -2.13
CA LEU A 1220 19.76 -23.62 -1.10
C LEU A 1220 21.01 -24.45 -1.33
N LYS A 1221 20.84 -25.69 -1.82
CA LYS A 1221 22.00 -26.53 -2.12
C LYS A 1221 22.81 -25.98 -3.29
N GLU A 1222 22.13 -25.56 -4.36
CA GLU A 1222 22.82 -24.96 -5.51
C GLU A 1222 23.62 -23.72 -5.10
N THR A 1223 22.94 -22.76 -4.46
CA THR A 1223 23.61 -21.52 -4.09
C THR A 1223 24.76 -21.80 -3.14
N LEU A 1224 24.53 -22.68 -2.15
CA LEU A 1224 25.60 -23.05 -1.23
C LEU A 1224 26.77 -23.66 -1.97
N LEU A 1225 26.48 -24.43 -3.02
CA LEU A 1225 27.55 -24.98 -3.85
C LEU A 1225 28.36 -23.87 -4.50
N ASN A 1226 27.75 -22.71 -4.71
CA ASN A 1226 28.49 -21.58 -5.27
C ASN A 1226 28.98 -20.59 -4.23
N GLY A 1227 28.93 -20.96 -2.94
CA GLY A 1227 29.50 -20.15 -1.90
C GLY A 1227 28.57 -19.13 -1.27
N VAL A 1228 27.28 -19.21 -1.53
CA VAL A 1228 26.31 -18.27 -0.99
C VAL A 1228 25.21 -19.05 -0.28
N GLY A 1229 24.98 -18.71 1.00
CA GLY A 1229 23.89 -19.28 1.75
C GLY A 1229 22.77 -18.27 1.97
N TYR A 1230 21.66 -18.77 2.52
CA TYR A 1230 20.62 -17.87 2.99
C TYR A 1230 19.91 -18.46 4.20
N LEU A 1231 19.35 -17.56 5.01
CA LEU A 1231 18.67 -17.87 6.27
C LEU A 1231 17.34 -17.15 6.27
N HIS A 1232 16.27 -17.91 6.47
CA HIS A 1232 14.95 -17.35 6.61
C HIS A 1232 14.18 -18.22 7.59
N GLU A 1233 13.03 -17.70 8.03
CA GLU A 1233 12.26 -18.34 9.08
C GLU A 1233 11.78 -19.73 8.67
N GLY A 1234 11.58 -19.96 7.37
CA GLY A 1234 11.05 -21.21 6.87
C GLY A 1234 12.02 -22.37 6.85
N LEU A 1235 13.24 -22.21 7.36
CA LEU A 1235 14.21 -23.29 7.39
C LEU A 1235 14.15 -24.02 8.72
N SER A 1236 14.20 -25.35 8.66
CA SER A 1236 14.29 -26.21 9.83
C SER A 1236 15.50 -25.78 10.64
N PRO A 1237 15.46 -25.89 11.97
CA PRO A 1237 16.59 -25.40 12.77
C PRO A 1237 17.90 -26.09 12.39
N MET A 1238 17.82 -27.35 11.97
CA MET A 1238 19.01 -28.06 11.54
C MET A 1238 19.62 -27.39 10.30
N GLU A 1239 18.79 -27.08 9.31
CA GLU A 1239 19.28 -26.38 8.11
C GLU A 1239 19.95 -25.06 8.48
N ARG A 1240 19.30 -24.29 9.35
CA ARG A 1240 19.87 -23.01 9.76
C ARG A 1240 21.24 -23.19 10.39
N ARG A 1241 21.36 -24.17 11.30
CA ARG A 1241 22.65 -24.43 11.94
C ARG A 1241 23.70 -24.84 10.92
N LEU A 1242 23.32 -25.65 9.93
CA LEU A 1242 24.29 -26.08 8.93
C LEU A 1242 24.80 -24.87 8.15
N VAL A 1243 23.90 -24.00 7.71
CA VAL A 1243 24.31 -22.81 6.98
C VAL A 1243 25.21 -21.92 7.83
N GLU A 1244 24.87 -21.75 9.12
CA GLU A 1244 25.70 -20.94 9.99
C GLU A 1244 27.08 -21.55 10.19
N GLN A 1245 27.15 -22.88 10.28
CA GLN A 1245 28.44 -23.54 10.41
C GLN A 1245 29.30 -23.31 9.17
N LEU A 1246 28.69 -23.47 8.00
CA LEU A 1246 29.41 -23.23 6.75
C LEU A 1246 29.91 -21.80 6.68
N PHE A 1247 29.12 -20.85 7.20
CA PHE A 1247 29.53 -19.45 7.16
C PHE A 1247 30.66 -19.18 8.14
N SER A 1248 30.53 -19.65 9.37
CA SER A 1248 31.54 -19.30 10.35
C SER A 1248 32.84 -20.04 10.08
N SER A 1249 32.77 -21.25 9.55
CA SER A 1249 34.00 -21.96 9.21
C SER A 1249 34.61 -21.45 7.91
N GLY A 1250 34.16 -20.32 7.39
CA GLY A 1250 34.72 -19.73 6.20
C GLY A 1250 34.49 -20.50 4.92
N ALA A 1251 33.70 -21.56 4.95
CA ALA A 1251 33.50 -22.36 3.74
C ALA A 1251 32.73 -21.56 2.68
N ILE A 1252 31.71 -20.83 3.09
CA ILE A 1252 30.98 -19.94 2.18
C ILE A 1252 31.18 -18.51 2.67
N GLN A 1253 31.24 -17.58 1.74
CA GLN A 1253 31.63 -16.22 2.09
C GLN A 1253 30.46 -15.28 2.32
N VAL A 1254 29.27 -15.58 1.80
CA VAL A 1254 28.13 -14.67 1.85
C VAL A 1254 26.92 -15.41 2.40
N VAL A 1255 26.20 -14.76 3.31
CA VAL A 1255 24.90 -15.27 3.74
C VAL A 1255 23.87 -14.15 3.64
N VAL A 1256 22.71 -14.46 3.05
CA VAL A 1256 21.59 -13.53 3.00
C VAL A 1256 20.57 -13.94 4.04
N ALA A 1257 20.22 -13.05 4.96
CA ALA A 1257 19.32 -13.36 6.07
C ALA A 1257 18.11 -12.44 6.06
N SER A 1258 16.96 -13.00 6.38
CA SER A 1258 15.78 -12.14 6.52
C SER A 1258 15.89 -11.29 7.78
N ARG A 1259 15.27 -10.11 7.73
CA ARG A 1259 15.34 -9.15 8.84
C ARG A 1259 14.91 -9.77 10.15
N SER A 1260 13.92 -10.65 10.10
CA SER A 1260 13.37 -11.15 11.34
C SER A 1260 14.36 -12.04 12.08
N LEU A 1261 15.47 -12.40 11.45
CA LEU A 1261 16.45 -13.19 12.18
C LEU A 1261 17.55 -12.33 12.79
N CYS A 1262 17.44 -11.00 12.71
CA CYS A 1262 18.61 -10.20 13.10
C CYS A 1262 18.92 -10.27 14.59
N TRP A 1263 18.04 -10.84 15.41
CA TRP A 1263 18.35 -10.96 16.82
C TRP A 1263 18.86 -12.33 17.23
N GLY A 1264 18.64 -13.36 16.42
CA GLY A 1264 19.06 -14.67 16.84
C GLY A 1264 20.08 -15.34 15.94
N MET A 1265 20.99 -14.58 15.34
CA MET A 1265 22.07 -15.15 14.52
C MET A 1265 23.34 -15.30 15.35
N ASN A 1266 24.05 -16.40 15.14
CA ASN A 1266 25.30 -16.64 15.85
C ASN A 1266 26.49 -16.52 14.91
N VAL A 1267 26.36 -15.70 13.88
CA VAL A 1267 27.45 -15.43 12.96
C VAL A 1267 27.75 -13.93 12.99
N ALA A 1268 28.95 -13.59 12.55
CA ALA A 1268 29.36 -12.19 12.39
C ALA A 1268 30.14 -12.05 11.09
N ALA A 1269 30.20 -10.83 10.57
CA ALA A 1269 30.84 -10.64 9.28
C ALA A 1269 31.78 -9.44 9.34
N HIS A 1270 32.62 -9.35 8.30
CA HIS A 1270 33.43 -8.16 8.04
C HIS A 1270 32.57 -7.02 7.50
N LEU A 1271 31.59 -7.35 6.67
CA LEU A 1271 30.75 -6.40 5.97
C LEU A 1271 29.29 -6.82 6.14
N VAL A 1272 28.46 -5.88 6.56
CA VAL A 1272 27.02 -6.07 6.58
C VAL A 1272 26.38 -5.13 5.59
N ILE A 1273 25.50 -5.67 4.75
CA ILE A 1273 24.71 -4.86 3.85
C ILE A 1273 23.27 -4.98 4.27
N ILE A 1274 22.64 -3.84 4.52
CA ILE A 1274 21.23 -3.81 4.83
C ILE A 1274 20.52 -3.30 3.57
N MET A 1275 19.89 -4.23 2.85
CA MET A 1275 19.24 -3.95 1.58
C MET A 1275 17.80 -3.53 1.83
N ASP A 1276 17.57 -2.21 1.86
CA ASP A 1276 16.28 -1.59 2.15
C ASP A 1276 15.96 -1.77 3.62
N THR A 1277 15.06 -0.89 4.14
CA THR A 1277 14.83 -0.69 5.57
C THR A 1277 13.35 -0.65 5.89
N GLN A 1278 12.51 -1.28 5.07
CA GLN A 1278 11.08 -1.38 5.31
C GLN A 1278 10.66 -2.81 5.01
N TYR A 1279 9.57 -3.24 5.63
CA TYR A 1279 9.04 -4.57 5.36
C TYR A 1279 7.52 -4.48 5.30
N TYR A 1280 6.90 -5.44 4.63
CA TYR A 1280 5.46 -5.41 4.39
C TYR A 1280 4.73 -6.05 5.55
N ASN A 1281 3.83 -5.31 6.18
CA ASN A 1281 3.00 -5.83 7.26
C ASN A 1281 1.67 -6.21 6.62
N GLY A 1282 1.39 -7.50 6.60
CA GLY A 1282 0.18 -8.01 5.97
C GLY A 1282 -1.07 -7.76 6.79
N LYS A 1283 -0.92 -7.62 8.11
CA LYS A 1283 -2.06 -7.27 8.97
C LYS A 1283 -2.69 -5.96 8.51
N ILE A 1284 -1.88 -4.92 8.37
CA ILE A 1284 -2.37 -3.59 8.01
C ILE A 1284 -2.15 -3.28 6.55
N HIS A 1285 -1.65 -4.23 5.77
CA HIS A 1285 -1.38 -4.03 4.35
C HIS A 1285 -0.59 -2.75 4.08
N ALA A 1286 0.51 -2.58 4.81
CA ALA A 1286 1.34 -1.40 4.56
C ALA A 1286 2.79 -1.70 4.88
N TYR A 1287 3.69 -0.92 4.26
CA TYR A 1287 5.09 -1.02 4.57
C TYR A 1287 5.37 -0.30 5.89
N VAL A 1288 6.19 -0.93 6.73
CA VAL A 1288 6.63 -0.43 8.04
C VAL A 1288 8.14 -0.26 8.04
N ASP A 1289 8.63 0.85 8.60
CA ASP A 1289 10.06 1.05 8.74
C ASP A 1289 10.67 0.10 9.76
N TYR A 1290 11.90 -0.30 9.52
CA TYR A 1290 12.65 -1.08 10.50
C TYR A 1290 12.76 -0.25 11.77
N PRO A 1291 12.46 -0.80 12.96
CA PRO A 1291 12.80 -0.07 14.19
C PRO A 1291 14.28 0.22 14.22
N ILE A 1292 14.64 1.41 14.71
CA ILE A 1292 16.05 1.77 14.86
C ILE A 1292 16.80 0.72 15.66
N TYR A 1293 16.13 0.05 16.60
CA TYR A 1293 16.74 -1.01 17.41
C TYR A 1293 17.22 -2.17 16.54
N ASP A 1294 16.38 -2.61 15.58
CA ASP A 1294 16.78 -3.66 14.64
C ASP A 1294 17.98 -3.24 13.80
N VAL A 1295 17.99 -2.00 13.34
CA VAL A 1295 19.08 -1.53 12.47
C VAL A 1295 20.39 -1.53 13.25
N LEU A 1296 20.37 -1.01 14.47
CA LEU A 1296 21.56 -1.03 15.31
C LEU A 1296 22.04 -2.45 15.53
N GLN A 1297 21.10 -3.38 15.78
CA GLN A 1297 21.50 -4.77 16.00
C GLN A 1297 22.06 -5.41 14.72
N MET A 1298 21.54 -5.05 13.54
CA MET A 1298 22.10 -5.52 12.27
C MET A 1298 23.49 -4.96 12.03
N VAL A 1299 23.68 -3.64 12.18
CA VAL A 1299 25.00 -3.01 12.06
C VAL A 1299 26.00 -3.70 12.99
N GLY A 1300 25.56 -4.08 14.19
CA GLY A 1300 26.43 -4.74 15.13
C GLY A 1300 27.02 -6.06 14.65
N HIS A 1301 26.45 -6.67 13.62
CA HIS A 1301 27.04 -7.91 13.12
C HIS A 1301 28.32 -7.68 12.31
N ALA A 1302 28.66 -6.42 12.02
CA ALA A 1302 29.88 -6.07 11.29
C ALA A 1302 31.00 -5.82 12.29
N ASN A 1303 31.50 -6.91 12.87
CA ASN A 1303 32.35 -6.81 14.05
C ASN A 1303 33.02 -8.14 14.32
N ARG A 1304 34.33 -8.23 14.06
CA ARG A 1304 35.08 -9.46 14.30
C ARG A 1304 36.36 -9.03 14.98
N PRO A 1305 36.32 -8.83 16.31
CA PRO A 1305 37.48 -8.28 17.01
C PRO A 1305 38.72 -9.12 16.86
N LEU A 1306 38.57 -10.42 16.82
CA LEU A 1306 39.72 -11.30 16.72
C LEU A 1306 40.25 -11.44 15.31
N GLN A 1307 39.62 -10.78 14.32
CA GLN A 1307 39.98 -11.07 12.92
C GLN A 1307 40.05 -9.88 11.97
N ASP A 1308 39.37 -8.77 12.24
CA ASP A 1308 39.34 -7.66 11.29
C ASP A 1308 39.92 -6.41 11.93
N ASP A 1309 40.52 -5.57 11.10
CA ASP A 1309 40.94 -4.24 11.55
C ASP A 1309 39.81 -3.25 11.53
N GLU A 1310 38.69 -3.58 10.86
CA GLU A 1310 37.54 -2.70 10.84
C GLU A 1310 36.30 -3.53 10.62
N GLY A 1311 35.15 -2.88 10.76
CA GLY A 1311 33.90 -3.42 10.25
C GLY A 1311 33.32 -2.44 9.25
N ARG A 1312 32.58 -2.98 8.28
CA ARG A 1312 31.99 -2.13 7.26
C ARG A 1312 30.53 -2.50 7.10
N CYS A 1313 29.73 -1.48 6.81
CA CYS A 1313 28.30 -1.66 6.69
C CYS A 1313 27.81 -0.67 5.65
N VAL A 1314 27.00 -1.16 4.72
CA VAL A 1314 26.32 -0.29 3.76
C VAL A 1314 24.84 -0.44 4.05
N ILE A 1315 24.19 0.67 4.37
CA ILE A 1315 22.74 0.71 4.47
C ILE A 1315 22.18 1.28 3.18
N MET A 1316 21.32 0.51 2.51
CA MET A 1316 20.64 1.00 1.31
C MET A 1316 19.19 1.26 1.71
N CYS A 1317 18.75 2.49 1.53
CA CYS A 1317 17.44 2.86 2.04
C CYS A 1317 16.79 3.78 1.02
N GLN A 1318 15.47 3.95 1.13
CA GLN A 1318 14.79 4.97 0.35
C GLN A 1318 15.41 6.32 0.66
N GLY A 1319 15.53 7.17 -0.35
CA GLY A 1319 16.21 8.44 -0.18
C GLY A 1319 15.64 9.24 0.97
N SER A 1320 14.32 9.22 1.13
CA SER A 1320 13.74 10.04 2.19
C SER A 1320 14.00 9.49 3.57
N LYS A 1321 14.68 8.36 3.71
CA LYS A 1321 15.07 7.88 5.03
C LYS A 1321 16.50 8.26 5.38
N LYS A 1322 17.28 8.76 4.42
CA LYS A 1322 18.71 8.84 4.62
C LYS A 1322 19.06 9.75 5.80
N ASP A 1323 18.50 10.96 5.83
CA ASP A 1323 18.84 11.90 6.90
C ASP A 1323 18.58 11.30 8.27
N PHE A 1324 17.45 10.60 8.41
CA PHE A 1324 17.09 10.02 9.68
C PHE A 1324 18.20 9.09 10.18
N PHE A 1325 18.67 8.18 9.30
CA PHE A 1325 19.68 7.24 9.74
C PHE A 1325 20.96 7.96 10.11
N LYS A 1326 21.31 9.02 9.37
CA LYS A 1326 22.52 9.73 9.71
C LYS A 1326 22.39 10.32 11.11
N LYS A 1327 21.19 10.78 11.46
CA LYS A 1327 21.08 11.39 12.77
C LYS A 1327 21.10 10.34 13.86
N PHE A 1328 20.56 9.15 13.61
CA PHE A 1328 20.38 8.24 14.72
C PHE A 1328 21.31 7.04 14.66
N LEU A 1329 22.28 7.04 13.75
CA LEU A 1329 23.37 6.07 13.79
C LEU A 1329 24.72 6.71 14.08
N TYR A 1330 25.02 7.88 13.50
CA TYR A 1330 26.27 8.56 13.79
C TYR A 1330 26.28 9.21 15.16
N GLU A 1331 25.13 9.43 15.79
CA GLU A 1331 25.02 10.07 17.10
C GLU A 1331 24.37 9.11 18.09
N PRO A 1332 24.59 9.30 19.39
CA PRO A 1332 23.89 8.45 20.35
C PRO A 1332 22.39 8.69 20.26
N LEU A 1333 21.65 7.75 20.74
CA LEU A 1333 20.24 7.58 20.57
C LEU A 1333 19.45 8.16 21.74
N PRO A 1334 18.47 9.02 21.50
CA PRO A 1334 17.60 9.46 22.60
C PRO A 1334 16.47 8.46 22.82
N VAL A 1335 16.23 8.05 24.06
CA VAL A 1335 15.12 7.15 24.33
C VAL A 1335 14.16 7.79 25.31
N GLU A 1336 12.88 7.41 25.17
CA GLU A 1336 11.77 7.87 25.97
C GLU A 1336 11.08 6.65 26.54
N SER A 1337 10.20 6.88 27.50
CA SER A 1337 9.33 5.86 28.04
C SER A 1337 8.01 5.81 27.28
N HIS A 1338 7.40 4.64 27.22
CA HIS A 1338 6.01 4.58 26.79
C HIS A 1338 5.14 3.87 27.81
N LEU A 1339 5.59 3.84 29.06
CA LEU A 1339 4.81 3.24 30.13
C LEU A 1339 3.44 3.89 30.30
N ASP A 1340 3.31 5.18 29.97
CA ASP A 1340 2.02 5.84 30.15
C ASP A 1340 0.94 5.34 29.20
N HIS A 1341 1.33 4.58 28.17
CA HIS A 1341 0.40 3.92 27.27
C HIS A 1341 0.16 2.47 27.65
N CYS A 1342 0.72 1.98 28.73
CA CYS A 1342 0.72 0.56 29.05
C CYS A 1342 0.56 0.34 30.57
N MET A 1343 -0.25 1.15 31.22
CA MET A 1343 -0.20 1.20 32.68
C MET A 1343 -1.10 0.18 33.37
N HIS A 1344 -2.17 -0.27 32.72
CA HIS A 1344 -3.28 -0.89 33.47
C HIS A 1344 -2.88 -2.20 34.15
N ASP A 1345 -2.21 -3.10 33.40
CA ASP A 1345 -1.88 -4.42 33.97
C ASP A 1345 -0.92 -4.29 35.14
N HIS A 1346 -0.04 -3.30 35.09
CA HIS A 1346 0.94 -3.11 36.16
C HIS A 1346 0.30 -2.48 37.38
N PHE A 1347 -0.51 -1.43 37.20
CA PHE A 1347 -1.31 -0.92 38.31
C PHE A 1347 -2.09 -2.05 38.98
N ASN A 1348 -2.78 -2.86 38.16
CA ASN A 1348 -3.58 -3.95 38.69
C ASN A 1348 -2.75 -4.92 39.52
N ALA A 1349 -1.58 -5.29 39.01
CA ALA A 1349 -0.71 -6.18 39.77
C ALA A 1349 -0.33 -5.56 41.12
N GLU A 1350 0.02 -4.26 41.12
CA GLU A 1350 0.45 -3.59 42.35
C GLU A 1350 -0.67 -3.38 43.35
N ILE A 1351 -1.91 -3.33 42.86
CA ILE A 1351 -3.06 -3.30 43.77
C ILE A 1351 -3.30 -4.67 44.36
N VAL A 1352 -3.10 -5.73 43.58
CA VAL A 1352 -3.24 -7.08 44.11
C VAL A 1352 -2.23 -7.32 45.23
N THR A 1353 -0.98 -6.89 45.07
CA THR A 1353 0.03 -7.17 46.08
C THR A 1353 0.10 -6.09 47.15
N LYS A 1354 -0.86 -5.15 47.16
CA LYS A 1354 -0.98 -4.07 48.14
C LYS A 1354 0.18 -3.10 48.15
N THR A 1355 0.98 -3.02 47.07
CA THR A 1355 1.88 -1.88 46.93
C THR A 1355 1.10 -0.60 46.63
N ILE A 1356 -0.04 -0.70 45.96
CA ILE A 1356 -0.89 0.46 45.75
C ILE A 1356 -2.20 0.21 46.48
N GLU A 1357 -2.50 1.03 47.50
CA GLU A 1357 -3.75 0.92 48.23
C GLU A 1357 -4.60 2.18 48.14
N ASN A 1358 -4.15 3.23 47.46
CA ASN A 1358 -4.91 4.45 47.28
C ASN A 1358 -4.25 5.24 46.16
N LYS A 1359 -4.89 6.36 45.79
CA LYS A 1359 -4.42 7.10 44.63
C LYS A 1359 -3.09 7.78 44.89
N GLN A 1360 -2.82 8.14 46.15
CA GLN A 1360 -1.52 8.71 46.48
C GLN A 1360 -0.42 7.68 46.28
N ASP A 1361 -0.65 6.44 46.73
CA ASP A 1361 0.30 5.38 46.45
C ASP A 1361 0.61 5.27 44.96
N ALA A 1362 -0.40 5.46 44.11
CA ALA A 1362 -0.19 5.32 42.68
C ALA A 1362 0.73 6.41 42.14
N VAL A 1363 0.53 7.66 42.59
CA VAL A 1363 1.46 8.72 42.19
C VAL A 1363 2.88 8.41 42.69
N ASP A 1364 3.00 8.00 43.96
CA ASP A 1364 4.32 7.71 44.53
C ASP A 1364 5.01 6.61 43.71
N TYR A 1365 4.29 5.54 43.43
CA TYR A 1365 4.77 4.47 42.55
C TYR A 1365 5.34 5.05 41.26
N LEU A 1366 4.62 5.97 40.63
CA LEU A 1366 5.10 6.49 39.35
C LEU A 1366 6.44 7.21 39.50
N THR A 1367 6.67 7.82 40.67
CA THR A 1367 7.93 8.54 40.84
C THR A 1367 9.17 7.65 40.74
N TRP A 1368 9.04 6.33 40.78
CA TRP A 1368 10.19 5.44 40.63
C TRP A 1368 10.54 5.12 39.17
N THR A 1369 9.77 5.63 38.22
CA THR A 1369 9.81 5.18 36.83
C THR A 1369 10.72 6.07 36.00
N PHE A 1370 11.12 5.53 34.85
CA PHE A 1370 11.84 6.34 33.88
C PHE A 1370 10.92 7.39 33.27
N LEU A 1371 9.66 7.01 33.01
CA LEU A 1371 8.62 7.96 32.62
C LEU A 1371 8.71 9.24 33.46
N TYR A 1372 8.84 9.08 34.78
CA TYR A 1372 8.78 10.24 35.64
C TYR A 1372 9.96 11.18 35.39
N ARG A 1373 11.17 10.62 35.26
CA ARG A 1373 12.35 11.45 35.01
C ARG A 1373 12.23 12.17 33.67
N ARG A 1374 11.83 11.43 32.64
CA ARG A 1374 11.75 12.02 31.31
C ARG A 1374 10.66 13.07 31.23
N MET A 1375 9.65 12.98 32.08
CA MET A 1375 8.62 14.01 32.01
C MET A 1375 9.18 15.39 32.32
N THR A 1376 10.18 15.49 33.19
CA THR A 1376 10.82 16.77 33.45
C THR A 1376 11.86 17.10 32.41
N GLN A 1377 12.41 16.09 31.72
CA GLN A 1377 13.40 16.45 30.72
C GLN A 1377 12.79 16.82 29.36
N ASN A 1378 11.69 16.22 28.96
CA ASN A 1378 11.13 16.41 27.62
C ASN A 1378 9.61 16.45 27.73
N PRO A 1379 9.08 17.48 28.41
CA PRO A 1379 7.64 17.48 28.75
C PRO A 1379 6.70 17.34 27.55
N ASN A 1380 6.93 18.08 26.46
CA ASN A 1380 6.00 18.01 25.32
C ASN A 1380 5.87 16.59 24.76
N TYR A 1381 6.95 15.79 24.86
CA TYR A 1381 6.85 14.40 24.43
C TYR A 1381 5.73 13.66 25.14
N TYR A 1382 5.46 14.00 26.40
CA TYR A 1382 4.46 13.33 27.20
C TYR A 1382 3.19 14.14 27.33
N ASN A 1383 3.08 15.23 26.58
CA ASN A 1383 1.94 16.16 26.62
C ASN A 1383 1.84 16.94 27.91
N LEU A 1384 2.97 17.25 28.55
CA LEU A 1384 3.00 18.30 29.55
C LEU A 1384 3.36 19.60 28.86
N GLN A 1385 2.87 20.71 29.38
CA GLN A 1385 3.21 22.00 28.81
C GLN A 1385 4.16 22.82 29.68
N GLY A 1386 4.60 22.27 30.80
CA GLY A 1386 5.64 22.86 31.63
C GLY A 1386 6.18 21.79 32.54
N ILE A 1387 7.25 22.12 33.28
CA ILE A 1387 7.93 21.17 34.16
C ILE A 1387 7.75 21.51 35.64
N SER A 1388 6.91 22.50 35.97
CA SER A 1388 6.69 22.85 37.37
C SER A 1388 6.15 21.65 38.14
N HIS A 1389 6.45 21.63 39.44
CA HIS A 1389 6.06 20.49 40.25
C HIS A 1389 4.54 20.31 40.26
N ARG A 1390 3.79 21.40 40.12
CA ARG A 1390 2.34 21.29 40.05
C ARG A 1390 1.87 20.79 38.70
N HIS A 1391 2.56 21.15 37.61
CA HIS A 1391 2.31 20.49 36.34
C HIS A 1391 2.50 18.99 36.47
N LEU A 1392 3.60 18.59 37.10
CA LEU A 1392 3.91 17.18 37.23
C LEU A 1392 2.83 16.47 38.01
N SER A 1393 2.46 17.03 39.16
CA SER A 1393 1.46 16.39 40.01
C SER A 1393 0.10 16.31 39.33
N ASP A 1394 -0.30 17.36 38.61
CA ASP A 1394 -1.56 17.27 37.89
C ASP A 1394 -1.52 16.19 36.82
N HIS A 1395 -0.43 16.12 36.05
CA HIS A 1395 -0.33 15.12 34.99
C HIS A 1395 -0.40 13.71 35.56
N LEU A 1396 0.36 13.46 36.63
CA LEU A 1396 0.38 12.14 37.23
C LEU A 1396 -0.98 11.78 37.79
N SER A 1397 -1.65 12.74 38.44
CA SER A 1397 -2.98 12.48 38.97
C SER A 1397 -3.96 12.16 37.85
N GLU A 1398 -3.86 12.87 36.73
CA GLU A 1398 -4.78 12.62 35.63
C GLU A 1398 -4.59 11.20 35.11
N LEU A 1399 -3.32 10.81 34.92
CA LEU A 1399 -3.01 9.46 34.43
C LEU A 1399 -3.46 8.39 35.41
N VAL A 1400 -3.27 8.64 36.70
CA VAL A 1400 -3.70 7.70 37.73
C VAL A 1400 -5.21 7.53 37.71
N GLU A 1401 -5.94 8.65 37.65
CA GLU A 1401 -7.41 8.58 37.66
C GLU A 1401 -7.92 7.82 36.45
N GLN A 1402 -7.35 8.09 35.28
CA GLN A 1402 -7.74 7.36 34.07
C GLN A 1402 -7.53 5.87 34.23
N THR A 1403 -6.35 5.46 34.72
CA THR A 1403 -6.03 4.04 34.78
C THR A 1403 -6.91 3.32 35.79
N LEU A 1404 -7.09 3.91 36.98
CA LEU A 1404 -7.89 3.26 38.00
C LEU A 1404 -9.36 3.22 37.62
N SER A 1405 -9.85 4.26 36.94
CA SER A 1405 -11.22 4.25 36.44
C SER A 1405 -11.43 3.10 35.46
N ASP A 1406 -10.50 2.93 34.52
CA ASP A 1406 -10.61 1.81 33.60
C ASP A 1406 -10.62 0.48 34.33
N LEU A 1407 -9.69 0.30 35.28
CA LEU A 1407 -9.67 -0.98 36.01
C LEU A 1407 -10.94 -1.19 36.81
N GLU A 1408 -11.56 -0.11 37.28
CA GLU A 1408 -12.80 -0.26 38.06
C GLU A 1408 -13.95 -0.64 37.15
N GLN A 1409 -14.11 0.07 36.04
CA GLN A 1409 -15.14 -0.29 35.07
C GLN A 1409 -15.01 -1.76 34.65
N SER A 1410 -13.79 -2.23 34.46
CA SER A 1410 -13.52 -3.62 34.11
C SER A 1410 -13.74 -4.58 35.27
N LYS A 1411 -14.13 -4.08 36.45
CA LYS A 1411 -14.31 -4.91 37.64
C LYS A 1411 -13.03 -5.64 38.06
N CYS A 1412 -11.86 -5.09 37.78
CA CYS A 1412 -10.66 -5.70 38.35
C CYS A 1412 -10.36 -5.20 39.76
N ILE A 1413 -10.78 -3.97 40.08
CA ILE A 1413 -10.55 -3.34 41.38
C ILE A 1413 -11.81 -2.61 41.80
N SER A 1414 -11.92 -2.37 43.10
CA SER A 1414 -12.91 -1.46 43.65
C SER A 1414 -12.24 -0.17 44.13
N ILE A 1415 -13.06 0.88 44.20
CA ILE A 1415 -12.64 2.22 44.63
C ILE A 1415 -13.69 2.74 45.61
N GLU A 1416 -13.26 3.04 46.83
CA GLU A 1416 -14.14 3.48 47.90
C GLU A 1416 -13.73 4.88 48.34
N ASP A 1417 -14.74 5.70 48.63
CA ASP A 1417 -14.55 7.12 48.98
C ASP A 1417 -13.69 7.82 47.94
N GLU A 1418 -13.78 7.36 46.69
CA GLU A 1418 -13.03 7.91 45.56
C GLU A 1418 -11.53 7.99 45.84
N MET A 1419 -11.05 7.24 46.83
CA MET A 1419 -9.64 7.35 47.20
C MET A 1419 -8.98 5.99 47.29
N ASP A 1420 -9.63 5.03 47.95
CA ASP A 1420 -8.98 3.78 48.32
C ASP A 1420 -9.32 2.70 47.31
N VAL A 1421 -8.30 1.95 46.87
CA VAL A 1421 -8.48 0.91 45.87
C VAL A 1421 -8.22 -0.44 46.51
N ALA A 1422 -8.96 -1.45 46.06
CA ALA A 1422 -8.75 -2.81 46.53
C ALA A 1422 -8.87 -3.75 45.33
N PRO A 1423 -8.20 -4.90 45.36
CA PRO A 1423 -8.28 -5.81 44.21
C PRO A 1423 -9.55 -6.64 44.25
N LEU A 1424 -10.17 -6.82 43.09
CA LEU A 1424 -11.26 -7.77 42.99
C LEU A 1424 -10.72 -9.11 42.50
N ASN A 1425 -11.39 -10.18 42.89
CA ASN A 1425 -10.90 -11.52 42.55
C ASN A 1425 -10.56 -11.64 41.08
N LEU A 1426 -11.29 -10.92 40.23
CA LEU A 1426 -10.97 -10.88 38.81
C LEU A 1426 -9.62 -10.21 38.55
N GLY A 1427 -9.34 -9.10 39.26
CA GLY A 1427 -8.04 -8.47 39.13
C GLY A 1427 -6.95 -9.40 39.62
N MET A 1428 -7.24 -10.16 40.69
CA MET A 1428 -6.28 -11.09 41.25
C MET A 1428 -5.94 -12.22 40.27
N ILE A 1429 -6.94 -12.69 39.52
CA ILE A 1429 -6.68 -13.70 38.49
C ILE A 1429 -5.81 -13.13 37.38
N ALA A 1430 -6.20 -11.96 36.85
CA ALA A 1430 -5.38 -11.35 35.81
C ALA A 1430 -3.93 -11.24 36.25
N ALA A 1431 -3.72 -10.85 37.51
CA ALA A 1431 -2.35 -10.63 37.98
C ALA A 1431 -1.63 -11.95 38.19
N TYR A 1432 -2.31 -12.93 38.77
CA TYR A 1432 -1.69 -14.21 39.06
C TYR A 1432 -1.25 -14.90 37.79
N TYR A 1433 -2.07 -14.88 36.74
CA TYR A 1433 -1.69 -15.62 35.53
C TYR A 1433 -0.99 -14.78 34.49
N TYR A 1434 -0.81 -13.47 34.76
CA TYR A 1434 -0.14 -12.54 33.86
C TYR A 1434 -0.92 -12.39 32.56
N ILE A 1435 -2.22 -12.15 32.70
CA ILE A 1435 -3.13 -11.96 31.58
C ILE A 1435 -3.61 -10.51 31.54
N ASN A 1436 -3.64 -9.93 30.34
CA ASN A 1436 -4.11 -8.57 30.15
C ASN A 1436 -5.51 -8.40 30.74
N TYR A 1437 -5.74 -7.26 31.39
CA TYR A 1437 -7.02 -7.06 32.06
C TYR A 1437 -8.19 -7.04 31.08
N THR A 1438 -7.99 -6.54 29.85
CA THR A 1438 -9.11 -6.59 28.91
C THR A 1438 -9.45 -8.02 28.52
N THR A 1439 -8.44 -8.87 28.36
CA THR A 1439 -8.70 -10.29 28.13
C THR A 1439 -9.56 -10.88 29.24
N ILE A 1440 -9.20 -10.62 30.49
CA ILE A 1440 -9.93 -11.25 31.58
C ILE A 1440 -11.32 -10.64 31.72
N GLU A 1441 -11.49 -9.37 31.36
CA GLU A 1441 -12.85 -8.83 31.29
C GLU A 1441 -13.66 -9.60 30.25
N LEU A 1442 -13.08 -9.81 29.06
CA LEU A 1442 -13.79 -10.56 28.03
C LEU A 1442 -14.13 -11.96 28.50
N PHE A 1443 -13.22 -12.61 29.22
CA PHE A 1443 -13.52 -13.91 29.81
C PHE A 1443 -14.69 -13.82 30.75
N SER A 1444 -14.67 -12.82 31.63
CA SER A 1444 -15.76 -12.66 32.61
C SER A 1444 -17.09 -12.45 31.91
N MET A 1445 -17.07 -11.87 30.71
CA MET A 1445 -18.29 -11.71 29.92
C MET A 1445 -18.72 -13.03 29.30
N SER A 1446 -17.90 -13.58 28.39
CA SER A 1446 -18.35 -14.67 27.52
C SER A 1446 -18.68 -15.94 28.31
N LEU A 1447 -17.85 -16.29 29.30
CA LEU A 1447 -18.07 -17.51 30.06
C LEU A 1447 -19.37 -17.47 30.85
N ASN A 1448 -19.91 -18.66 31.12
CA ASN A 1448 -21.17 -18.81 31.86
C ASN A 1448 -21.24 -20.26 32.36
N ALA A 1449 -22.42 -20.68 32.81
CA ALA A 1449 -22.56 -22.03 33.33
C ALA A 1449 -22.87 -23.06 32.25
N LYS A 1450 -22.91 -22.68 30.97
CA LYS A 1450 -23.17 -23.65 29.91
C LYS A 1450 -22.50 -23.20 28.61
N THR A 1451 -21.27 -22.71 28.70
CA THR A 1451 -20.47 -22.50 27.51
C THR A 1451 -19.83 -23.82 27.10
N LYS A 1452 -19.85 -24.10 25.81
CA LYS A 1452 -19.32 -25.36 25.30
C LYS A 1452 -17.81 -25.28 25.11
N VAL A 1453 -17.18 -26.45 25.18
CA VAL A 1453 -15.72 -26.54 25.14
C VAL A 1453 -15.17 -25.81 23.91
N ARG A 1454 -15.69 -26.15 22.73
CA ARG A 1454 -15.25 -25.50 21.51
C ARG A 1454 -15.47 -23.99 21.56
N GLY A 1455 -16.52 -23.55 22.26
CA GLY A 1455 -16.67 -22.14 22.54
C GLY A 1455 -15.50 -21.58 23.34
N LEU A 1456 -15.01 -22.37 24.30
CA LEU A 1456 -13.82 -21.97 25.03
C LEU A 1456 -12.66 -21.74 24.07
N ILE A 1457 -12.45 -22.67 23.14
CA ILE A 1457 -11.37 -22.49 22.17
C ILE A 1457 -11.54 -21.15 21.47
N GLU A 1458 -12.78 -20.84 21.06
CA GLU A 1458 -13.03 -19.58 20.36
C GLU A 1458 -12.74 -18.38 21.25
N ILE A 1459 -13.23 -18.41 22.50
CA ILE A 1459 -12.98 -17.34 23.46
C ILE A 1459 -11.49 -17.07 23.58
N ILE A 1460 -10.74 -18.11 23.92
CA ILE A 1460 -9.32 -17.99 24.21
C ILE A 1460 -8.57 -17.48 22.99
N SER A 1461 -8.98 -17.90 21.81
CA SER A 1461 -8.30 -17.39 20.63
C SER A 1461 -8.48 -15.88 20.51
N ASN A 1462 -9.61 -15.36 20.97
CA ASN A 1462 -9.87 -13.93 20.96
C ASN A 1462 -9.43 -13.36 22.29
N ALA A 1463 -8.18 -12.92 22.35
CA ALA A 1463 -7.60 -12.43 23.57
C ALA A 1463 -6.44 -11.55 23.17
N ALA A 1464 -6.24 -10.46 23.92
CA ALA A 1464 -5.19 -9.51 23.55
C ALA A 1464 -3.86 -10.21 23.35
N GLU A 1465 -3.67 -11.35 24.04
CA GLU A 1465 -2.41 -12.08 23.98
C GLU A 1465 -2.04 -12.50 22.56
N TYR A 1466 -3.03 -12.81 21.72
CA TYR A 1466 -2.79 -13.42 20.41
C TYR A 1466 -2.85 -12.37 19.29
N GLU A 1467 -1.70 -11.80 18.91
CA GLU A 1467 -1.55 -11.00 17.69
C GLU A 1467 -0.15 -11.25 17.11
N ASN A 1468 -0.03 -12.30 16.27
CA ASN A 1468 1.28 -12.79 15.86
C ASN A 1468 1.44 -13.12 14.38
N ILE A 1469 0.46 -12.87 13.52
CA ILE A 1469 0.49 -13.40 12.16
C ILE A 1469 0.53 -12.26 11.15
N PRO A 1470 1.56 -12.14 10.34
CA PRO A 1470 1.54 -11.15 9.26
C PRO A 1470 1.81 -11.77 7.89
N ILE A 1471 1.67 -13.09 7.79
CA ILE A 1471 2.16 -13.84 6.64
C ILE A 1471 1.01 -14.34 5.75
N ARG A 1472 0.11 -15.14 6.30
CA ARG A 1472 -0.82 -15.93 5.50
C ARG A 1472 -2.22 -15.33 5.52
N HIS A 1473 -2.71 -14.95 4.34
CA HIS A 1473 -4.12 -14.85 4.08
C HIS A 1473 -4.62 -15.94 3.15
N HIS A 1474 -3.72 -16.59 2.40
CA HIS A 1474 -4.12 -17.63 1.48
C HIS A 1474 -4.49 -18.93 2.19
N GLU A 1475 -4.15 -19.08 3.47
CA GLU A 1475 -4.60 -20.23 4.23
C GLU A 1475 -5.93 -20.00 4.90
N ASP A 1476 -6.57 -18.87 4.61
CA ASP A 1476 -7.93 -18.64 5.09
C ASP A 1476 -8.89 -19.68 4.53
N ASN A 1477 -8.72 -20.06 3.26
CA ASN A 1477 -9.57 -21.10 2.68
C ASN A 1477 -9.28 -22.47 3.28
N LEU A 1478 -8.00 -22.76 3.54
CA LEU A 1478 -7.65 -23.98 4.24
C LEU A 1478 -8.35 -24.06 5.59
N LEU A 1479 -8.41 -22.94 6.32
CA LEU A 1479 -9.14 -22.91 7.58
C LEU A 1479 -10.64 -23.07 7.36
N ARG A 1480 -11.17 -22.50 6.27
CA ARG A 1480 -12.58 -22.70 5.94
C ARG A 1480 -12.90 -24.19 5.86
N GLN A 1481 -12.00 -24.98 5.27
CA GLN A 1481 -12.23 -26.43 5.20
C GLN A 1481 -11.88 -27.13 6.51
N LEU A 1482 -10.94 -26.59 7.28
CA LEU A 1482 -10.69 -27.10 8.63
C LEU A 1482 -11.96 -27.04 9.47
N ALA A 1483 -12.77 -25.99 9.25
CA ALA A 1483 -14.03 -25.84 9.98
C ALA A 1483 -14.94 -27.04 9.78
N GLN A 1484 -14.92 -27.63 8.57
CA GLN A 1484 -15.67 -28.85 8.30
C GLN A 1484 -14.97 -30.08 8.88
N LYS A 1485 -13.63 -30.11 8.82
CA LYS A 1485 -12.91 -31.27 9.35
C LYS A 1485 -13.05 -31.37 10.87
N VAL A 1486 -13.10 -30.23 11.57
CA VAL A 1486 -13.30 -30.21 13.02
C VAL A 1486 -14.79 -30.36 13.32
N PRO A 1487 -15.19 -31.03 14.40
CA PRO A 1487 -16.60 -31.07 14.81
C PRO A 1487 -17.08 -29.83 15.53
N HIS A 1488 -16.28 -28.76 15.56
CA HIS A 1488 -16.70 -27.48 16.12
C HIS A 1488 -17.84 -26.89 15.31
N LYS A 1489 -19.07 -27.02 15.79
CA LYS A 1489 -20.15 -26.27 15.19
C LYS A 1489 -19.93 -24.79 15.49
N LEU A 1490 -18.91 -24.21 14.86
CA LEU A 1490 -18.59 -22.82 15.07
C LEU A 1490 -19.72 -21.94 14.57
N ASN A 1491 -19.95 -20.83 15.28
CA ASN A 1491 -20.86 -19.80 14.81
C ASN A 1491 -20.04 -18.68 14.16
N ASN A 1492 -20.77 -17.76 13.50
CA ASN A 1492 -20.18 -16.59 12.86
C ASN A 1492 -19.02 -16.97 11.94
N PRO A 1493 -19.29 -17.63 10.79
CA PRO A 1493 -18.18 -18.02 9.92
C PRO A 1493 -17.50 -16.82 9.25
N LYS A 1494 -17.00 -15.89 10.06
CA LYS A 1494 -16.10 -14.86 9.56
C LYS A 1494 -14.70 -15.44 9.45
N PHE A 1495 -13.81 -14.70 8.79
CA PHE A 1495 -12.51 -15.27 8.44
C PHE A 1495 -11.47 -14.16 8.28
N ASN A 1496 -10.20 -14.57 8.48
CA ASN A 1496 -8.94 -13.92 8.08
C ASN A 1496 -8.25 -13.12 9.19
N ASP A 1497 -8.86 -13.04 10.39
CA ASP A 1497 -8.29 -12.31 11.52
C ASP A 1497 -7.02 -12.97 12.04
N PRO A 1498 -6.16 -12.22 12.74
CA PRO A 1498 -5.04 -12.88 13.46
C PRO A 1498 -5.52 -13.74 14.60
N HIS A 1499 -6.65 -13.39 15.19
CA HIS A 1499 -7.23 -14.22 16.24
C HIS A 1499 -8.01 -15.39 15.66
N VAL A 1500 -8.56 -15.24 14.46
CA VAL A 1500 -9.40 -16.28 13.90
C VAL A 1500 -8.57 -17.46 13.38
N LYS A 1501 -7.27 -17.31 13.17
CA LYS A 1501 -6.43 -18.47 12.93
C LYS A 1501 -6.62 -19.50 14.04
N THR A 1502 -6.31 -19.08 15.27
CA THR A 1502 -6.27 -19.98 16.40
C THR A 1502 -7.66 -20.47 16.83
N ASN A 1503 -8.73 -19.72 16.50
CA ASN A 1503 -10.10 -20.18 16.68
C ASN A 1503 -10.24 -21.66 16.31
N LEU A 1504 -9.50 -22.08 15.28
CA LEU A 1504 -9.38 -23.47 14.89
C LEU A 1504 -7.94 -23.94 14.69
N LEU A 1505 -6.97 -23.04 14.56
CA LEU A 1505 -5.57 -23.50 14.53
C LEU A 1505 -5.19 -24.14 15.85
N LEU A 1506 -5.86 -23.76 16.93
CA LEU A 1506 -5.78 -24.56 18.14
C LEU A 1506 -6.14 -26.00 17.84
N GLN A 1507 -7.29 -26.23 17.19
CA GLN A 1507 -7.71 -27.61 16.91
C GLN A 1507 -6.77 -28.29 15.93
N ALA A 1508 -6.20 -27.52 15.00
CA ALA A 1508 -5.15 -28.04 14.12
C ALA A 1508 -4.02 -28.65 14.94
N HIS A 1509 -3.65 -28.00 16.05
CA HIS A 1509 -2.76 -28.65 17.00
C HIS A 1509 -3.41 -29.86 17.67
N LEU A 1510 -4.67 -29.72 18.10
CA LEU A 1510 -5.24 -30.64 19.08
C LEU A 1510 -5.39 -32.05 18.52
N SER A 1511 -6.08 -32.18 17.39
CA SER A 1511 -6.28 -33.49 16.78
C SER A 1511 -4.98 -34.12 16.28
N ARG A 1512 -3.85 -33.41 16.36
CA ARG A 1512 -2.59 -33.73 15.71
C ARG A 1512 -2.71 -33.62 14.21
N MET A 1513 -3.77 -32.93 13.77
CA MET A 1513 -4.18 -32.92 12.37
C MET A 1513 -3.01 -32.81 11.41
N GLN A 1514 -2.21 -31.76 11.53
CA GLN A 1514 -1.15 -31.54 10.57
C GLN A 1514 0.03 -30.83 11.21
N LEU A 1515 1.23 -31.13 10.71
CA LEU A 1515 2.39 -30.28 10.88
C LEU A 1515 2.60 -29.53 9.56
N SER A 1516 2.73 -28.20 9.62
CA SER A 1516 2.69 -27.42 8.39
C SER A 1516 3.49 -26.12 8.54
N ALA A 1517 4.65 -26.07 7.88
CA ALA A 1517 5.34 -24.83 7.53
C ALA A 1517 5.80 -23.99 8.72
N GLU A 1518 6.02 -22.69 8.46
CA GLU A 1518 6.34 -21.74 9.52
C GLU A 1518 5.24 -21.66 10.57
N LEU A 1519 4.03 -22.04 10.21
CA LEU A 1519 2.94 -22.06 11.18
C LEU A 1519 3.32 -22.87 12.41
N GLN A 1520 4.20 -23.87 12.25
CA GLN A 1520 4.76 -24.59 13.38
C GLN A 1520 5.28 -23.61 14.44
N SER A 1521 6.23 -22.76 14.06
CA SER A 1521 6.70 -21.69 14.95
C SER A 1521 5.52 -20.91 15.53
N ASP A 1522 4.56 -20.53 14.69
CA ASP A 1522 3.37 -19.84 15.17
C ASP A 1522 2.70 -20.63 16.29
N THR A 1523 2.40 -21.91 16.04
CA THR A 1523 1.74 -22.72 17.06
C THR A 1523 2.51 -22.68 18.37
N GLU A 1524 3.85 -22.72 18.30
CA GLU A 1524 4.64 -22.80 19.53
C GLU A 1524 4.44 -21.57 20.41
N GLU A 1525 4.22 -20.39 19.82
CA GLU A 1525 3.93 -19.24 20.66
C GLU A 1525 2.50 -19.31 21.21
N ILE A 1526 1.55 -19.73 20.37
CA ILE A 1526 0.16 -19.79 20.82
C ILE A 1526 0.02 -20.71 22.02
N LEU A 1527 0.47 -21.97 21.86
CA LEU A 1527 0.44 -22.93 22.97
C LEU A 1527 1.09 -22.36 24.21
N SER A 1528 2.12 -21.51 24.03
CA SER A 1528 2.81 -20.89 25.15
C SER A 1528 1.85 -20.18 26.09
N LYS A 1529 0.83 -19.53 25.56
CA LYS A 1529 -0.09 -18.74 26.36
C LYS A 1529 -1.34 -19.50 26.72
N ALA A 1530 -1.54 -20.70 26.17
CA ALA A 1530 -2.85 -21.31 26.23
C ALA A 1530 -3.18 -21.79 27.64
N ILE A 1531 -2.24 -22.46 28.30
CA ILE A 1531 -2.55 -23.03 29.61
C ILE A 1531 -2.99 -21.95 30.57
N ARG A 1532 -2.23 -20.86 30.66
CA ARG A 1532 -2.61 -19.76 31.53
C ARG A 1532 -4.02 -19.30 31.21
N LEU A 1533 -4.29 -19.07 29.92
CA LEU A 1533 -5.62 -18.60 29.55
C LEU A 1533 -6.67 -19.60 30.01
N ILE A 1534 -6.41 -20.89 29.78
CA ILE A 1534 -7.34 -21.92 30.24
C ILE A 1534 -7.50 -21.84 31.75
N GLN A 1535 -6.38 -21.80 32.47
CA GLN A 1535 -6.48 -21.78 33.92
C GLN A 1535 -7.27 -20.58 34.39
N ALA A 1536 -7.13 -19.44 33.71
CA ALA A 1536 -7.93 -18.28 34.09
C ALA A 1536 -9.41 -18.62 34.00
N CYS A 1537 -9.83 -19.17 32.86
CA CYS A 1537 -11.22 -19.58 32.72
C CYS A 1537 -11.62 -20.51 33.86
N VAL A 1538 -10.77 -21.50 34.14
CA VAL A 1538 -11.07 -22.39 35.27
C VAL A 1538 -11.36 -21.56 36.50
N ASP A 1539 -10.42 -20.68 36.84
CA ASP A 1539 -10.57 -19.85 38.02
C ASP A 1539 -11.88 -19.07 37.99
N VAL A 1540 -12.19 -18.43 36.85
CA VAL A 1540 -13.46 -17.71 36.75
C VAL A 1540 -14.61 -18.63 37.12
N LEU A 1541 -14.72 -19.76 36.41
CA LEU A 1541 -15.84 -20.66 36.65
C LEU A 1541 -15.84 -21.10 38.10
N SER A 1542 -14.67 -21.41 38.64
CA SER A 1542 -14.60 -21.95 39.99
C SER A 1542 -15.11 -20.94 41.00
N SER A 1543 -14.86 -19.65 40.76
CA SER A 1543 -15.32 -18.66 41.72
C SER A 1543 -16.83 -18.49 41.66
N ASN A 1544 -17.42 -18.72 40.48
CA ASN A 1544 -18.85 -18.50 40.34
C ASN A 1544 -19.67 -19.52 41.11
N GLY A 1545 -19.16 -20.74 41.23
CA GLY A 1545 -19.87 -21.82 41.90
C GLY A 1545 -20.25 -22.95 40.98
N TRP A 1546 -19.97 -22.83 39.69
CA TRP A 1546 -20.38 -23.84 38.72
C TRP A 1546 -19.44 -25.03 38.76
N LEU A 1547 -20.02 -26.23 38.64
CA LEU A 1547 -19.27 -27.47 38.76
C LEU A 1547 -18.90 -28.08 37.42
N SER A 1548 -19.72 -27.89 36.40
CA SER A 1548 -19.49 -28.62 35.15
C SER A 1548 -18.53 -27.89 34.21
N PRO A 1549 -18.79 -26.65 33.80
CA PRO A 1549 -17.91 -26.03 32.80
C PRO A 1549 -16.48 -25.84 33.29
N ALA A 1550 -16.28 -25.74 34.61
CA ALA A 1550 -14.93 -25.76 35.16
C ALA A 1550 -14.21 -27.06 34.81
N LEU A 1551 -14.85 -28.20 35.10
CA LEU A 1551 -14.24 -29.48 34.76
C LEU A 1551 -14.00 -29.59 33.26
N ALA A 1552 -14.93 -29.06 32.45
CA ALA A 1552 -14.69 -29.02 31.01
C ALA A 1552 -13.40 -28.27 30.69
N ALA A 1553 -13.19 -27.14 31.36
CA ALA A 1553 -11.98 -26.36 31.13
C ALA A 1553 -10.73 -27.13 31.56
N MET A 1554 -10.81 -27.84 32.69
CA MET A 1554 -9.68 -28.64 33.14
C MET A 1554 -9.32 -29.73 32.13
N GLU A 1555 -10.33 -30.41 31.62
CA GLU A 1555 -10.06 -31.46 30.63
C GLU A 1555 -9.55 -30.86 29.34
N LEU A 1556 -9.92 -29.62 29.02
CA LEU A 1556 -9.34 -28.94 27.86
C LEU A 1556 -7.88 -28.58 28.09
N ALA A 1557 -7.51 -28.27 29.33
CA ALA A 1557 -6.10 -28.14 29.66
C ALA A 1557 -5.35 -29.43 29.34
N GLN A 1558 -5.88 -30.56 29.83
CA GLN A 1558 -5.37 -31.88 29.45
C GLN A 1558 -5.26 -32.04 27.95
N MET A 1559 -6.34 -31.71 27.24
CA MET A 1559 -6.38 -31.82 25.78
C MET A 1559 -5.24 -31.08 25.13
N VAL A 1560 -5.07 -29.80 25.47
CA VAL A 1560 -4.00 -29.02 24.87
C VAL A 1560 -2.65 -29.66 25.18
N THR A 1561 -2.47 -30.15 26.41
CA THR A 1561 -1.19 -30.72 26.78
C THR A 1561 -0.86 -31.93 25.91
N GLN A 1562 -1.75 -32.93 25.89
CA GLN A 1562 -1.47 -34.18 25.19
C GLN A 1562 -1.89 -34.16 23.72
N ALA A 1563 -2.58 -33.12 23.27
CA ALA A 1563 -3.09 -33.00 21.91
C ALA A 1563 -3.99 -34.19 21.55
N MET A 1564 -5.10 -34.30 22.29
CA MET A 1564 -6.18 -35.24 22.02
C MET A 1564 -7.49 -34.57 22.40
N TRP A 1565 -8.59 -35.32 22.37
CA TRP A 1565 -9.88 -34.79 22.78
C TRP A 1565 -10.52 -35.73 23.78
N SER A 1566 -11.65 -35.28 24.33
CA SER A 1566 -12.30 -36.04 25.39
C SER A 1566 -12.84 -37.38 24.88
N LYS A 1567 -13.51 -37.37 23.73
CA LYS A 1567 -14.06 -38.61 23.19
C LYS A 1567 -12.99 -39.52 22.62
N ASP A 1568 -11.88 -38.96 22.15
CA ASP A 1568 -10.81 -39.78 21.60
C ASP A 1568 -10.26 -40.75 22.64
N SER A 1569 -9.37 -41.61 22.18
CA SER A 1569 -8.84 -42.68 23.02
C SER A 1569 -7.67 -42.19 23.85
N TYR A 1570 -7.61 -42.64 25.11
CA TYR A 1570 -6.46 -42.32 25.94
C TYR A 1570 -5.16 -42.83 25.35
N LEU A 1571 -5.19 -44.01 24.70
CA LEU A 1571 -3.97 -44.63 24.18
C LEU A 1571 -3.21 -43.70 23.25
N LYS A 1572 -3.85 -42.64 22.74
CA LYS A 1572 -3.19 -41.65 21.89
C LYS A 1572 -2.05 -40.92 22.61
N GLN A 1573 -1.92 -41.10 23.93
CA GLN A 1573 -0.89 -40.44 24.71
C GLN A 1573 0.47 -41.12 24.60
N LEU A 1574 0.49 -42.41 24.26
CA LEU A 1574 1.69 -43.23 24.28
C LEU A 1574 2.55 -42.99 23.05
N PRO A 1575 3.88 -42.96 23.21
CA PRO A 1575 4.75 -42.74 22.06
C PRO A 1575 4.63 -43.86 21.05
N HIS A 1576 4.79 -43.49 19.77
CA HIS A 1576 4.87 -44.42 18.64
C HIS A 1576 3.56 -45.17 18.41
N PHE A 1577 2.44 -44.60 18.86
CA PHE A 1577 1.13 -45.18 18.67
C PHE A 1577 0.48 -44.66 17.39
N THR A 1578 -0.53 -45.39 16.90
CA THR A 1578 -1.40 -44.85 15.86
C THR A 1578 -2.76 -45.55 15.91
N SER A 1579 -3.62 -45.19 14.96
CA SER A 1579 -5.03 -45.57 15.04
C SER A 1579 -5.20 -47.07 14.93
N GLU A 1580 -4.40 -47.71 14.10
CA GLU A 1580 -4.50 -49.17 13.97
C GLU A 1580 -4.21 -49.84 15.30
N HIS A 1581 -3.20 -49.37 16.03
CA HIS A 1581 -2.97 -49.92 17.37
C HIS A 1581 -4.18 -49.69 18.27
N ILE A 1582 -4.89 -48.59 18.09
CA ILE A 1582 -6.03 -48.29 18.95
C ILE A 1582 -7.16 -49.28 18.69
N LYS A 1583 -7.45 -49.54 17.40
CA LYS A 1583 -8.50 -50.50 17.12
C LYS A 1583 -8.08 -51.92 17.49
N ARG A 1584 -6.78 -52.24 17.45
CA ARG A 1584 -6.33 -53.55 17.93
C ARG A 1584 -6.51 -53.68 19.43
N CYS A 1585 -6.14 -52.64 20.19
CA CYS A 1585 -6.32 -52.67 21.63
C CYS A 1585 -7.80 -52.67 22.01
N THR A 1586 -8.64 -52.08 21.16
CA THR A 1586 -10.08 -52.19 21.36
C THR A 1586 -10.55 -53.62 21.09
N ASP A 1587 -9.96 -54.27 20.08
CA ASP A 1587 -10.28 -55.65 19.76
C ASP A 1587 -9.92 -56.59 20.92
N LYS A 1588 -8.76 -56.34 21.57
CA LYS A 1588 -8.42 -57.11 22.76
C LYS A 1588 -9.31 -56.74 23.95
N GLY A 1589 -9.73 -55.49 24.03
CA GLY A 1589 -10.53 -55.01 25.13
C GLY A 1589 -9.81 -54.13 26.12
N VAL A 1590 -8.63 -53.60 25.77
CA VAL A 1590 -7.88 -52.71 26.64
C VAL A 1590 -8.06 -51.28 26.14
N GLU A 1591 -8.36 -50.36 27.06
CA GLU A 1591 -8.56 -48.96 26.71
C GLU A 1591 -7.81 -48.01 27.62
N SER A 1592 -7.08 -48.49 28.62
CA SER A 1592 -6.40 -47.64 29.58
C SER A 1592 -4.88 -47.82 29.46
N VAL A 1593 -4.17 -46.76 29.87
CA VAL A 1593 -2.72 -46.84 30.02
C VAL A 1593 -2.35 -47.91 31.05
N PHE A 1594 -3.14 -48.00 32.12
CA PHE A 1594 -2.91 -49.03 33.14
C PHE A 1594 -3.10 -50.42 32.54
N ASP A 1595 -4.09 -50.57 31.65
CA ASP A 1595 -4.27 -51.81 30.92
C ASP A 1595 -2.97 -52.25 30.26
N ILE A 1596 -2.37 -51.36 29.46
CA ILE A 1596 -1.08 -51.66 28.83
C ILE A 1596 -0.03 -52.00 29.89
N MET A 1597 -0.09 -51.34 31.05
CA MET A 1597 0.87 -51.66 32.10
C MET A 1597 0.64 -53.06 32.67
N GLU A 1598 -0.61 -53.51 32.73
CA GLU A 1598 -0.93 -54.84 33.28
C GLU A 1598 -1.01 -55.84 32.13
N MET A 1599 0.17 -56.22 31.63
CA MET A 1599 0.33 -57.20 30.57
C MET A 1599 1.68 -57.88 30.75
N GLU A 1600 1.80 -59.10 30.25
CA GLU A 1600 3.10 -59.77 30.27
C GLU A 1600 4.00 -59.16 29.20
N ASP A 1601 5.30 -59.10 29.51
CA ASP A 1601 6.25 -58.39 28.65
C ASP A 1601 6.29 -58.98 27.25
N GLU A 1602 6.27 -60.30 27.13
CA GLU A 1602 6.23 -60.94 25.81
C GLU A 1602 4.92 -60.60 25.09
N GLU A 1603 3.80 -60.80 25.78
CA GLU A 1603 2.51 -60.45 25.18
C GLU A 1603 2.41 -58.96 24.93
N ARG A 1604 2.94 -58.14 25.84
CA ARG A 1604 3.02 -56.71 25.59
C ARG A 1604 3.73 -56.42 24.27
N ASN A 1605 4.92 -56.99 24.09
CA ASN A 1605 5.70 -56.74 22.88
C ASN A 1605 4.99 -57.25 21.64
N ALA A 1606 4.13 -58.27 21.79
CA ALA A 1606 3.46 -58.82 20.62
C ALA A 1606 2.22 -58.04 20.24
N LEU A 1607 1.47 -57.53 21.22
CA LEU A 1607 0.19 -56.87 20.91
C LEU A 1607 0.39 -55.62 20.08
N LEU A 1608 1.52 -54.94 20.28
CA LEU A 1608 1.68 -53.60 19.76
C LEU A 1608 2.29 -53.57 18.36
N GLN A 1609 2.92 -54.66 17.93
CA GLN A 1609 3.62 -54.68 16.65
C GLN A 1609 4.63 -53.54 16.57
N LEU A 1610 5.48 -53.42 17.60
CA LEU A 1610 6.38 -52.28 17.68
C LEU A 1610 7.81 -52.71 17.98
N THR A 1611 8.75 -51.86 17.55
CA THR A 1611 10.18 -51.97 17.81
C THR A 1611 10.46 -52.02 19.31
N ASP A 1612 11.62 -52.56 19.66
CA ASP A 1612 12.04 -52.60 21.05
C ASP A 1612 12.23 -51.20 21.63
N SER A 1613 13.00 -50.35 20.95
CA SER A 1613 13.25 -49.01 21.48
C SER A 1613 11.98 -48.18 21.54
N GLN A 1614 11.04 -48.45 20.64
CA GLN A 1614 9.78 -47.73 20.67
C GLN A 1614 8.95 -48.13 21.90
N ILE A 1615 8.94 -49.42 22.25
CA ILE A 1615 8.27 -49.78 23.50
C ILE A 1615 9.08 -49.31 24.71
N ALA A 1616 10.38 -49.03 24.56
CA ALA A 1616 11.08 -48.39 25.68
C ALA A 1616 10.60 -46.95 25.88
N ASP A 1617 10.30 -46.25 24.78
CA ASP A 1617 9.63 -44.97 24.89
C ASP A 1617 8.27 -45.11 25.60
N VAL A 1618 7.50 -46.12 25.18
CA VAL A 1618 6.21 -46.40 25.83
C VAL A 1618 6.40 -46.64 27.33
N ALA A 1619 7.47 -47.35 27.68
CA ALA A 1619 7.72 -47.69 29.08
C ALA A 1619 8.06 -46.46 29.90
N ARG A 1620 8.86 -45.54 29.34
CA ARG A 1620 9.19 -44.33 30.08
C ARG A 1620 7.95 -43.48 30.31
N PHE A 1621 7.08 -43.37 29.29
CA PHE A 1621 5.82 -42.68 29.51
C PHE A 1621 5.00 -43.37 30.59
N CYS A 1622 4.94 -44.71 30.57
CA CYS A 1622 4.13 -45.43 31.52
C CYS A 1622 4.67 -45.32 32.94
N ASN A 1623 5.98 -45.14 33.09
CA ASN A 1623 6.57 -44.99 34.42
C ASN A 1623 6.65 -43.54 34.87
N ARG A 1624 6.27 -42.58 34.03
CA ARG A 1624 5.93 -41.26 34.59
C ARG A 1624 4.44 -40.95 34.55
N TYR A 1625 3.62 -41.80 33.95
CA TYR A 1625 2.17 -41.60 34.01
C TYR A 1625 1.72 -41.58 35.47
N PRO A 1626 0.81 -40.69 35.83
CA PRO A 1626 0.40 -40.60 37.24
C PRO A 1626 -0.42 -41.80 37.69
N ASN A 1627 0.01 -42.41 38.79
CA ASN A 1627 -0.70 -43.48 39.48
C ASN A 1627 -0.58 -43.10 40.95
N ILE A 1628 -1.60 -42.41 41.45
CA ILE A 1628 -1.57 -41.82 42.79
C ILE A 1628 -2.61 -42.53 43.65
N GLU A 1629 -2.18 -43.02 44.80
CA GLU A 1629 -3.11 -43.55 45.78
C GLU A 1629 -3.82 -42.38 46.45
N LEU A 1630 -5.14 -42.51 46.56
CA LEU A 1630 -6.00 -41.47 47.12
C LEU A 1630 -6.60 -41.95 48.45
N SER A 1631 -6.89 -40.99 49.33
CA SER A 1631 -7.65 -41.29 50.52
C SER A 1631 -8.26 -39.98 51.03
N TYR A 1632 -9.43 -40.09 51.65
CA TYR A 1632 -10.08 -38.91 52.23
C TYR A 1632 -10.60 -39.26 53.61
N GLU A 1633 -10.80 -38.21 54.41
CA GLU A 1633 -11.38 -38.33 55.74
C GLU A 1633 -12.18 -37.06 56.01
N VAL A 1634 -13.41 -37.23 56.47
CA VAL A 1634 -14.27 -36.10 56.79
C VAL A 1634 -14.13 -35.83 58.30
N VAL A 1635 -13.45 -34.73 58.63
CA VAL A 1635 -13.12 -34.43 60.03
C VAL A 1635 -14.40 -34.25 60.83
N ASP A 1636 -14.57 -35.06 61.87
CA ASP A 1636 -15.77 -35.06 62.72
C ASP A 1636 -17.04 -35.20 61.88
N LYS A 1637 -17.14 -36.37 61.23
CA LYS A 1637 -18.19 -36.60 60.24
C LYS A 1637 -19.59 -36.64 60.88
N ASP A 1638 -19.68 -37.04 62.15
CA ASP A 1638 -20.96 -37.03 62.84
C ASP A 1638 -21.28 -35.63 63.39
N SER A 1639 -20.40 -35.10 64.24
CA SER A 1639 -20.55 -33.78 64.84
C SER A 1639 -20.49 -32.66 63.80
N ILE A 1640 -21.40 -32.68 62.83
CA ILE A 1640 -21.48 -31.65 61.79
C ILE A 1640 -22.83 -30.95 61.94
N ARG A 1641 -22.79 -29.71 62.42
CA ARG A 1641 -24.00 -28.93 62.65
C ARG A 1641 -24.33 -28.07 61.43
N SER A 1642 -25.62 -27.88 61.18
CA SER A 1642 -26.07 -26.99 60.13
C SER A 1642 -25.62 -25.57 60.42
N GLY A 1643 -24.79 -25.01 59.54
CA GLY A 1643 -24.22 -23.70 59.71
C GLY A 1643 -22.73 -23.71 60.01
N GLY A 1644 -22.18 -24.85 60.42
CA GLY A 1644 -20.80 -24.91 60.84
C GLY A 1644 -19.84 -25.19 59.71
N PRO A 1645 -18.63 -25.65 60.05
CA PRO A 1645 -17.61 -25.92 59.04
C PRO A 1645 -17.55 -27.38 58.60
N VAL A 1646 -17.19 -27.55 57.32
CA VAL A 1646 -17.00 -28.88 56.73
C VAL A 1646 -15.55 -29.03 56.29
N VAL A 1647 -14.67 -29.35 57.24
CA VAL A 1647 -13.24 -29.54 56.97
C VAL A 1647 -13.08 -30.97 56.45
N VAL A 1648 -13.03 -31.14 55.12
CA VAL A 1648 -12.71 -32.44 54.53
C VAL A 1648 -11.22 -32.47 54.22
N LEU A 1649 -10.60 -33.62 54.44
CA LEU A 1649 -9.17 -33.79 54.27
C LEU A 1649 -8.95 -34.87 53.23
N VAL A 1650 -7.99 -34.64 52.33
CA VAL A 1650 -7.64 -35.63 51.30
C VAL A 1650 -6.13 -35.79 51.29
N GLN A 1651 -5.67 -37.02 51.49
CA GLN A 1651 -4.25 -37.36 51.42
C GLN A 1651 -3.98 -38.15 50.14
N LEU A 1652 -2.94 -37.75 49.41
CA LEU A 1652 -2.58 -38.36 48.16
C LEU A 1652 -1.12 -38.78 48.22
N GLU A 1653 -0.82 -39.97 47.73
CA GLU A 1653 0.54 -40.50 47.74
C GLU A 1653 0.88 -41.06 46.37
N ARG A 1654 1.90 -40.50 45.73
CA ARG A 1654 2.39 -41.09 44.50
C ARG A 1654 2.98 -42.47 44.79
N GLU A 1655 3.07 -43.29 43.75
CA GLU A 1655 3.60 -44.64 43.95
C GLU A 1655 5.11 -44.71 43.86
N GLU A 1656 5.76 -43.83 43.08
CA GLU A 1656 7.21 -43.86 42.98
C GLU A 1656 7.83 -42.47 42.87
N GLU A 1657 7.19 -41.45 43.46
CA GLU A 1657 7.75 -40.11 43.67
C GLU A 1657 8.60 -39.64 42.49
N VAL A 1658 8.05 -39.81 41.28
CA VAL A 1658 8.82 -39.51 40.07
C VAL A 1658 9.32 -38.06 40.09
N THR A 1659 10.41 -37.82 39.37
CA THR A 1659 11.09 -36.54 39.42
C THR A 1659 11.22 -35.88 38.05
N GLY A 1660 10.70 -36.50 37.00
CA GLY A 1660 10.67 -35.85 35.72
C GLY A 1660 9.46 -34.94 35.58
N PRO A 1661 9.58 -33.93 34.74
CA PRO A 1661 8.39 -33.15 34.38
C PRO A 1661 7.41 -33.99 33.57
N VAL A 1662 6.32 -33.37 33.12
CA VAL A 1662 5.34 -34.06 32.30
C VAL A 1662 6.00 -34.56 31.01
N ILE A 1663 5.55 -35.73 30.55
CA ILE A 1663 5.86 -36.22 29.20
C ILE A 1663 4.77 -35.68 28.29
N ALA A 1664 5.13 -34.72 27.45
CA ALA A 1664 4.16 -34.02 26.60
C ALA A 1664 4.89 -33.54 25.37
N PRO A 1665 5.24 -34.46 24.46
CA PRO A 1665 6.13 -34.10 23.34
C PRO A 1665 5.56 -33.06 22.40
N LEU A 1666 4.24 -33.11 22.14
CA LEU A 1666 3.60 -32.10 21.30
C LEU A 1666 3.36 -30.77 22.02
N PHE A 1667 3.58 -30.71 23.32
CA PHE A 1667 3.48 -29.41 23.96
C PHE A 1667 4.87 -28.82 24.14
N PRO A 1668 5.05 -27.52 23.82
CA PRO A 1668 6.40 -26.94 23.74
C PRO A 1668 7.15 -26.92 25.07
N GLN A 1669 6.69 -26.07 25.98
CA GLN A 1669 7.37 -25.92 27.26
C GLN A 1669 7.36 -27.22 28.05
N LYS A 1670 8.38 -27.39 28.87
CA LYS A 1670 8.36 -28.46 29.86
C LYS A 1670 7.42 -28.08 30.99
N ARG A 1671 6.55 -29.00 31.38
CA ARG A 1671 5.49 -28.72 32.33
C ARG A 1671 5.67 -29.56 33.59
N GLU A 1672 5.38 -28.97 34.71
CA GLU A 1672 5.16 -29.76 35.90
C GLU A 1672 3.69 -30.13 36.03
N GLU A 1673 3.45 -31.19 36.76
CA GLU A 1673 2.13 -31.79 36.87
C GLU A 1673 1.27 -30.99 37.85
N GLY A 1674 0.07 -30.61 37.42
CA GLY A 1674 -0.84 -29.86 38.25
C GLY A 1674 -2.08 -30.67 38.55
N TRP A 1675 -2.67 -30.41 39.72
CA TRP A 1675 -3.85 -31.16 40.14
C TRP A 1675 -4.88 -30.22 40.75
N TRP A 1676 -6.14 -30.62 40.62
CA TRP A 1676 -7.26 -29.96 41.27
C TRP A 1676 -8.01 -30.99 42.09
N VAL A 1677 -8.16 -30.71 43.39
CA VAL A 1677 -9.05 -31.45 44.27
C VAL A 1677 -10.33 -30.63 44.38
N VAL A 1678 -11.41 -31.16 43.81
CA VAL A 1678 -12.63 -30.41 43.55
C VAL A 1678 -13.79 -31.14 44.19
N ILE A 1679 -14.30 -30.63 45.30
CA ILE A 1679 -15.48 -31.22 45.93
C ILE A 1679 -16.69 -30.38 45.54
N GLY A 1680 -17.70 -31.05 44.98
CA GLY A 1680 -18.90 -30.39 44.57
C GLY A 1680 -20.05 -31.37 44.46
N ASP A 1681 -21.13 -30.93 43.83
CA ASP A 1681 -22.27 -31.80 43.55
C ASP A 1681 -22.80 -31.45 42.16
N ALA A 1682 -22.65 -32.38 41.22
CA ALA A 1682 -23.15 -32.20 39.86
C ALA A 1682 -24.66 -32.16 39.81
N LYS A 1683 -25.33 -32.29 40.95
CA LYS A 1683 -26.78 -32.27 41.00
C LYS A 1683 -27.36 -31.02 40.34
N SER A 1684 -26.62 -29.91 40.37
CA SER A 1684 -27.15 -28.66 39.83
C SER A 1684 -26.05 -27.71 39.33
N ASN A 1685 -24.91 -28.26 38.93
CA ASN A 1685 -23.75 -27.45 38.52
C ASN A 1685 -23.29 -26.56 39.66
N SER A 1686 -22.87 -27.18 40.76
CA SER A 1686 -22.47 -26.46 41.96
C SER A 1686 -21.13 -27.00 42.45
N LEU A 1687 -20.14 -26.12 42.57
CA LEU A 1687 -18.87 -26.44 43.17
C LEU A 1687 -18.79 -25.76 44.54
N ILE A 1688 -18.36 -26.52 45.55
CA ILE A 1688 -18.39 -26.03 46.91
C ILE A 1688 -17.00 -25.80 47.49
N SER A 1689 -15.99 -26.60 47.14
CA SER A 1689 -14.63 -26.28 47.54
C SER A 1689 -13.67 -26.80 46.49
N ILE A 1690 -12.55 -26.11 46.34
CA ILE A 1690 -11.57 -26.44 45.33
C ILE A 1690 -10.19 -26.03 45.85
N LYS A 1691 -9.20 -26.86 45.56
CA LYS A 1691 -7.81 -26.49 45.83
C LYS A 1691 -6.92 -27.00 44.69
N ARG A 1692 -6.04 -26.11 44.22
CA ARG A 1692 -4.96 -26.51 43.33
C ARG A 1692 -3.82 -27.10 44.15
N LEU A 1693 -3.09 -28.03 43.56
CA LEU A 1693 -1.96 -28.62 44.27
C LEU A 1693 -0.92 -29.16 43.29
N THR A 1694 0.33 -29.02 43.68
CA THR A 1694 1.46 -29.71 43.07
C THR A 1694 1.84 -30.84 44.01
N LEU A 1695 1.76 -32.07 43.52
CA LEU A 1695 2.01 -33.26 44.31
C LEU A 1695 3.40 -33.79 43.99
N GLN A 1696 4.21 -33.98 45.03
CA GLN A 1696 5.55 -34.53 44.84
C GLN A 1696 5.60 -36.02 45.17
N GLN A 1697 5.35 -36.38 46.43
CA GLN A 1697 5.21 -37.78 46.76
C GLN A 1697 3.94 -38.02 47.57
N LYS A 1698 3.72 -37.18 48.58
CA LYS A 1698 2.53 -37.27 49.42
C LYS A 1698 2.12 -35.85 49.82
N ALA A 1699 0.84 -35.55 49.63
CA ALA A 1699 0.28 -34.23 49.89
C ALA A 1699 -1.03 -34.37 50.67
N LYS A 1700 -1.22 -33.46 51.62
CA LYS A 1700 -2.36 -33.47 52.53
C LYS A 1700 -3.11 -32.16 52.35
N VAL A 1701 -4.36 -32.24 51.89
CA VAL A 1701 -5.10 -31.07 51.41
C VAL A 1701 -6.38 -30.90 52.21
N LYS A 1702 -6.57 -29.69 52.73
CA LYS A 1702 -7.79 -29.29 53.43
C LYS A 1702 -8.79 -28.69 52.45
N LEU A 1703 -10.07 -28.81 52.78
CA LEU A 1703 -11.11 -28.11 52.05
C LEU A 1703 -12.19 -27.68 53.03
N ASP A 1704 -12.55 -26.40 52.98
CA ASP A 1704 -13.51 -25.79 53.89
C ASP A 1704 -14.83 -25.51 53.17
N PHE A 1705 -15.93 -25.62 53.90
CA PHE A 1705 -17.25 -25.43 53.31
C PHE A 1705 -18.29 -25.24 54.42
N VAL A 1706 -19.29 -24.40 54.13
CA VAL A 1706 -20.40 -24.12 55.05
C VAL A 1706 -21.48 -25.19 54.88
N ALA A 1707 -22.13 -25.55 55.98
CA ALA A 1707 -23.25 -26.48 55.93
C ALA A 1707 -24.55 -25.72 56.16
N PRO A 1708 -25.28 -25.32 55.11
CA PRO A 1708 -26.46 -24.48 55.30
C PRO A 1708 -27.54 -25.10 56.19
N ALA A 1709 -28.26 -26.10 55.67
CA ALA A 1709 -29.37 -26.69 56.41
C ALA A 1709 -29.21 -28.21 56.47
N THR A 1710 -29.81 -28.80 57.51
CA THR A 1710 -29.81 -30.25 57.64
C THR A 1710 -30.57 -30.88 56.48
N GLY A 1711 -30.01 -31.97 55.95
CA GLY A 1711 -30.65 -32.63 54.82
C GLY A 1711 -29.72 -33.67 54.21
N ALA A 1712 -29.97 -33.96 52.94
CA ALA A 1712 -29.20 -34.98 52.23
C ALA A 1712 -27.78 -34.49 51.97
N HIS A 1713 -26.80 -35.33 52.30
CA HIS A 1713 -25.39 -34.95 52.40
C HIS A 1713 -24.53 -35.98 51.67
N ASN A 1714 -24.58 -35.96 50.34
CA ASN A 1714 -23.76 -36.83 49.51
C ASN A 1714 -23.04 -36.00 48.46
N TYR A 1715 -21.71 -35.93 48.57
CA TYR A 1715 -20.89 -35.03 47.75
C TYR A 1715 -19.86 -35.82 46.94
N THR A 1716 -19.48 -35.24 45.79
CA THR A 1716 -18.59 -35.87 44.83
C THR A 1716 -17.22 -35.18 44.86
N LEU A 1717 -16.17 -35.97 45.10
CA LEU A 1717 -14.79 -35.50 45.12
C LEU A 1717 -14.13 -35.88 43.80
N TYR A 1718 -13.62 -34.88 43.08
CA TYR A 1718 -12.97 -35.02 41.79
C TYR A 1718 -11.48 -34.73 41.92
N PHE A 1719 -10.67 -35.54 41.25
CA PHE A 1719 -9.22 -35.35 41.16
C PHE A 1719 -8.91 -35.19 39.69
N MET A 1720 -8.52 -33.98 39.29
CA MET A 1720 -8.39 -33.61 37.89
C MET A 1720 -6.98 -33.14 37.59
N SER A 1721 -6.40 -33.69 36.53
CA SER A 1721 -5.09 -33.23 36.11
C SER A 1721 -5.22 -32.09 35.13
N ASP A 1722 -4.15 -31.32 35.02
CA ASP A 1722 -4.08 -30.30 33.99
C ASP A 1722 -3.21 -30.75 32.84
N ALA A 1723 -2.57 -31.92 32.95
CA ALA A 1723 -1.50 -32.37 32.07
C ALA A 1723 -1.83 -33.64 31.33
N TYR A 1724 -2.33 -34.66 32.01
CA TYR A 1724 -2.61 -35.95 31.42
C TYR A 1724 -4.11 -36.18 31.32
N MET A 1725 -4.50 -37.00 30.36
CA MET A 1725 -5.89 -37.38 30.17
C MET A 1725 -6.05 -38.84 30.54
N GLY A 1726 -6.92 -39.12 31.51
CA GLY A 1726 -7.20 -40.48 31.88
C GLY A 1726 -7.01 -40.81 33.35
N CYS A 1727 -6.49 -39.88 34.15
CA CYS A 1727 -6.26 -40.12 35.56
C CYS A 1727 -7.29 -39.44 36.45
N ASP A 1728 -8.38 -38.93 35.87
CA ASP A 1728 -9.36 -38.15 36.61
C ASP A 1728 -10.23 -39.06 37.46
N GLN A 1729 -10.14 -38.93 38.78
CA GLN A 1729 -10.83 -39.86 39.65
C GLN A 1729 -12.20 -39.31 40.08
N GLU A 1730 -12.91 -40.11 40.88
CA GLU A 1730 -14.20 -39.72 41.48
C GLU A 1730 -14.44 -40.59 42.70
N TYR A 1731 -14.59 -39.97 43.87
CA TYR A 1731 -14.88 -40.71 45.10
C TYR A 1731 -16.00 -40.00 45.87
N LYS A 1732 -16.52 -40.70 46.89
CA LYS A 1732 -17.68 -40.22 47.63
C LYS A 1732 -17.45 -40.32 49.13
N GLY B 1 -10.79 52.30 -51.23
CA GLY B 1 -11.98 52.30 -50.40
C GLY B 1 -12.79 51.02 -50.47
N PRO B 2 -12.61 50.13 -49.48
CA PRO B 2 -13.24 48.81 -49.57
C PRO B 2 -14.34 48.60 -48.54
N LEU B 3 -15.58 48.80 -48.96
CA LEU B 3 -16.69 48.32 -48.15
C LEU B 3 -16.83 46.81 -48.26
N GLY B 4 -16.52 46.24 -49.43
CA GLY B 4 -16.76 44.82 -49.69
C GLY B 4 -15.55 44.03 -50.16
N SER B 5 -14.64 44.66 -50.91
CA SER B 5 -13.45 43.96 -51.37
C SER B 5 -12.64 43.40 -50.20
N MET B 6 -12.58 44.16 -49.10
CA MET B 6 -11.70 43.85 -47.98
C MET B 6 -12.51 44.03 -46.69
N THR B 7 -13.00 42.93 -46.15
CA THR B 7 -13.73 42.93 -44.89
C THR B 7 -12.93 42.13 -43.86
N GLN B 8 -12.91 42.63 -42.62
CA GLN B 8 -12.14 42.00 -41.55
C GLN B 8 -12.99 42.00 -40.29
N THR B 9 -12.72 41.02 -39.41
CA THR B 9 -13.56 40.74 -38.25
C THR B 9 -12.75 40.90 -36.97
N PHE B 10 -13.25 41.70 -36.04
CA PHE B 10 -12.50 41.90 -34.82
C PHE B 10 -12.55 40.67 -33.94
N SER B 11 -11.45 40.38 -33.26
CA SER B 11 -11.29 39.20 -32.43
C SER B 11 -10.63 39.63 -31.14
N SER B 12 -11.36 39.50 -30.04
CA SER B 12 -10.90 40.02 -28.77
C SER B 12 -9.54 39.46 -28.39
N LYS B 13 -8.68 40.33 -27.86
CA LYS B 13 -7.37 39.94 -27.34
C LYS B 13 -7.20 40.66 -25.99
N THR B 14 -7.69 40.02 -24.93
CA THR B 14 -7.98 40.69 -23.67
C THR B 14 -6.74 40.86 -22.79
N GLU B 15 -6.76 41.97 -22.02
CA GLU B 15 -5.55 42.50 -21.37
C GLU B 15 -4.98 41.54 -20.34
N TRP B 16 -5.84 40.91 -19.54
CA TRP B 16 -5.34 40.19 -18.38
C TRP B 16 -4.62 38.90 -18.77
N ARG B 17 -4.86 38.37 -19.98
CA ARG B 17 -4.16 37.15 -20.39
C ARG B 17 -2.65 37.39 -20.46
N VAL B 18 -2.26 38.47 -21.14
CA VAL B 18 -0.85 38.86 -21.26
C VAL B 18 -0.22 39.08 -19.90
N ARG B 19 -0.97 39.71 -19.01
CA ARG B 19 -0.41 39.99 -17.69
C ARG B 19 -0.27 38.72 -16.87
N ALA B 20 -1.17 37.75 -17.06
CA ALA B 20 -1.05 36.44 -16.40
C ALA B 20 0.19 35.71 -16.89
N ILE B 21 0.41 35.70 -18.21
CA ILE B 21 1.66 35.13 -18.71
C ILE B 21 2.85 35.82 -18.06
N SER B 22 2.84 37.16 -17.98
CA SER B 22 3.96 37.88 -17.37
C SER B 22 4.15 37.52 -15.89
N ALA B 23 3.04 37.45 -15.15
CA ALA B 23 3.10 37.15 -13.72
C ALA B 23 3.66 35.76 -13.47
N ALA B 24 3.52 34.84 -14.42
CA ALA B 24 4.10 33.51 -14.22
C ALA B 24 5.63 33.54 -14.19
N ASN B 25 6.26 34.59 -14.74
CA ASN B 25 7.72 34.66 -14.75
C ASN B 25 8.29 35.43 -13.57
N LEU B 26 7.44 35.86 -12.62
CA LEU B 26 7.94 36.74 -11.57
C LEU B 26 9.03 36.09 -10.73
N HIS B 27 9.00 34.75 -10.60
CA HIS B 27 9.96 34.07 -9.72
C HIS B 27 11.40 34.37 -10.12
N LEU B 28 11.65 34.62 -11.41
CA LEU B 28 13.04 34.87 -11.84
C LEU B 28 13.64 36.08 -11.13
N ARG B 29 12.80 37.08 -10.79
CA ARG B 29 13.32 38.29 -10.15
C ARG B 29 13.75 38.04 -8.72
N THR B 30 13.18 37.06 -8.05
CA THR B 30 13.51 36.79 -6.66
C THR B 30 14.97 36.42 -6.47
N ASN B 31 15.71 36.12 -7.53
CA ASN B 31 17.14 35.92 -7.47
C ASN B 31 17.94 37.21 -7.59
N HIS B 32 17.29 38.34 -7.84
CA HIS B 32 17.96 39.58 -8.15
C HIS B 32 17.22 40.69 -7.41
N ILE B 33 17.34 40.67 -6.08
CA ILE B 33 16.68 41.63 -5.22
C ILE B 33 17.77 42.57 -4.74
N TYR B 34 17.58 43.87 -4.99
CA TYR B 34 18.50 44.89 -4.53
C TYR B 34 17.77 45.81 -3.57
N VAL B 35 18.52 46.30 -2.58
CA VAL B 35 18.08 47.32 -1.63
C VAL B 35 18.93 48.55 -1.89
N SER B 36 18.28 49.69 -2.08
CA SER B 36 19.02 50.94 -2.19
C SER B 36 19.47 51.36 -0.80
N SER B 37 20.71 51.83 -0.71
CA SER B 37 21.27 52.32 0.55
C SER B 37 21.66 53.79 0.46
N ASP B 38 20.95 54.57 -0.35
CA ASP B 38 21.31 55.96 -0.58
C ASP B 38 21.07 56.84 0.65
N ASP B 39 20.34 56.36 1.65
CA ASP B 39 20.25 57.08 2.91
C ASP B 39 21.64 57.17 3.55
N ILE B 40 21.73 57.95 4.62
CA ILE B 40 23.00 58.21 5.29
C ILE B 40 22.77 58.34 6.79
N LYS B 41 23.89 58.45 7.52
CA LYS B 41 23.98 58.85 8.93
C LYS B 41 23.58 57.75 9.91
N GLU B 42 22.68 56.85 9.52
CA GLU B 42 22.24 55.76 10.39
C GLU B 42 21.79 56.28 11.75
N THR B 43 20.58 56.83 11.81
CA THR B 43 20.04 57.41 13.04
C THR B 43 18.75 56.75 13.48
N GLY B 44 17.78 56.60 12.57
CA GLY B 44 16.52 55.99 12.91
C GLY B 44 16.60 54.51 13.27
N TYR B 45 15.48 53.83 13.18
CA TYR B 45 15.50 52.38 13.37
C TYR B 45 16.03 51.69 12.11
N THR B 46 16.62 50.53 12.30
CA THR B 46 17.00 49.65 11.19
C THR B 46 15.97 48.53 11.05
N TYR B 47 15.49 48.28 9.83
CA TYR B 47 14.47 47.28 9.55
C TYR B 47 15.07 46.09 8.83
N ILE B 48 14.81 44.89 9.33
CA ILE B 48 15.37 43.68 8.75
C ILE B 48 14.22 42.90 8.15
N LEU B 49 14.21 42.76 6.82
CA LEU B 49 13.15 42.03 6.15
C LEU B 49 13.62 40.62 5.80
N PRO B 50 13.00 39.57 6.33
CA PRO B 50 13.41 38.19 5.96
C PRO B 50 13.13 37.90 4.48
N LYS B 51 14.10 37.30 3.81
CA LYS B 51 13.94 37.05 2.37
C LYS B 51 12.78 36.13 2.04
N ASN B 52 12.47 35.15 2.87
CA ASN B 52 11.47 34.17 2.43
C ASN B 52 10.12 34.86 2.16
N VAL B 53 9.69 35.76 3.04
CA VAL B 53 8.37 36.36 2.80
C VAL B 53 8.45 37.38 1.68
N LEU B 54 9.60 38.08 1.53
CA LEU B 54 9.73 39.03 0.44
C LEU B 54 9.66 38.33 -0.91
N LYS B 55 10.33 37.17 -1.04
CA LYS B 55 10.26 36.43 -2.28
C LYS B 55 8.83 36.00 -2.57
N LYS B 56 8.14 35.51 -1.55
CA LYS B 56 6.74 35.13 -1.76
C LYS B 56 5.89 36.34 -2.17
N PHE B 57 6.11 37.48 -1.50
CA PHE B 57 5.35 38.69 -1.80
C PHE B 57 5.51 39.06 -3.27
N ILE B 58 6.74 38.98 -3.77
CA ILE B 58 6.99 39.32 -5.17
C ILE B 58 6.26 38.34 -6.08
N CYS B 59 6.35 37.04 -5.75
CA CYS B 59 5.76 35.99 -6.60
C CYS B 59 4.25 36.07 -6.69
N ILE B 60 3.58 36.62 -5.69
CA ILE B 60 2.12 36.71 -5.73
C ILE B 60 1.66 38.04 -6.34
N SER B 61 2.58 38.84 -6.86
CA SER B 61 2.17 40.19 -7.23
C SER B 61 1.88 40.27 -8.73
N ASP B 62 1.67 41.50 -9.21
CA ASP B 62 1.38 41.77 -10.62
C ASP B 62 2.30 42.87 -11.12
N LEU B 63 2.63 42.81 -12.41
CA LEU B 63 3.53 43.80 -12.97
C LEU B 63 2.90 45.19 -13.03
N ARG B 64 1.57 45.30 -13.10
CA ARG B 64 0.95 46.58 -13.34
C ARG B 64 -0.01 47.04 -12.23
N ALA B 65 -0.63 46.13 -11.49
CA ALA B 65 -1.53 46.51 -10.41
C ALA B 65 -0.83 46.30 -9.07
N GLN B 66 -0.64 47.39 -8.32
CA GLN B 66 0.06 47.29 -7.05
C GLN B 66 -0.69 46.39 -6.07
N ILE B 67 0.07 45.67 -5.24
CA ILE B 67 -0.47 44.97 -4.09
C ILE B 67 0.30 45.43 -2.86
N ALA B 68 -0.31 45.25 -1.69
CA ALA B 68 0.25 45.71 -0.43
C ALA B 68 0.11 44.64 0.66
N GLY B 69 1.09 44.59 1.54
CA GLY B 69 0.97 43.82 2.77
C GLY B 69 1.33 44.68 3.96
N TYR B 70 0.75 44.32 5.12
CA TYR B 70 1.05 44.99 6.37
C TYR B 70 2.20 44.32 7.10
N LEU B 71 3.06 45.13 7.71
CA LEU B 71 4.29 44.64 8.32
C LEU B 71 4.13 44.55 9.83
N TYR B 72 4.48 43.40 10.42
CA TYR B 72 4.44 43.30 11.88
C TYR B 72 5.78 42.75 12.36
N GLY B 73 6.22 43.22 13.52
CA GLY B 73 7.54 42.81 13.98
C GLY B 73 7.83 43.21 15.41
N VAL B 74 9.08 43.01 15.80
CA VAL B 74 9.57 43.29 17.15
C VAL B 74 11.04 43.63 17.03
N SER B 75 11.63 44.10 18.14
CA SER B 75 13.06 44.33 18.24
C SER B 75 13.74 43.10 18.82
N PRO B 76 14.94 42.77 18.36
CA PRO B 76 15.74 41.74 19.01
C PRO B 76 15.86 42.01 20.49
N PRO B 77 16.07 40.97 21.30
CA PRO B 77 16.05 41.15 22.77
C PRO B 77 16.88 42.31 23.29
N ASP B 78 18.03 42.61 22.70
CA ASP B 78 18.89 43.64 23.27
C ASP B 78 19.20 44.80 22.34
N ASN B 79 18.64 44.86 21.13
CA ASN B 79 18.83 46.00 20.25
C ASN B 79 17.50 46.67 19.95
N PRO B 80 17.06 47.62 20.79
CA PRO B 80 15.78 48.30 20.55
C PRO B 80 15.74 49.11 19.25
N GLN B 81 16.90 49.47 18.70
CA GLN B 81 16.96 50.24 17.46
C GLN B 81 16.87 49.39 16.20
N VAL B 82 16.78 48.07 16.33
CA VAL B 82 16.58 47.18 15.20
C VAL B 82 15.15 46.68 15.22
N LYS B 83 14.46 46.76 14.08
CA LYS B 83 13.13 46.17 13.97
C LYS B 83 13.18 44.99 13.03
N GLU B 84 12.92 43.81 13.56
CA GLU B 84 12.80 42.59 12.76
C GLU B 84 11.37 42.42 12.29
N ILE B 85 11.18 42.38 10.97
CA ILE B 85 9.87 42.17 10.39
C ILE B 85 9.56 40.68 10.44
N ARG B 86 8.56 40.30 11.23
CA ARG B 86 8.26 38.88 11.42
C ARG B 86 7.05 38.40 10.64
N CYS B 87 6.16 39.30 10.22
CA CYS B 87 4.95 38.81 9.57
C CYS B 87 4.51 39.82 8.52
N ILE B 88 4.02 39.33 7.39
CA ILE B 88 3.31 40.16 6.43
C ILE B 88 1.86 39.67 6.42
N VAL B 89 0.93 40.62 6.43
CA VAL B 89 -0.49 40.31 6.41
C VAL B 89 -1.10 40.83 5.11
N MET B 90 -1.72 39.91 4.36
CA MET B 90 -2.48 40.22 3.15
C MET B 90 -3.97 40.34 3.51
N VAL B 91 -4.58 41.46 3.15
CA VAL B 91 -5.98 41.72 3.44
C VAL B 91 -6.66 41.97 2.10
N PRO B 92 -8.00 41.90 2.06
CA PRO B 92 -8.73 42.17 0.81
C PRO B 92 -8.37 43.52 0.24
N GLN B 93 -8.15 43.59 -1.07
CA GLN B 93 -7.56 44.79 -1.61
C GLN B 93 -7.71 44.82 -3.11
N TRP B 94 -7.57 46.01 -3.68
CA TRP B 94 -7.32 46.07 -5.12
C TRP B 94 -6.39 47.24 -5.40
N GLY B 95 -5.84 47.30 -6.60
CA GLY B 95 -4.89 48.36 -6.86
C GLY B 95 -4.88 48.82 -8.30
N THR B 96 -4.22 49.96 -8.51
CA THR B 96 -3.87 50.44 -9.83
C THR B 96 -2.36 50.38 -9.98
N HIS B 97 -1.85 50.97 -11.06
CA HIS B 97 -0.41 51.17 -11.14
C HIS B 97 0.12 52.22 -10.16
N GLN B 98 -0.75 53.05 -9.55
CA GLN B 98 -0.30 54.16 -8.71
C GLN B 98 -0.68 54.08 -7.23
N THR B 99 -1.60 53.20 -6.83
CA THR B 99 -1.98 53.15 -5.43
C THR B 99 -2.65 51.81 -5.16
N VAL B 100 -2.84 51.50 -3.87
CA VAL B 100 -3.60 50.33 -3.43
C VAL B 100 -4.80 50.80 -2.60
N HIS B 101 -5.88 50.04 -2.63
CA HIS B 101 -7.11 50.29 -1.88
C HIS B 101 -7.26 49.17 -0.89
N LEU B 102 -7.15 49.52 0.39
CA LEU B 102 -7.28 48.60 1.50
C LEU B 102 -8.51 48.96 2.31
N PRO B 103 -9.03 48.03 3.11
CA PRO B 103 -10.12 48.37 4.00
C PRO B 103 -9.65 49.36 5.06
N GLY B 104 -10.62 50.01 5.71
CA GLY B 104 -10.30 50.83 6.87
C GLY B 104 -9.83 50.02 8.06
N GLN B 105 -10.33 48.79 8.20
CA GLN B 105 -10.00 47.95 9.34
C GLN B 105 -8.62 47.34 9.21
N LEU B 106 -7.81 47.51 10.23
CA LEU B 106 -6.49 46.92 10.34
C LEU B 106 -6.55 45.48 10.81
N PRO B 107 -5.49 44.71 10.56
CA PRO B 107 -5.49 43.30 10.97
C PRO B 107 -5.73 43.17 12.46
N GLN B 108 -6.60 42.25 12.84
CA GLN B 108 -6.76 41.90 14.24
C GLN B 108 -6.67 40.39 14.33
N HIS B 109 -5.69 39.92 15.08
CA HIS B 109 -5.62 38.50 15.36
C HIS B 109 -4.79 38.32 16.62
N GLU B 110 -5.24 37.41 17.49
CA GLU B 110 -4.51 37.13 18.72
C GLU B 110 -3.06 36.81 18.43
N TYR B 111 -2.80 36.10 17.33
CA TYR B 111 -1.47 35.61 17.04
C TYR B 111 -0.48 36.74 16.78
N LEU B 112 -0.97 37.92 16.43
CA LEU B 112 -0.19 39.13 16.21
C LEU B 112 -0.06 40.00 17.45
N LYS B 113 -0.74 39.67 18.55
CA LYS B 113 -0.85 40.58 19.68
C LYS B 113 0.50 40.87 20.31
N GLU B 114 1.49 40.00 20.15
CA GLU B 114 2.81 40.26 20.73
C GLU B 114 3.71 41.04 19.79
N MET B 115 3.26 41.40 18.60
CA MET B 115 4.07 42.16 17.68
C MET B 115 3.58 43.60 17.64
N GLU B 116 4.41 44.46 17.10
CA GLU B 116 4.00 45.80 16.87
C GLU B 116 3.82 46.02 15.36
N PRO B 117 2.86 46.84 14.95
CA PRO B 117 2.74 47.19 13.54
C PRO B 117 3.92 48.03 13.09
N LEU B 118 4.49 47.68 11.93
CA LEU B 118 5.64 48.38 11.41
C LEU B 118 5.37 49.09 10.09
N GLY B 119 4.13 49.09 9.63
CA GLY B 119 3.79 49.84 8.43
C GLY B 119 3.34 48.92 7.32
N TRP B 120 3.84 49.16 6.10
CA TRP B 120 3.37 48.35 4.99
C TRP B 120 4.40 48.29 3.88
N ILE B 121 4.26 47.27 3.04
CA ILE B 121 5.07 47.09 1.84
C ILE B 121 4.14 47.08 0.64
N HIS B 122 4.59 47.67 -0.47
CA HIS B 122 3.81 47.55 -1.68
C HIS B 122 4.74 47.50 -2.89
N THR B 123 4.26 46.86 -3.95
CA THR B 123 4.94 46.87 -5.24
C THR B 123 4.57 48.12 -6.01
N GLN B 124 5.38 48.42 -7.02
CA GLN B 124 5.03 49.45 -7.98
C GLN B 124 5.80 49.17 -9.27
N PRO B 125 5.29 49.61 -10.42
CA PRO B 125 5.90 49.20 -11.70
C PRO B 125 7.30 49.72 -11.93
N ASN B 126 7.61 50.94 -11.51
CA ASN B 126 8.91 51.51 -11.81
C ASN B 126 9.51 52.15 -10.57
N GLU B 127 10.84 52.18 -10.54
CA GLU B 127 11.52 52.96 -9.53
C GLU B 127 11.10 54.42 -9.61
N SER B 128 11.33 55.15 -8.52
CA SER B 128 11.05 56.57 -8.46
C SER B 128 11.98 57.12 -7.40
N PRO B 129 12.60 58.28 -7.65
CA PRO B 129 13.51 58.84 -6.66
C PRO B 129 12.80 59.30 -5.40
N GLN B 130 11.48 59.42 -5.42
CA GLN B 130 10.72 60.03 -4.33
C GLN B 130 9.61 59.08 -3.93
N LEU B 131 9.15 59.26 -2.70
CA LEU B 131 7.98 58.54 -2.22
C LEU B 131 6.74 59.22 -2.78
N SER B 132 5.85 58.45 -3.39
CA SER B 132 4.74 59.06 -4.10
C SER B 132 3.84 59.83 -3.13
N PRO B 133 3.12 60.84 -3.61
CA PRO B 133 2.16 61.52 -2.73
C PRO B 133 1.00 60.64 -2.33
N GLN B 134 0.65 59.64 -3.15
CA GLN B 134 -0.39 58.70 -2.76
C GLN B 134 0.03 57.88 -1.57
N ASP B 135 1.29 57.43 -1.55
CA ASP B 135 1.80 56.69 -0.40
C ASP B 135 1.77 57.56 0.86
N VAL B 136 2.21 58.81 0.74
CA VAL B 136 2.22 59.68 1.90
C VAL B 136 0.81 59.87 2.43
N THR B 137 -0.13 60.19 1.53
CA THR B 137 -1.53 60.32 1.92
C THR B 137 -2.06 59.05 2.59
N THR B 138 -1.81 57.89 1.99
CA THR B 138 -2.33 56.61 2.53
C THR B 138 -1.76 56.34 3.91
N HIS B 139 -0.45 56.52 4.08
CA HIS B 139 0.17 56.26 5.35
C HIS B 139 -0.37 57.22 6.41
N ALA B 140 -0.52 58.50 6.05
CA ALA B 140 -0.98 59.52 6.99
C ALA B 140 -2.42 59.28 7.42
N LYS B 141 -3.27 58.87 6.51
CA LYS B 141 -4.65 58.55 6.87
C LYS B 141 -4.73 57.31 7.75
N ILE B 142 -3.93 56.29 7.45
CA ILE B 142 -3.90 55.14 8.36
C ILE B 142 -3.52 55.59 9.76
N MET B 143 -2.48 56.41 9.86
CA MET B 143 -2.02 56.83 11.19
C MET B 143 -3.07 57.67 11.89
N ALA B 144 -3.78 58.51 11.13
CA ALA B 144 -4.80 59.35 11.73
C ALA B 144 -5.93 58.51 12.33
N ASP B 145 -6.27 57.40 11.67
CA ASP B 145 -7.32 56.53 12.18
C ASP B 145 -6.83 55.45 13.14
N ASN B 146 -5.53 55.17 13.20
CA ASN B 146 -5.01 54.11 14.06
C ASN B 146 -3.84 54.61 14.89
N PRO B 147 -4.07 55.03 16.14
CA PRO B 147 -2.93 55.53 16.96
C PRO B 147 -1.90 54.45 17.27
N SER B 148 -2.17 53.18 16.99
CA SER B 148 -1.13 52.17 17.16
C SER B 148 0.00 52.30 16.14
N TRP B 149 -0.23 53.06 15.06
CA TRP B 149 0.80 53.29 14.05
C TRP B 149 1.61 54.50 14.46
N ASP B 150 2.76 54.25 15.07
CA ASP B 150 3.63 55.31 15.56
C ASP B 150 4.37 55.95 14.39
N GLY B 151 4.31 57.27 14.26
CA GLY B 151 4.95 57.91 13.11
C GLY B 151 6.46 57.74 13.08
N GLU B 152 7.08 57.51 14.23
CA GLU B 152 8.52 57.31 14.32
C GLU B 152 8.92 55.88 14.04
N LYS B 153 7.97 54.96 13.90
CA LYS B 153 8.27 53.53 13.75
C LYS B 153 7.63 52.86 12.55
N THR B 154 6.63 53.46 11.91
CA THR B 154 5.95 52.79 10.80
C THR B 154 6.56 53.26 9.50
N ILE B 155 6.79 52.34 8.56
CA ILE B 155 7.49 52.66 7.32
C ILE B 155 6.67 52.21 6.12
N ILE B 156 7.03 52.75 4.96
CA ILE B 156 6.59 52.23 3.66
C ILE B 156 7.81 51.62 2.99
N ILE B 157 7.72 50.32 2.66
CA ILE B 157 8.71 49.69 1.77
C ILE B 157 8.13 49.63 0.37
N THR B 158 8.84 50.16 -0.60
CA THR B 158 8.46 50.09 -2.00
C THR B 158 9.28 49.00 -2.68
N CYS B 159 8.59 48.18 -3.47
CA CYS B 159 9.15 47.06 -4.23
C CYS B 159 8.93 47.38 -5.71
N SER B 160 9.97 47.96 -6.34
CA SER B 160 9.89 48.45 -7.72
C SER B 160 10.45 47.42 -8.68
N PHE B 161 9.74 47.21 -9.79
CA PHE B 161 10.10 46.23 -10.81
C PHE B 161 11.14 46.80 -11.77
N THR B 162 12.41 46.64 -11.43
CA THR B 162 13.51 47.06 -12.30
C THR B 162 13.87 45.94 -13.26
N PRO B 163 14.71 46.21 -14.30
CA PRO B 163 15.08 45.14 -15.24
C PRO B 163 15.45 43.80 -14.63
N GLY B 164 14.60 42.79 -14.86
CA GLY B 164 14.87 41.45 -14.37
C GLY B 164 15.09 41.34 -12.88
N SER B 165 14.57 42.28 -12.10
CA SER B 165 14.92 42.35 -10.69
C SER B 165 13.82 43.11 -9.95
N CYS B 166 14.01 43.26 -8.64
CA CYS B 166 13.24 44.17 -7.80
C CYS B 166 14.20 45.00 -6.99
N THR B 167 13.87 46.29 -6.83
CA THR B 167 14.61 47.19 -5.97
C THR B 167 13.73 47.63 -4.81
N LEU B 168 14.22 47.44 -3.60
CA LEU B 168 13.49 47.82 -2.39
C LEU B 168 14.02 49.14 -1.88
N THR B 169 13.10 49.99 -1.41
CA THR B 169 13.49 51.21 -0.72
C THR B 169 12.52 51.43 0.42
N ALA B 170 13.00 51.88 1.58
CA ALA B 170 12.13 52.07 2.75
C ALA B 170 12.10 53.54 3.17
N TYR B 171 10.93 54.02 3.58
CA TYR B 171 10.72 55.41 3.98
C TYR B 171 9.82 55.47 5.21
N LYS B 172 9.87 56.59 5.91
CA LYS B 172 8.91 56.91 6.96
C LYS B 172 8.48 58.34 6.73
N LEU B 173 7.33 58.70 7.32
CA LEU B 173 6.88 60.08 7.30
C LEU B 173 7.65 60.93 8.29
N THR B 174 7.63 62.23 8.04
CA THR B 174 7.94 63.25 9.03
C THR B 174 6.64 63.85 9.56
N PRO B 175 6.69 64.55 10.71
CA PRO B 175 5.49 65.26 11.20
C PRO B 175 4.76 66.09 10.14
N SER B 176 5.50 66.89 9.37
CA SER B 176 4.86 67.69 8.35
C SER B 176 4.23 66.84 7.26
N GLY B 177 4.81 65.67 6.98
CA GLY B 177 4.23 64.79 6.00
C GLY B 177 2.93 64.18 6.47
N TYR B 178 2.88 63.75 7.73
CA TYR B 178 1.62 63.33 8.35
C TYR B 178 0.57 64.42 8.23
N GLU B 179 0.88 65.65 8.63
CA GLU B 179 -0.14 66.69 8.61
C GLU B 179 -0.63 66.98 7.20
N TRP B 180 0.29 67.07 6.22
CA TRP B 180 -0.17 67.30 4.86
C TRP B 180 -0.98 66.12 4.33
N GLY B 181 -0.49 64.90 4.56
CA GLY B 181 -1.16 63.73 3.99
C GLY B 181 -2.51 63.44 4.57
N ARG B 182 -2.72 63.72 5.87
CA ARG B 182 -4.00 63.35 6.46
C ARG B 182 -5.12 64.25 5.96
N GLN B 183 -4.82 65.47 5.49
CA GLN B 183 -5.84 66.35 4.94
C GLN B 183 -5.87 66.35 3.41
N ASN B 184 -5.10 65.50 2.73
CA ASN B 184 -4.97 65.61 1.29
C ASN B 184 -6.10 64.84 0.61
N THR B 185 -6.88 65.54 -0.19
CA THR B 185 -8.02 64.95 -0.86
C THR B 185 -7.79 64.79 -2.36
N ASP B 186 -6.65 65.29 -2.87
CA ASP B 186 -6.29 65.25 -4.28
C ASP B 186 -5.53 63.95 -4.55
N LYS B 187 -6.20 62.99 -5.19
CA LYS B 187 -5.64 61.68 -5.44
C LYS B 187 -4.66 61.65 -6.60
N GLY B 188 -4.51 62.77 -7.31
CA GLY B 188 -3.69 62.83 -8.50
C GLY B 188 -2.21 62.70 -8.19
N ASN B 189 -1.41 62.85 -9.25
CA ASN B 189 0.03 62.67 -9.15
C ASN B 189 0.77 63.90 -8.65
N ASN B 190 0.15 65.09 -8.67
CA ASN B 190 0.84 66.31 -8.25
C ASN B 190 -0.04 67.18 -7.35
N PRO B 191 -0.49 66.65 -6.22
CA PRO B 191 -1.42 67.41 -5.38
C PRO B 191 -0.72 68.61 -4.75
N LYS B 192 -1.53 69.62 -4.42
CA LYS B 192 -0.96 70.84 -3.89
C LYS B 192 -0.47 70.64 -2.46
N GLY B 193 0.67 71.26 -2.15
CA GLY B 193 1.27 71.18 -0.83
C GLY B 193 2.28 70.07 -0.66
N TYR B 194 2.41 69.19 -1.63
CA TYR B 194 3.20 67.98 -1.42
C TYR B 194 4.68 68.32 -1.42
N LEU B 195 5.43 67.77 -0.49
CA LEU B 195 6.81 68.23 -0.40
C LEU B 195 7.77 67.07 -0.24
N PRO B 196 9.00 67.21 -0.75
CA PRO B 196 10.01 66.17 -0.51
C PRO B 196 10.34 66.02 0.97
N SER B 197 10.20 67.08 1.77
CA SER B 197 10.42 66.98 3.20
C SER B 197 9.25 66.33 3.96
N HIS B 198 8.27 65.76 3.26
CA HIS B 198 7.19 65.04 3.92
C HIS B 198 7.55 63.61 4.26
N TYR B 199 8.76 63.16 3.92
CA TYR B 199 9.19 61.79 4.20
C TYR B 199 10.71 61.77 4.30
N GLU B 200 11.24 60.64 4.77
CA GLU B 200 12.69 60.46 4.73
C GLU B 200 13.01 58.98 4.66
N ARG B 201 14.19 58.69 4.13
CA ARG B 201 14.63 57.32 3.90
C ARG B 201 15.06 56.69 5.21
N VAL B 202 14.92 55.38 5.29
CA VAL B 202 15.24 54.66 6.52
C VAL B 202 16.01 53.40 6.16
N GLN B 203 16.82 52.93 7.09
CA GLN B 203 17.75 51.85 6.80
C GLN B 203 17.02 50.52 6.80
N MET B 204 17.18 49.75 5.73
CA MET B 204 16.56 48.44 5.61
C MET B 204 17.58 47.42 5.15
N LEU B 205 17.51 46.20 5.69
CA LEU B 205 18.43 45.12 5.35
C LEU B 205 17.63 43.87 5.06
N LEU B 206 18.12 43.05 4.13
CA LEU B 206 17.53 41.74 3.87
C LEU B 206 18.26 40.69 4.69
N SER B 207 17.53 39.68 5.12
CA SER B 207 18.19 38.66 5.92
C SER B 207 17.71 37.26 5.57
N ASP B 208 18.66 36.33 5.59
CA ASP B 208 18.41 34.91 5.50
C ASP B 208 18.49 34.19 6.83
N ARG B 209 18.67 34.91 7.94
CA ARG B 209 18.97 34.23 9.21
C ARG B 209 17.74 33.89 10.01
N PHE B 210 16.58 34.46 9.67
CA PHE B 210 15.31 34.00 10.22
C PHE B 210 14.26 34.06 9.13
N LEU B 211 13.09 33.54 9.45
CA LEU B 211 11.99 33.43 8.51
C LEU B 211 10.78 34.18 9.03
N GLY B 212 10.12 34.94 8.15
CA GLY B 212 8.82 35.50 8.47
C GLY B 212 7.70 34.56 8.09
N PHE B 213 6.48 34.94 8.45
CA PHE B 213 5.31 34.18 8.01
C PHE B 213 4.27 35.17 7.53
N PHE B 214 3.21 34.62 6.96
CA PHE B 214 2.09 35.36 6.40
C PHE B 214 0.81 35.09 7.19
N MET B 215 -0.07 36.07 7.23
CA MET B 215 -1.47 35.78 7.55
C MET B 215 -2.33 36.29 6.41
N VAL B 216 -3.41 35.59 6.15
CA VAL B 216 -4.29 35.91 5.03
C VAL B 216 -5.73 35.91 5.52
N PRO B 217 -6.72 36.32 4.72
CA PRO B 217 -8.09 36.35 5.23
C PRO B 217 -8.62 34.96 5.54
N ALA B 218 -9.58 34.92 6.47
CA ALA B 218 -10.08 33.64 6.95
C ALA B 218 -11.10 33.01 6.03
N GLN B 219 -11.88 33.80 5.28
CA GLN B 219 -12.85 33.21 4.37
C GLN B 219 -12.74 33.66 2.91
N SER B 220 -12.05 34.74 2.61
CA SER B 220 -11.85 35.08 1.20
C SER B 220 -10.39 34.81 0.85
N SER B 221 -9.97 35.28 -0.29
CA SER B 221 -8.54 35.48 -0.46
C SER B 221 -8.31 36.99 -0.35
N TRP B 222 -7.08 37.40 -0.58
CA TRP B 222 -6.72 38.81 -0.47
C TRP B 222 -6.95 39.59 -1.76
N ASN B 223 -6.90 38.95 -2.92
CA ASN B 223 -6.91 39.68 -4.19
C ASN B 223 -8.34 39.89 -4.67
N TYR B 224 -8.76 41.15 -4.69
CA TYR B 224 -10.06 41.54 -5.22
C TYR B 224 -9.94 42.32 -6.53
N ASN B 225 -8.77 42.32 -7.15
CA ASN B 225 -8.63 43.12 -8.36
C ASN B 225 -9.51 42.63 -9.50
N PHE B 226 -10.09 41.43 -9.42
CA PHE B 226 -11.03 40.94 -10.43
C PHE B 226 -12.46 41.07 -10.00
N MET B 227 -12.73 41.61 -8.81
CA MET B 227 -14.10 41.75 -8.35
C MET B 227 -14.21 42.99 -7.46
N GLY B 228 -13.67 44.11 -7.94
CA GLY B 228 -13.67 45.34 -7.14
C GLY B 228 -15.02 45.70 -6.58
N VAL B 229 -16.09 45.40 -7.34
CA VAL B 229 -17.45 45.69 -6.88
C VAL B 229 -17.72 45.03 -5.53
N ARG B 230 -17.23 43.80 -5.34
CA ARG B 230 -17.36 43.12 -4.07
C ARG B 230 -16.46 43.72 -2.98
N HIS B 231 -15.61 44.69 -3.32
CA HIS B 231 -14.69 45.30 -2.36
C HIS B 231 -15.25 46.63 -1.90
N ASP B 232 -15.08 46.91 -0.60
CA ASP B 232 -15.65 48.07 0.05
C ASP B 232 -14.69 48.57 1.13
N PRO B 233 -14.37 49.88 1.17
CA PRO B 233 -13.51 50.40 2.25
C PRO B 233 -13.95 49.95 3.63
N ASN B 234 -15.24 49.77 3.83
CA ASN B 234 -15.78 49.41 5.13
C ASN B 234 -15.84 47.90 5.38
N MET B 235 -15.42 47.06 4.45
CA MET B 235 -15.51 45.62 4.68
C MET B 235 -14.65 45.20 5.87
N LYS B 236 -15.11 44.16 6.56
CA LYS B 236 -14.47 43.57 7.72
C LYS B 236 -13.98 42.16 7.35
N TYR B 237 -12.95 41.69 8.05
CA TYR B 237 -12.36 40.39 7.72
C TYR B 237 -11.65 39.85 8.95
N GLU B 238 -11.56 38.54 9.03
CA GLU B 238 -10.76 37.88 10.03
C GLU B 238 -9.56 37.29 9.31
N LEU B 239 -8.61 36.72 10.03
CA LEU B 239 -7.36 36.25 9.45
C LEU B 239 -7.11 34.80 9.84
N GLN B 240 -6.25 34.15 9.06
CA GLN B 240 -5.76 32.83 9.39
C GLN B 240 -4.28 32.75 9.08
N LEU B 241 -3.64 31.78 9.72
CA LEU B 241 -2.22 31.54 9.53
C LEU B 241 -2.10 30.60 8.34
N ALA B 242 -1.79 31.14 7.16
CA ALA B 242 -1.61 30.36 5.92
C ALA B 242 -0.90 31.26 4.92
N ASN B 243 -0.45 30.66 3.84
CA ASN B 243 0.33 31.41 2.86
C ASN B 243 -0.56 31.89 1.71
N PRO B 244 -0.26 33.06 1.13
CA PRO B 244 -1.17 33.64 0.14
C PRO B 244 -1.08 32.97 -1.21
N LYS B 245 -2.22 32.96 -1.90
CA LYS B 245 -2.25 32.52 -3.30
C LYS B 245 -1.77 33.61 -4.26
N GLU B 246 -1.20 33.17 -5.37
CA GLU B 246 -0.68 34.08 -6.38
C GLU B 246 -1.78 34.90 -7.05
N PHE B 247 -1.37 35.98 -7.72
CA PHE B 247 -2.32 36.96 -8.20
C PHE B 247 -3.39 36.34 -9.11
N TYR B 248 -2.97 35.51 -10.08
CA TYR B 248 -3.91 34.97 -11.07
C TYR B 248 -4.44 33.59 -10.72
N HIS B 249 -4.23 33.11 -9.49
CA HIS B 249 -4.90 31.91 -9.01
C HIS B 249 -6.39 31.95 -9.32
N GLU B 250 -6.93 30.77 -9.60
CA GLU B 250 -8.34 30.62 -9.94
C GLU B 250 -9.27 31.18 -8.87
N VAL B 251 -8.92 31.10 -7.59
CA VAL B 251 -9.85 31.60 -6.58
C VAL B 251 -9.99 33.11 -6.64
N HIS B 252 -9.05 33.82 -7.28
CA HIS B 252 -9.15 35.26 -7.45
C HIS B 252 -9.96 35.68 -8.66
N ARG B 253 -10.18 34.82 -9.63
CA ARG B 253 -10.90 35.23 -10.83
C ARG B 253 -11.96 34.21 -11.22
N PRO B 254 -12.87 33.87 -10.30
CA PRO B 254 -13.80 32.76 -10.58
C PRO B 254 -14.75 33.04 -11.72
N SER B 255 -15.01 34.31 -12.04
CA SER B 255 -15.91 34.59 -13.15
C SER B 255 -15.31 34.17 -14.49
N HIS B 256 -13.98 34.15 -14.61
CA HIS B 256 -13.36 33.58 -15.82
C HIS B 256 -13.69 32.10 -15.96
N PHE B 257 -13.92 31.41 -14.85
CA PHE B 257 -14.18 29.97 -14.89
C PHE B 257 -15.65 29.62 -14.92
N LEU B 258 -16.52 30.55 -14.54
CA LEU B 258 -17.95 30.29 -14.73
C LEU B 258 -18.45 30.81 -16.07
N ASN B 259 -17.82 31.84 -16.63
CA ASN B 259 -18.32 32.44 -17.86
C ASN B 259 -17.83 31.69 -19.09
N PHE B 260 -16.60 31.18 -19.06
CA PHE B 260 -16.15 30.33 -20.16
C PHE B 260 -17.10 29.16 -20.34
N ALA B 261 -17.73 28.71 -19.24
CA ALA B 261 -18.65 27.57 -19.25
C ALA B 261 -19.92 27.86 -20.03
N LEU B 262 -20.06 29.08 -20.57
CA LEU B 262 -21.15 29.41 -21.48
C LEU B 262 -20.68 29.52 -22.93
N LEU B 263 -19.59 28.83 -23.26
CA LEU B 263 -18.92 28.75 -24.57
C LEU B 263 -18.16 30.04 -24.91
C1 B09 C . 1.14 -14.62 -15.19
N1 B09 C . 1.30 -11.86 -16.03
O1 B09 C . -0.43 -12.61 -14.24
S1 B09 C . 0.27 -13.08 -15.44
C2 B09 C . 1.42 -15.39 -16.31
O2 B09 C . -0.76 -13.26 -16.46
C3 B09 C . 2.12 -16.58 -16.17
O3 B09 C . 1.90 -12.06 -17.28
C4 B09 C . 2.50 -16.99 -14.90
C5 B09 C . 2.20 -16.22 -13.78
C6 B09 C . 1.53 -15.02 -13.93
C7 B09 C . 1.25 -11.36 -18.32
C1 EDO D . 11.97 8.79 -3.09
O1 EDO D . 10.98 7.76 -3.10
C2 EDO D . 12.64 8.73 -1.74
O2 EDO D . 13.72 9.67 -1.81
C1 EDO E . -9.72 -19.24 -52.36
O1 EDO E . -10.32 -18.66 -51.20
C2 EDO E . -10.50 -20.51 -52.63
O2 EDO E . -10.77 -21.13 -51.36
C1 EDO F . 13.30 5.70 18.24
O1 EDO F . 14.09 6.30 19.27
C2 EDO F . 13.60 6.55 17.02
O2 EDO F . 14.55 7.51 17.49
C1 EDO G . 36.97 -8.37 23.72
O1 EDO G . 37.78 -8.43 24.92
C2 EDO G . 37.66 -9.19 22.64
O2 EDO G . 39.06 -8.85 22.66
C1 EDO H . 5.62 3.08 45.94
O1 EDO H . 4.26 2.91 46.38
C2 EDO H . 6.27 4.08 46.87
O2 EDO H . 5.42 4.12 48.04
C1 EDO I . -8.91 -29.35 -38.62
O1 EDO I . -9.68 -29.74 -39.79
C2 EDO I . -7.42 -29.36 -38.96
O2 EDO I . -6.69 -28.90 -37.80
C1 EDO J . -11.49 -0.49 -27.87
O1 EDO J . -12.45 -0.96 -26.91
C2 EDO J . -10.17 -0.30 -27.12
O2 EDO J . -9.13 0.11 -28.03
C1 EDO K . 2.51 2.17 -24.38
O1 EDO K . 2.97 3.49 -24.02
C2 EDO K . 3.47 1.24 -23.65
O2 EDO K . 4.04 1.96 -22.53
C1 EDO L . 3.55 -30.62 -25.00
O1 EDO L . 3.89 -30.26 -23.64
C2 EDO L . 4.39 -31.83 -25.43
O2 EDO L . 4.30 -32.02 -26.85
C1 EDO M . 18.85 17.56 21.52
O1 EDO M . 19.15 16.33 22.18
C2 EDO M . 20.08 18.12 20.80
O2 EDO M . 20.42 17.29 19.71
C1 EDO N . 3.62 31.92 -5.27
O1 EDO N . 2.55 31.10 -4.76
C2 EDO N . 4.85 31.02 -5.43
O2 EDO N . 5.99 31.69 -4.86
C1 EDO O . -3.32 30.55 14.29
O1 EDO O . -2.27 31.00 15.17
C2 EDO O . -3.28 29.03 14.32
O2 EDO O . -1.98 28.76 14.87
#